data_1HJV
#
_entry.id   1HJV
#
_cell.length_a   108.645
_cell.length_b   123.321
_cell.length_c   135.486
_cell.angle_alpha   90.00
_cell.angle_beta   90.00
_cell.angle_gamma   90.00
#
_symmetry.space_group_name_H-M   'P 21 21 21'
#
loop_
_entity.id
_entity.type
_entity.pdbx_description
1 polymer 'CHITINASE-3 LIKE PROTEIN 1'
2 branched 2-acetamido-2-deoxy-beta-D-glucopyranose-(1-4)-2-acetamido-2-deoxy-beta-D-glucopyranose-(1-4)-2-acetamido-2-deoxy-beta-D-glucopyranose
3 branched 2-acetamido-2-deoxy-beta-D-glucopyranose-(1-4)-2-acetamido-2-deoxy-beta-D-glucopyranose-(1-4)-2-acetamido-2-deoxy-beta-D-glucopyranose-(1-4)-2-acetamido-2-deoxy-beta-D-glucopyranose
4 non-polymer 2-acetamido-2-deoxy-beta-D-glucopyranose
5 non-polymer 'SULFATE ION'
6 water water
#
_entity_poly.entity_id   1
_entity_poly.type   'polypeptide(L)'
_entity_poly.pdbx_seq_one_letter_code
;YKLVCYYTSWSQYREGDGSCFPDALDRFLCTHIIYSFANISNDHIDTWEWNDVTLYGMLNTLKNRNPNLKTLLSVGGWNF
GSQRFSKIASNTQSRRTFIKSVPPFLRTHGFDGLDLAWLYPGRRDKQHFTTLIKEMKAEFIKEAQPGKKQLLLSAALSAG
KVTIDSSYDIAKISQHLDFISIMTYDFHGAWRGTTGHHSPLFRGQEDASPDRFSNTDYAVGYMLRLGAPASKLVMGIPTF
GRSFTLASSETGVGAPISGPGIPGRFTKEAGTLAYYEICDFLRGATVHRILGQQVPYATKGNQWVGYDDQESVKSKVQYL
KDRQLAGAMVWALDLDDFQGSFCGQDLRFPLTNAIKDALAAT
;
_entity_poly.pdbx_strand_id   A,B,C,D
#
loop_
_chem_comp.id
_chem_comp.type
_chem_comp.name
_chem_comp.formula
NAG D-saccharide, beta linking 2-acetamido-2-deoxy-beta-D-glucopyranose 'C8 H15 N O6'
SO4 non-polymer 'SULFATE ION' 'O4 S -2'
#
# COMPACT_ATOMS: atom_id res chain seq x y z
N TYR A 1 -23.01 -25.97 4.45
CA TYR A 1 -21.57 -25.58 4.45
C TYR A 1 -20.64 -26.78 4.53
N LYS A 2 -19.43 -26.62 4.00
CA LYS A 2 -18.44 -27.68 4.07
C LYS A 2 -17.56 -27.43 5.29
N LEU A 3 -17.26 -28.49 6.03
CA LEU A 3 -16.39 -28.40 7.19
C LEU A 3 -15.30 -29.45 7.04
N VAL A 4 -14.27 -29.06 6.29
CA VAL A 4 -13.11 -29.89 5.98
C VAL A 4 -12.10 -29.85 7.11
N CYS A 5 -11.82 -31.01 7.68
CA CYS A 5 -10.85 -31.10 8.76
C CYS A 5 -9.70 -31.98 8.36
N TYR A 6 -8.51 -31.56 8.74
CA TYR A 6 -7.31 -32.31 8.44
C TYR A 6 -6.88 -33.12 9.65
N TYR A 7 -6.32 -34.29 9.40
CA TYR A 7 -5.82 -35.16 10.45
C TYR A 7 -4.41 -35.50 10.01
N THR A 8 -3.41 -35.14 10.80
CA THR A 8 -2.04 -35.44 10.43
C THR A 8 -1.70 -36.88 10.80
N SER A 9 -0.93 -37.57 9.96
CA SER A 9 -0.58 -38.94 10.26
C SER A 9 0.63 -39.11 11.18
N TRP A 10 1.17 -38.03 11.75
CA TRP A 10 2.30 -38.13 12.67
C TRP A 10 1.90 -37.72 14.08
N SER A 11 0.62 -37.42 14.25
CA SER A 11 0.13 -37.03 15.55
C SER A 11 0.05 -38.27 16.44
N GLN A 12 0.43 -39.41 15.89
CA GLN A 12 0.37 -40.63 16.68
C GLN A 12 1.58 -40.76 17.58
N TYR A 13 2.75 -40.37 17.06
CA TYR A 13 4.00 -40.46 17.81
C TYR A 13 4.19 -39.33 18.84
N ARG A 14 3.11 -38.93 19.50
CA ARG A 14 3.21 -37.87 20.46
C ARG A 14 2.98 -38.37 21.87
N GLU A 15 3.94 -38.06 22.75
CA GLU A 15 3.89 -38.48 24.14
C GLU A 15 2.54 -38.42 24.84
N GLY A 16 2.27 -39.46 25.62
CA GLY A 16 1.04 -39.56 26.38
C GLY A 16 -0.18 -38.93 25.76
N ASP A 17 -0.82 -38.02 26.51
CA ASP A 17 -2.03 -37.36 26.04
C ASP A 17 -1.95 -36.81 24.62
N GLY A 18 -0.75 -36.56 24.11
CA GLY A 18 -0.60 -36.03 22.78
C GLY A 18 -1.01 -36.97 21.64
N SER A 19 -0.54 -38.22 21.72
CA SER A 19 -0.84 -39.22 20.71
C SER A 19 -2.30 -39.21 20.29
N CYS A 20 -2.51 -39.08 18.98
CA CYS A 20 -3.82 -39.03 18.38
C CYS A 20 -3.98 -40.02 17.23
N PHE A 21 -5.08 -40.78 17.26
CA PHE A 21 -5.37 -41.78 16.24
C PHE A 21 -6.73 -41.52 15.63
N PRO A 22 -6.89 -41.92 14.35
CA PRO A 22 -8.11 -41.77 13.56
C PRO A 22 -9.37 -42.12 14.32
N ASP A 23 -9.27 -43.07 15.24
CA ASP A 23 -10.42 -43.51 16.02
C ASP A 23 -10.78 -42.57 17.16
N ALA A 24 -9.84 -41.68 17.53
CA ALA A 24 -10.09 -40.75 18.61
C ALA A 24 -10.84 -39.51 18.11
N LEU A 25 -11.29 -39.56 16.86
CA LEU A 25 -12.00 -38.45 16.20
C LEU A 25 -13.53 -38.57 16.19
N ASP A 26 -14.19 -37.43 16.36
CA ASP A 26 -15.65 -37.36 16.38
C ASP A 26 -16.21 -37.54 14.97
N ARG A 27 -16.66 -38.75 14.65
CA ARG A 27 -17.20 -39.04 13.34
C ARG A 27 -18.33 -38.15 12.87
N PHE A 28 -18.91 -37.35 13.76
CA PHE A 28 -20.02 -36.48 13.34
C PHE A 28 -19.60 -35.03 13.15
N LEU A 29 -18.40 -34.72 13.65
CA LEU A 29 -17.80 -33.38 13.63
C LEU A 29 -17.64 -32.65 12.28
N CYS A 30 -17.00 -33.29 11.31
CA CYS A 30 -16.76 -32.66 9.99
C CYS A 30 -17.56 -33.25 8.85
N THR A 31 -17.52 -32.59 7.70
CA THR A 31 -18.23 -33.11 6.56
C THR A 31 -17.22 -33.86 5.71
N HIS A 32 -15.95 -33.47 5.82
CA HIS A 32 -14.88 -34.12 5.08
C HIS A 32 -13.65 -34.25 5.97
N ILE A 33 -13.14 -35.46 6.21
CA ILE A 33 -11.92 -35.57 7.02
C ILE A 33 -10.79 -35.97 6.09
N ILE A 34 -9.81 -35.11 5.95
CA ILE A 34 -8.72 -35.41 5.06
C ILE A 34 -7.53 -35.98 5.81
N TYR A 35 -7.01 -37.10 5.31
CA TYR A 35 -5.85 -37.77 5.91
C TYR A 35 -4.59 -37.29 5.19
N SER A 36 -3.53 -37.01 5.93
CA SER A 36 -2.31 -36.53 5.30
C SER A 36 -1.07 -36.88 6.11
N PHE A 37 0.05 -37.05 5.40
CA PHE A 37 0.08 -36.97 3.94
C PHE A 37 0.47 -38.29 3.33
N ALA A 38 0.38 -38.35 2.01
CA ALA A 38 0.74 -39.55 1.27
C ALA A 38 1.96 -39.16 0.47
N ASN A 39 2.83 -40.13 0.19
CA ASN A 39 4.05 -39.85 -0.58
C ASN A 39 3.77 -40.23 -2.02
N ILE A 40 4.75 -39.95 -2.86
CA ILE A 40 4.68 -40.29 -4.26
C ILE A 40 6.01 -40.97 -4.49
N SER A 41 5.99 -42.29 -4.55
CA SER A 41 7.21 -43.03 -4.73
C SER A 41 7.19 -43.75 -6.06
N ASN A 42 8.16 -43.44 -6.92
CA ASN A 42 8.24 -44.10 -8.22
C ASN A 42 7.13 -43.57 -9.13
N ASP A 43 6.79 -42.29 -8.99
CA ASP A 43 5.73 -41.64 -9.76
C ASP A 43 4.39 -42.32 -9.53
N HIS A 44 4.29 -42.99 -8.38
CA HIS A 44 3.10 -43.69 -7.96
C HIS A 44 2.64 -43.17 -6.62
N ILE A 45 1.35 -42.86 -6.49
CA ILE A 45 0.89 -42.39 -5.18
C ILE A 45 1.12 -43.60 -4.28
N ASP A 46 1.55 -43.38 -3.05
CA ASP A 46 1.84 -44.50 -2.18
C ASP A 46 1.78 -44.06 -0.73
N THR A 47 1.80 -45.00 0.19
CA THR A 47 1.73 -44.66 1.60
C THR A 47 2.98 -43.93 2.07
N TRP A 48 2.94 -43.47 3.31
CA TRP A 48 4.05 -42.73 3.90
C TRP A 48 4.54 -43.43 5.18
N GLU A 49 3.69 -43.44 6.20
CA GLU A 49 4.02 -44.06 7.47
C GLU A 49 3.87 -45.58 7.40
N TRP A 50 4.75 -46.27 8.12
CA TRP A 50 4.76 -47.73 8.14
C TRP A 50 3.38 -48.35 8.29
N ASN A 51 2.51 -47.72 9.08
CA ASN A 51 1.16 -48.26 9.32
C ASN A 51 -0.01 -47.48 8.75
N ASP A 52 0.26 -46.65 7.75
CA ASP A 52 -0.81 -45.85 7.17
C ASP A 52 -2.06 -46.67 6.84
N VAL A 53 -1.84 -47.83 6.21
CA VAL A 53 -2.94 -48.69 5.82
C VAL A 53 -3.85 -48.98 6.99
N THR A 54 -3.26 -49.16 8.17
CA THR A 54 -4.08 -49.41 9.36
C THR A 54 -4.84 -48.13 9.69
N LEU A 55 -4.17 -46.99 9.63
CA LEU A 55 -4.87 -45.76 9.95
C LEU A 55 -5.93 -45.42 8.90
N TYR A 56 -5.61 -45.57 7.61
CA TYR A 56 -6.63 -45.31 6.57
C TYR A 56 -7.81 -46.17 7.01
N GLY A 57 -7.49 -47.24 7.73
CA GLY A 57 -8.51 -48.14 8.23
C GLY A 57 -9.35 -47.50 9.33
N MET A 58 -8.69 -47.06 10.42
CA MET A 58 -9.41 -46.44 11.54
C MET A 58 -10.23 -45.25 11.12
N LEU A 59 -9.71 -44.47 10.19
CA LEU A 59 -10.42 -43.29 9.72
C LEU A 59 -11.65 -43.69 8.93
N ASN A 60 -11.45 -44.44 7.85
CA ASN A 60 -12.59 -44.83 7.02
C ASN A 60 -13.74 -45.55 7.76
N THR A 61 -13.43 -46.17 8.89
CA THR A 61 -14.45 -46.82 9.72
C THR A 61 -15.43 -45.77 10.22
N LEU A 62 -14.93 -44.58 10.55
CA LEU A 62 -15.79 -43.52 11.03
C LEU A 62 -16.97 -43.25 10.10
N LYS A 63 -16.90 -43.70 8.86
CA LYS A 63 -17.97 -43.47 7.90
C LYS A 63 -19.18 -44.41 8.09
N ASN A 64 -19.01 -45.39 8.97
CA ASN A 64 -20.07 -46.37 9.26
C ASN A 64 -21.31 -45.73 9.87
N ARG A 65 -21.16 -45.20 11.08
CA ARG A 65 -22.31 -44.60 11.75
C ARG A 65 -22.76 -43.36 11.01
N ASN A 66 -21.81 -42.70 10.34
CA ASN A 66 -22.12 -41.48 9.60
C ASN A 66 -21.74 -41.62 8.12
N PRO A 67 -22.69 -42.09 7.30
CA PRO A 67 -22.53 -42.31 5.86
C PRO A 67 -22.36 -41.04 5.03
N ASN A 68 -22.59 -39.88 5.64
CA ASN A 68 -22.44 -38.61 4.92
C ASN A 68 -21.01 -38.06 5.03
N LEU A 69 -20.27 -38.54 6.02
CA LEU A 69 -18.89 -38.12 6.22
C LEU A 69 -18.07 -38.58 5.03
N LYS A 70 -17.30 -37.69 4.46
CA LYS A 70 -16.45 -38.04 3.32
C LYS A 70 -15.00 -37.90 3.77
N THR A 71 -14.11 -38.66 3.16
CA THR A 71 -12.72 -38.59 3.54
C THR A 71 -11.93 -38.45 2.26
N LEU A 72 -10.75 -37.84 2.35
CA LEU A 72 -9.89 -37.70 1.18
C LEU A 72 -8.48 -37.94 1.66
N LEU A 73 -7.62 -38.34 0.74
CA LEU A 73 -6.21 -38.55 1.08
C LEU A 73 -5.50 -37.32 0.52
N SER A 74 -4.65 -36.70 1.32
CA SER A 74 -3.93 -35.52 0.86
C SER A 74 -2.55 -35.95 0.43
N VAL A 75 -2.15 -35.54 -0.76
CA VAL A 75 -0.82 -35.91 -1.23
C VAL A 75 0.06 -34.67 -1.30
N GLY A 76 1.23 -34.72 -0.66
CA GLY A 76 2.12 -33.58 -0.68
C GLY A 76 2.46 -33.17 0.73
N GLY A 77 2.07 -31.97 1.14
CA GLY A 77 2.38 -31.54 2.49
C GLY A 77 3.68 -30.76 2.56
N TRP A 78 3.85 -29.96 3.60
CA TRP A 78 5.05 -29.15 3.72
C TRP A 78 6.39 -29.85 3.56
N ASN A 79 6.63 -30.92 4.31
CA ASN A 79 7.92 -31.62 4.20
C ASN A 79 8.14 -32.41 2.92
N PHE A 80 7.08 -32.74 2.20
CA PHE A 80 7.22 -33.53 0.96
C PHE A 80 8.39 -33.12 0.10
N GLY A 81 8.47 -31.82 -0.22
CA GLY A 81 9.55 -31.33 -1.06
C GLY A 81 9.02 -30.65 -2.30
N SER A 82 9.05 -29.33 -2.30
CA SER A 82 8.59 -28.53 -3.43
C SER A 82 9.15 -29.01 -4.78
N GLN A 83 10.42 -29.38 -4.79
CA GLN A 83 11.10 -29.83 -6.01
C GLN A 83 10.56 -31.15 -6.53
N ARG A 84 10.61 -32.17 -5.67
CA ARG A 84 10.15 -33.50 -6.02
C ARG A 84 8.79 -33.46 -6.72
N PHE A 85 7.93 -32.55 -6.28
CA PHE A 85 6.61 -32.45 -6.89
C PHE A 85 6.70 -31.97 -8.35
N SER A 86 7.44 -30.89 -8.58
CA SER A 86 7.58 -30.34 -9.93
C SER A 86 8.06 -31.40 -10.92
N LYS A 87 9.01 -32.21 -10.46
CA LYS A 87 9.63 -33.29 -11.24
C LYS A 87 8.57 -34.13 -11.91
N ILE A 88 7.57 -34.50 -11.12
CA ILE A 88 6.45 -35.32 -11.58
C ILE A 88 5.44 -34.47 -12.37
N ALA A 89 5.34 -33.19 -12.03
CA ALA A 89 4.40 -32.32 -12.70
C ALA A 89 4.78 -32.05 -14.14
N SER A 90 6.07 -31.82 -14.39
CA SER A 90 6.58 -31.52 -15.74
C SER A 90 7.02 -32.69 -16.61
N ASN A 91 7.15 -33.88 -16.04
CA ASN A 91 7.49 -35.02 -16.87
C ASN A 91 6.18 -35.53 -17.43
N THR A 92 6.04 -35.53 -18.75
CA THR A 92 4.80 -35.99 -19.37
C THR A 92 4.45 -37.42 -18.93
N GLN A 93 5.48 -38.24 -18.70
CA GLN A 93 5.29 -39.62 -18.28
C GLN A 93 5.16 -39.78 -16.76
N SER A 94 5.93 -39.00 -15.99
CA SER A 94 5.86 -39.05 -14.53
C SER A 94 4.46 -38.73 -14.05
N ARG A 95 3.94 -37.61 -14.56
CA ARG A 95 2.60 -37.13 -14.25
C ARG A 95 1.58 -38.22 -14.53
N ARG A 96 1.58 -38.69 -15.77
CA ARG A 96 0.68 -39.74 -16.23
C ARG A 96 0.62 -40.98 -15.31
N THR A 97 1.79 -41.52 -14.97
CA THR A 97 1.84 -42.70 -14.11
C THR A 97 1.11 -42.33 -12.82
N PHE A 98 1.52 -41.20 -12.24
CA PHE A 98 0.93 -40.69 -11.01
C PHE A 98 -0.59 -40.60 -11.07
N ILE A 99 -1.09 -39.80 -12.00
CA ILE A 99 -2.52 -39.65 -12.15
C ILE A 99 -3.19 -41.02 -12.25
N LYS A 100 -2.63 -41.89 -13.08
CA LYS A 100 -3.21 -43.22 -13.28
C LYS A 100 -3.20 -44.08 -12.02
N SER A 101 -2.26 -43.81 -11.12
CA SER A 101 -2.16 -44.59 -9.91
C SER A 101 -3.14 -44.22 -8.82
N VAL A 102 -3.65 -43.01 -8.84
CA VAL A 102 -4.55 -42.58 -7.79
C VAL A 102 -5.91 -43.27 -7.67
N PRO A 103 -6.76 -43.17 -8.71
CA PRO A 103 -8.07 -43.83 -8.57
C PRO A 103 -8.03 -45.25 -7.96
N PRO A 104 -7.23 -46.16 -8.53
CA PRO A 104 -7.23 -47.49 -7.89
C PRO A 104 -6.83 -47.44 -6.41
N PHE A 105 -5.76 -46.68 -6.13
CA PHE A 105 -5.27 -46.56 -4.78
C PHE A 105 -6.29 -46.00 -3.80
N LEU A 106 -7.17 -45.12 -4.26
CA LEU A 106 -8.17 -44.58 -3.36
C LEU A 106 -9.29 -45.60 -3.09
N ARG A 107 -9.84 -46.23 -4.15
CA ARG A 107 -10.92 -47.21 -3.98
C ARG A 107 -10.44 -48.39 -3.15
N THR A 108 -9.19 -48.76 -3.37
CA THR A 108 -8.61 -49.87 -2.64
C THR A 108 -8.57 -49.54 -1.16
N HIS A 109 -8.36 -48.25 -0.85
CA HIS A 109 -8.22 -47.85 0.53
C HIS A 109 -9.38 -47.13 1.23
N GLY A 110 -10.47 -46.87 0.50
CA GLY A 110 -11.62 -46.25 1.11
C GLY A 110 -11.83 -44.75 1.07
N PHE A 111 -11.02 -44.07 0.28
CA PHE A 111 -11.15 -42.63 0.22
C PHE A 111 -12.13 -42.17 -0.84
N ASP A 112 -12.73 -41.00 -0.62
CA ASP A 112 -13.69 -40.47 -1.56
C ASP A 112 -13.04 -39.53 -2.57
N GLY A 113 -11.74 -39.32 -2.39
CA GLY A 113 -11.04 -38.43 -3.29
C GLY A 113 -9.63 -38.09 -2.90
N LEU A 114 -9.01 -37.23 -3.71
CA LEU A 114 -7.64 -36.76 -3.51
C LEU A 114 -7.63 -35.29 -3.11
N ASP A 115 -6.49 -34.84 -2.61
CA ASP A 115 -6.33 -33.47 -2.23
C ASP A 115 -4.88 -33.15 -2.51
N LEU A 116 -4.65 -32.18 -3.40
CA LEU A 116 -3.30 -31.78 -3.75
C LEU A 116 -2.75 -30.76 -2.77
N ALA A 117 -1.67 -31.15 -2.10
CA ALA A 117 -0.99 -30.31 -1.12
C ALA A 117 0.44 -30.06 -1.60
N TRP A 118 0.56 -29.46 -2.78
CA TRP A 118 1.86 -29.14 -3.39
C TRP A 118 2.30 -27.75 -2.89
N LEU A 119 3.32 -27.71 -2.03
CA LEU A 119 3.77 -26.45 -1.45
C LEU A 119 5.24 -26.09 -1.69
N TYR A 120 5.49 -25.18 -2.65
CA TYR A 120 4.45 -24.55 -3.46
C TYR A 120 4.92 -24.62 -4.89
N PRO A 121 3.99 -24.63 -5.85
CA PRO A 121 4.47 -24.69 -7.24
C PRO A 121 5.39 -23.48 -7.46
N GLY A 122 6.38 -23.60 -8.32
CA GLY A 122 7.24 -22.45 -8.56
C GLY A 122 6.59 -21.49 -9.54
N ARG A 123 7.26 -20.39 -9.89
CA ARG A 123 6.69 -19.46 -10.86
C ARG A 123 6.68 -20.25 -12.17
N ARG A 124 7.62 -21.16 -12.27
CA ARG A 124 7.77 -22.01 -13.45
C ARG A 124 6.81 -23.20 -13.48
N ASP A 125 6.06 -23.40 -12.41
CA ASP A 125 5.13 -24.53 -12.35
C ASP A 125 3.67 -24.12 -12.42
N LYS A 126 3.43 -22.82 -12.52
CA LYS A 126 2.07 -22.31 -12.60
C LYS A 126 1.30 -23.18 -13.57
N GLN A 127 1.83 -23.31 -14.78
CA GLN A 127 1.20 -24.09 -15.85
C GLN A 127 1.16 -25.58 -15.57
N HIS A 128 2.28 -26.14 -15.15
CA HIS A 128 2.35 -27.56 -14.85
C HIS A 128 1.30 -27.83 -13.76
N PHE A 129 1.22 -26.93 -12.80
CA PHE A 129 0.26 -27.09 -11.73
C PHE A 129 -1.19 -26.98 -12.18
N THR A 130 -1.42 -26.46 -13.38
CA THR A 130 -2.78 -26.34 -13.90
C THR A 130 -3.12 -27.58 -14.72
N THR A 131 -2.12 -28.08 -15.45
CA THR A 131 -2.27 -29.27 -16.28
C THR A 131 -2.57 -30.43 -15.33
N LEU A 132 -1.74 -30.55 -14.30
CA LEU A 132 -1.91 -31.61 -13.32
C LEU A 132 -3.37 -31.74 -12.89
N ILE A 133 -3.88 -30.71 -12.25
CA ILE A 133 -5.25 -30.67 -11.76
C ILE A 133 -6.25 -31.05 -12.84
N LYS A 134 -6.06 -30.50 -14.04
CA LYS A 134 -6.94 -30.73 -15.19
C LYS A 134 -7.02 -32.21 -15.59
N GLU A 135 -5.87 -32.84 -15.72
CA GLU A 135 -5.81 -34.25 -16.11
C GLU A 135 -6.27 -35.18 -14.98
N MET A 136 -5.89 -34.87 -13.75
CA MET A 136 -6.29 -35.68 -12.61
C MET A 136 -7.81 -35.73 -12.53
N LYS A 137 -8.44 -34.60 -12.78
CA LYS A 137 -9.90 -34.57 -12.71
C LYS A 137 -10.45 -35.43 -13.86
N ALA A 138 -9.76 -35.41 -14.98
CA ALA A 138 -10.19 -36.21 -16.12
C ALA A 138 -10.16 -37.67 -15.70
N GLU A 139 -9.04 -38.08 -15.12
CA GLU A 139 -8.88 -39.45 -14.67
C GLU A 139 -9.96 -39.82 -13.68
N PHE A 140 -10.42 -38.87 -12.87
CA PHE A 140 -11.45 -39.18 -11.86
C PHE A 140 -12.80 -39.41 -12.53
N ILE A 141 -12.98 -38.67 -13.64
CA ILE A 141 -14.20 -38.75 -14.43
C ILE A 141 -14.22 -40.03 -15.26
N LYS A 142 -13.10 -40.35 -15.88
CA LYS A 142 -13.00 -41.57 -16.69
C LYS A 142 -13.25 -42.79 -15.82
N GLU A 143 -12.70 -42.82 -14.61
CA GLU A 143 -12.88 -43.94 -13.71
C GLU A 143 -14.33 -44.02 -13.21
N ALA A 144 -14.95 -42.89 -12.94
CA ALA A 144 -16.31 -42.90 -12.44
C ALA A 144 -17.39 -43.15 -13.49
N GLN A 145 -17.11 -42.74 -14.74
CA GLN A 145 -18.06 -42.84 -15.86
C GLN A 145 -19.08 -43.97 -15.91
N PRO A 146 -18.65 -45.22 -15.72
CA PRO A 146 -19.56 -46.38 -15.75
C PRO A 146 -20.84 -46.18 -14.93
N GLY A 147 -20.73 -45.47 -13.81
CA GLY A 147 -21.88 -45.22 -12.95
C GLY A 147 -21.50 -45.09 -11.49
N LYS A 148 -20.20 -44.96 -11.26
CA LYS A 148 -19.63 -44.83 -9.91
C LYS A 148 -19.83 -43.44 -9.37
N LYS A 149 -19.62 -43.29 -8.06
CA LYS A 149 -19.70 -42.00 -7.36
C LYS A 149 -18.30 -41.41 -7.57
N GLN A 150 -18.22 -40.31 -8.33
CA GLN A 150 -16.95 -39.69 -8.67
C GLN A 150 -16.00 -39.34 -7.52
N LEU A 151 -14.70 -39.56 -7.77
CA LEU A 151 -13.69 -39.25 -6.77
C LEU A 151 -13.56 -37.74 -6.62
N LEU A 152 -13.47 -37.26 -5.38
CA LEU A 152 -13.35 -35.82 -5.10
C LEU A 152 -11.93 -35.33 -5.26
N LEU A 153 -11.77 -34.12 -5.78
CA LEU A 153 -10.45 -33.53 -6.00
C LEU A 153 -10.41 -32.11 -5.44
N SER A 154 -9.50 -31.92 -4.49
CA SER A 154 -9.33 -30.63 -3.85
C SER A 154 -7.85 -30.27 -3.86
N ALA A 155 -7.56 -29.03 -3.50
CA ALA A 155 -6.21 -28.57 -3.43
C ALA A 155 -6.14 -27.62 -2.25
N ALA A 156 -5.06 -27.65 -1.49
CA ALA A 156 -4.90 -26.75 -0.37
C ALA A 156 -4.00 -25.68 -0.98
N LEU A 157 -4.44 -24.42 -0.96
CA LEU A 157 -3.68 -23.32 -1.54
C LEU A 157 -3.08 -22.34 -0.54
N SER A 158 -2.04 -21.62 -0.97
CA SER A 158 -1.40 -20.64 -0.11
C SER A 158 -2.25 -19.40 0.06
N ALA A 159 -2.09 -18.74 1.20
CA ALA A 159 -2.84 -17.52 1.45
C ALA A 159 -1.94 -16.33 1.16
N GLY A 160 -0.67 -16.60 0.96
CA GLY A 160 0.28 -15.53 0.69
C GLY A 160 0.13 -15.02 -0.72
N LYS A 161 -0.19 -13.73 -0.86
CA LYS A 161 -0.35 -13.13 -2.18
C LYS A 161 0.79 -13.43 -3.16
N VAL A 162 2.01 -13.16 -2.73
CA VAL A 162 3.19 -13.39 -3.57
C VAL A 162 3.13 -14.80 -4.14
N THR A 163 2.93 -15.76 -3.26
CA THR A 163 2.84 -17.14 -3.66
C THR A 163 1.72 -17.35 -4.69
N ILE A 164 0.54 -16.81 -4.38
CA ILE A 164 -0.62 -16.96 -5.26
C ILE A 164 -0.37 -16.45 -6.68
N ASP A 165 0.31 -15.32 -6.80
CA ASP A 165 0.62 -14.76 -8.12
C ASP A 165 1.65 -15.59 -8.90
N SER A 166 2.64 -16.12 -8.20
CA SER A 166 3.68 -16.91 -8.87
C SER A 166 3.28 -18.35 -9.12
N SER A 167 2.45 -18.92 -8.26
CA SER A 167 2.07 -20.33 -8.41
C SER A 167 0.70 -20.71 -9.00
N TYR A 168 -0.29 -19.83 -8.91
CA TYR A 168 -1.60 -20.24 -9.38
C TYR A 168 -2.30 -19.43 -10.46
N ASP A 169 -3.20 -20.12 -11.13
CA ASP A 169 -4.05 -19.57 -12.15
C ASP A 169 -5.43 -19.92 -11.56
N ILE A 170 -5.74 -19.28 -10.44
CA ILE A 170 -7.00 -19.54 -9.78
C ILE A 170 -8.11 -19.72 -10.76
N ALA A 171 -8.20 -18.78 -11.69
CA ALA A 171 -9.24 -18.80 -12.73
C ALA A 171 -9.55 -20.18 -13.29
N LYS A 172 -8.52 -20.86 -13.80
CA LYS A 172 -8.69 -22.18 -14.38
C LYS A 172 -8.83 -23.30 -13.35
N ILE A 173 -7.78 -23.56 -12.58
CA ILE A 173 -7.87 -24.64 -11.61
C ILE A 173 -9.23 -24.70 -10.90
N SER A 174 -9.75 -23.53 -10.54
CA SER A 174 -11.05 -23.43 -9.84
C SER A 174 -12.19 -24.25 -10.46
N GLN A 175 -12.15 -24.43 -11.77
CA GLN A 175 -13.23 -25.18 -12.40
C GLN A 175 -13.07 -26.71 -12.31
N HIS A 176 -11.85 -27.22 -12.30
CA HIS A 176 -11.63 -28.66 -12.20
C HIS A 176 -11.57 -29.16 -10.74
N LEU A 177 -11.49 -28.25 -9.76
CA LEU A 177 -11.41 -28.65 -8.36
C LEU A 177 -12.82 -28.69 -7.78
N ASP A 178 -13.06 -29.56 -6.81
CA ASP A 178 -14.39 -29.63 -6.22
C ASP A 178 -14.53 -28.52 -5.21
N PHE A 179 -13.46 -28.28 -4.47
CA PHE A 179 -13.39 -27.16 -3.54
C PHE A 179 -11.94 -26.78 -3.41
N ILE A 180 -11.70 -25.56 -2.92
CA ILE A 180 -10.35 -25.05 -2.72
C ILE A 180 -10.17 -24.61 -1.30
N SER A 181 -9.30 -25.28 -0.57
CA SER A 181 -9.04 -24.87 0.81
C SER A 181 -7.90 -23.86 0.85
N ILE A 182 -8.19 -22.65 1.33
CA ILE A 182 -7.21 -21.58 1.40
C ILE A 182 -6.59 -21.54 2.79
N MET A 183 -5.29 -21.85 2.86
CA MET A 183 -4.52 -21.90 4.09
C MET A 183 -4.26 -20.51 4.67
N THR A 184 -5.29 -19.96 5.27
CA THR A 184 -5.24 -18.62 5.83
C THR A 184 -4.75 -18.52 7.27
N TYR A 185 -3.52 -18.98 7.47
CA TYR A 185 -2.86 -18.94 8.75
C TYR A 185 -1.35 -18.90 8.44
N ASP A 186 -0.50 -18.90 9.46
CA ASP A 186 0.95 -18.84 9.24
C ASP A 186 1.40 -17.53 8.55
N PHE A 187 0.75 -16.40 8.83
CA PHE A 187 1.12 -15.15 8.18
C PHE A 187 2.25 -14.35 8.82
N HIS A 188 2.68 -14.67 10.03
CA HIS A 188 3.74 -13.82 10.61
C HIS A 188 4.99 -14.54 11.11
N GLY A 189 6.01 -14.60 10.24
CA GLY A 189 7.25 -15.27 10.56
C GLY A 189 8.04 -14.62 11.68
N ALA A 190 8.72 -15.47 12.45
CA ALA A 190 9.55 -15.06 13.58
C ALA A 190 10.81 -14.30 13.13
N TRP A 191 11.16 -14.48 11.85
CA TRP A 191 12.32 -13.82 11.27
C TRP A 191 12.17 -12.29 11.19
N ARG A 192 10.97 -11.79 11.47
CA ARG A 192 10.73 -10.34 11.45
C ARG A 192 11.24 -9.66 12.74
N GLY A 193 11.54 -10.46 13.77
CA GLY A 193 12.03 -9.93 15.02
C GLY A 193 10.98 -9.21 15.86
N THR A 194 9.70 -9.40 15.51
CA THR A 194 8.59 -8.75 16.20
C THR A 194 7.38 -9.65 16.34
N THR A 195 6.70 -9.60 17.49
CA THR A 195 5.50 -10.42 17.71
C THR A 195 4.37 -10.08 16.74
N GLY A 196 3.72 -11.10 16.22
CA GLY A 196 2.62 -10.88 15.29
C GLY A 196 1.71 -12.09 15.20
N HIS A 197 0.42 -11.87 15.25
CA HIS A 197 -0.52 -12.96 15.16
C HIS A 197 -0.46 -13.51 13.74
N HIS A 198 -0.19 -14.81 13.62
CA HIS A 198 -0.08 -15.49 12.33
C HIS A 198 -1.41 -15.73 11.61
N SER A 199 -2.53 -15.35 12.23
CA SER A 199 -3.81 -15.59 11.58
C SER A 199 -4.88 -14.57 11.92
N PRO A 200 -4.64 -13.30 11.56
CA PRO A 200 -5.63 -12.27 11.85
C PRO A 200 -6.75 -12.32 10.82
N LEU A 201 -7.96 -11.91 11.22
CA LEU A 201 -9.05 -11.88 10.28
C LEU A 201 -8.84 -10.67 9.37
N PHE A 202 -8.54 -9.52 9.96
CA PHE A 202 -8.29 -8.32 9.17
C PHE A 202 -6.92 -7.78 9.52
N ARG A 203 -6.48 -6.82 8.72
CA ARG A 203 -5.19 -6.17 8.86
C ARG A 203 -4.97 -5.42 10.17
N GLY A 204 -6.05 -5.01 10.83
CA GLY A 204 -5.90 -4.28 12.09
C GLY A 204 -5.37 -2.85 11.97
N GLN A 205 -4.68 -2.35 13.00
CA GLN A 205 -4.12 -1.00 12.98
C GLN A 205 -3.27 -0.80 11.74
N GLU A 206 -3.69 0.14 10.91
CA GLU A 206 -3.03 0.46 9.63
C GLU A 206 -1.51 0.55 9.60
N ASP A 207 -0.88 1.11 10.64
CA ASP A 207 0.58 1.23 10.65
C ASP A 207 1.31 0.13 11.42
N ALA A 208 0.63 -0.51 12.37
CA ALA A 208 1.27 -1.58 13.15
C ALA A 208 1.46 -2.85 12.30
N SER A 209 0.86 -2.86 11.12
CA SER A 209 0.94 -4.00 10.24
C SER A 209 2.17 -4.00 9.34
N PRO A 210 2.70 -5.20 9.04
CA PRO A 210 3.87 -5.31 8.17
C PRO A 210 3.40 -4.82 6.80
N ASP A 211 2.68 -5.69 6.10
CA ASP A 211 2.16 -5.36 4.79
C ASP A 211 0.63 -5.17 4.79
N ARG A 212 0.05 -5.37 3.62
CA ARG A 212 -1.37 -5.17 3.40
C ARG A 212 -2.11 -6.48 3.12
N PHE A 213 -1.35 -7.56 2.91
CA PHE A 213 -1.98 -8.82 2.59
C PHE A 213 -1.69 -10.04 3.49
N SER A 214 -1.36 -9.82 4.75
CA SER A 214 -1.08 -10.93 5.65
C SER A 214 -2.18 -11.07 6.69
N ASN A 215 -3.39 -11.35 6.20
CA ASN A 215 -4.55 -11.50 7.04
C ASN A 215 -5.61 -12.19 6.21
N THR A 216 -6.41 -13.01 6.86
CA THR A 216 -7.45 -13.76 6.19
C THR A 216 -8.28 -12.99 5.15
N ASP A 217 -8.89 -11.90 5.62
CA ASP A 217 -9.74 -11.06 4.78
C ASP A 217 -9.15 -10.72 3.43
N TYR A 218 -7.90 -10.28 3.41
CA TYR A 218 -7.29 -9.96 2.13
C TYR A 218 -7.26 -11.22 1.28
N ALA A 219 -6.58 -12.24 1.82
CA ALA A 219 -6.44 -13.52 1.15
C ALA A 219 -7.74 -14.02 0.50
N VAL A 220 -8.85 -13.95 1.22
CA VAL A 220 -10.12 -14.43 0.66
C VAL A 220 -10.56 -13.53 -0.51
N GLY A 221 -10.75 -12.25 -0.23
CA GLY A 221 -11.17 -11.35 -1.29
C GLY A 221 -10.25 -11.41 -2.51
N TYR A 222 -8.96 -11.65 -2.31
CA TYR A 222 -8.08 -11.70 -3.45
C TYR A 222 -8.40 -12.90 -4.30
N MET A 223 -8.50 -14.05 -3.66
CA MET A 223 -8.78 -15.27 -4.40
C MET A 223 -10.16 -15.18 -5.06
N LEU A 224 -11.16 -14.69 -4.32
CA LEU A 224 -12.49 -14.53 -4.90
C LEU A 224 -12.32 -13.60 -6.11
N ARG A 225 -11.61 -12.50 -5.91
CA ARG A 225 -11.38 -11.52 -6.95
C ARG A 225 -10.71 -12.23 -8.13
N LEU A 226 -9.68 -13.02 -7.85
CA LEU A 226 -9.00 -13.70 -8.94
C LEU A 226 -9.82 -14.70 -9.73
N GLY A 227 -11.03 -15.02 -9.25
CA GLY A 227 -11.86 -15.94 -9.98
C GLY A 227 -12.43 -17.15 -9.24
N ALA A 228 -11.79 -17.59 -8.15
CA ALA A 228 -12.31 -18.74 -7.40
C ALA A 228 -13.76 -18.53 -6.97
N PRO A 229 -14.65 -19.43 -7.37
CA PRO A 229 -16.06 -19.27 -6.96
C PRO A 229 -16.21 -19.43 -5.45
N ALA A 230 -17.02 -18.56 -4.86
CA ALA A 230 -17.31 -18.58 -3.42
C ALA A 230 -17.75 -19.95 -3.00
N SER A 231 -18.61 -20.54 -3.82
CA SER A 231 -19.14 -21.87 -3.54
C SER A 231 -18.04 -22.93 -3.47
N LYS A 232 -16.89 -22.65 -4.07
CA LYS A 232 -15.78 -23.59 -4.04
C LYS A 232 -14.65 -23.20 -3.08
N LEU A 233 -14.85 -22.12 -2.32
CA LEU A 233 -13.81 -21.65 -1.42
C LEU A 233 -13.95 -22.06 0.06
N VAL A 234 -12.97 -22.77 0.58
CA VAL A 234 -13.01 -23.19 1.97
C VAL A 234 -12.03 -22.34 2.78
N MET A 235 -12.51 -21.66 3.80
CA MET A 235 -11.61 -20.81 4.54
C MET A 235 -10.81 -21.49 5.64
N GLY A 236 -9.50 -21.55 5.44
CA GLY A 236 -8.61 -22.17 6.40
C GLY A 236 -8.60 -21.50 7.77
N ILE A 237 -8.75 -22.30 8.82
CA ILE A 237 -8.75 -21.84 10.21
C ILE A 237 -7.82 -22.76 11.00
N PRO A 238 -6.79 -22.19 11.62
CA PRO A 238 -5.78 -22.87 12.41
C PRO A 238 -6.24 -23.22 13.81
N THR A 239 -5.84 -24.38 14.33
CA THR A 239 -6.21 -24.76 15.68
C THR A 239 -4.92 -24.87 16.48
N PHE A 240 -3.87 -24.26 15.94
CA PHE A 240 -2.59 -24.24 16.59
C PHE A 240 -2.20 -22.76 16.68
N GLY A 241 -1.21 -22.44 17.51
CA GLY A 241 -0.80 -21.06 17.66
C GLY A 241 0.65 -20.88 17.28
N ARG A 242 1.01 -19.66 16.94
CA ARG A 242 2.38 -19.33 16.58
C ARG A 242 3.03 -18.57 17.74
N SER A 243 4.08 -19.16 18.30
CA SER A 243 4.75 -18.59 19.47
C SER A 243 6.05 -17.86 19.18
N PHE A 244 6.39 -16.92 20.04
CA PHE A 244 7.61 -16.15 19.94
C PHE A 244 8.19 -16.02 21.33
N THR A 245 9.51 -15.88 21.41
CA THR A 245 10.21 -15.69 22.68
C THR A 245 10.54 -14.20 22.76
N LEU A 246 9.92 -13.52 23.73
CA LEU A 246 10.13 -12.08 23.89
C LEU A 246 11.58 -11.74 24.19
N ALA A 247 11.92 -10.47 24.00
CA ALA A 247 13.28 -9.99 24.20
C ALA A 247 13.27 -8.87 25.20
N SER A 248 12.08 -8.50 25.66
CA SER A 248 11.97 -7.41 26.61
C SER A 248 10.68 -7.50 27.39
N SER A 249 10.28 -6.36 27.97
CA SER A 249 9.07 -6.29 28.76
C SER A 249 7.89 -5.89 27.91
N GLU A 250 8.14 -5.43 26.69
CA GLU A 250 7.02 -5.06 25.85
C GLU A 250 6.33 -6.34 25.42
N THR A 251 5.00 -6.37 25.53
CA THR A 251 4.26 -7.57 25.17
C THR A 251 3.19 -7.38 24.12
N GLY A 252 3.10 -6.19 23.54
CA GLY A 252 2.08 -5.94 22.54
C GLY A 252 2.42 -6.38 21.12
N VAL A 253 1.48 -6.19 20.18
CA VAL A 253 1.74 -6.56 18.79
C VAL A 253 2.88 -5.68 18.29
N GLY A 254 3.96 -6.30 17.81
CA GLY A 254 5.09 -5.54 17.33
C GLY A 254 6.23 -5.57 18.32
N ALA A 255 6.00 -6.11 19.52
CA ALA A 255 7.08 -6.22 20.50
C ALA A 255 8.29 -6.95 19.88
N PRO A 256 9.50 -6.70 20.42
CA PRO A 256 10.68 -7.37 19.86
C PRO A 256 10.87 -8.80 20.37
N ILE A 257 11.17 -9.72 19.47
CA ILE A 257 11.39 -11.10 19.88
C ILE A 257 12.84 -11.46 19.60
N SER A 258 13.28 -12.57 20.19
CA SER A 258 14.63 -13.09 20.03
C SER A 258 14.57 -14.46 19.38
N GLY A 259 13.41 -14.85 18.84
CA GLY A 259 13.28 -16.15 18.19
C GLY A 259 11.94 -16.82 18.39
N PRO A 260 11.72 -18.00 17.80
CA PRO A 260 10.43 -18.66 18.00
C PRO A 260 10.21 -19.04 19.46
N GLY A 261 8.95 -19.25 19.83
CA GLY A 261 8.61 -19.59 21.19
C GLY A 261 9.24 -20.90 21.59
N ILE A 262 9.10 -21.29 22.86
CA ILE A 262 9.66 -22.54 23.38
C ILE A 262 8.79 -23.72 22.92
N PRO A 263 9.42 -24.83 22.52
CA PRO A 263 8.64 -25.96 22.05
C PRO A 263 7.60 -26.47 23.05
N GLY A 264 6.48 -26.95 22.52
CA GLY A 264 5.45 -27.48 23.39
C GLY A 264 5.89 -28.79 24.02
N ARG A 265 5.19 -29.23 25.06
CA ARG A 265 5.56 -30.48 25.71
C ARG A 265 5.30 -31.65 24.77
N PHE A 266 4.21 -31.55 24.02
CA PHE A 266 3.83 -32.63 23.14
C PHE A 266 4.14 -32.46 21.66
N THR A 267 4.01 -31.23 21.15
CA THR A 267 4.27 -30.95 19.73
C THR A 267 5.76 -30.80 19.48
N LYS A 268 6.51 -30.47 20.52
CA LYS A 268 7.96 -30.34 20.40
C LYS A 268 8.49 -29.68 19.13
N GLU A 269 7.98 -28.51 18.79
CA GLU A 269 8.43 -27.76 17.60
C GLU A 269 8.45 -26.27 17.98
N ALA A 270 9.63 -25.68 18.09
CA ALA A 270 9.68 -24.26 18.46
C ALA A 270 8.80 -23.44 17.51
N GLY A 271 8.16 -22.40 18.04
CA GLY A 271 7.29 -21.58 17.22
C GLY A 271 5.87 -22.10 17.08
N THR A 272 5.62 -23.34 17.48
CA THR A 272 4.29 -23.93 17.39
C THR A 272 3.73 -24.35 18.72
N LEU A 273 2.40 -24.30 18.83
CA LEU A 273 1.67 -24.72 20.03
C LEU A 273 0.28 -25.23 19.62
N ALA A 274 -0.05 -26.45 20.05
CA ALA A 274 -1.36 -27.02 19.73
C ALA A 274 -2.28 -26.29 20.64
N TYR A 275 -3.56 -26.21 20.27
CA TYR A 275 -4.53 -25.50 21.09
C TYR A 275 -4.58 -26.07 22.51
N TYR A 276 -4.43 -27.39 22.65
CA TYR A 276 -4.46 -28.01 23.96
C TYR A 276 -3.25 -27.63 24.82
N GLU A 277 -2.13 -27.28 24.19
CA GLU A 277 -0.96 -26.85 24.94
C GLU A 277 -1.20 -25.38 25.25
N ILE A 278 -1.81 -24.65 24.33
CA ILE A 278 -2.06 -23.24 24.59
C ILE A 278 -2.87 -23.16 25.88
N CYS A 279 -3.76 -24.14 26.09
CA CYS A 279 -4.58 -24.16 27.30
C CYS A 279 -3.75 -24.32 28.59
N ASP A 280 -2.68 -25.12 28.55
CA ASP A 280 -1.87 -25.24 29.76
C ASP A 280 -1.12 -23.93 29.90
N PHE A 281 -0.76 -23.36 28.76
CA PHE A 281 -0.02 -22.10 28.78
C PHE A 281 -0.87 -21.01 29.38
N LEU A 282 -2.18 -21.06 29.12
CA LEU A 282 -3.08 -20.02 29.59
C LEU A 282 -3.20 -19.88 31.09
N ARG A 283 -2.79 -20.92 31.81
CA ARG A 283 -2.84 -20.87 33.26
C ARG A 283 -1.77 -19.88 33.74
N GLY A 284 -2.21 -18.78 34.33
CA GLY A 284 -1.29 -17.78 34.82
C GLY A 284 -0.85 -16.86 33.71
N ALA A 285 -1.58 -16.93 32.60
CA ALA A 285 -1.24 -16.11 31.44
C ALA A 285 -2.16 -14.91 31.26
N THR A 286 -1.76 -13.97 30.42
CA THR A 286 -2.61 -12.83 30.15
C THR A 286 -3.03 -12.82 28.70
N VAL A 287 -4.34 -12.81 28.46
CA VAL A 287 -4.88 -12.82 27.11
C VAL A 287 -5.38 -11.44 26.74
N HIS A 288 -5.07 -11.01 25.52
CA HIS A 288 -5.49 -9.71 25.02
C HIS A 288 -6.13 -9.95 23.66
N ARG A 289 -7.23 -9.25 23.36
CA ARG A 289 -7.84 -9.41 22.04
C ARG A 289 -7.23 -8.32 21.17
N ILE A 290 -6.65 -8.67 20.03
CA ILE A 290 -6.08 -7.66 19.15
C ILE A 290 -7.27 -6.97 18.48
N LEU A 291 -7.46 -5.69 18.81
CA LEU A 291 -8.59 -4.93 18.29
C LEU A 291 -8.84 -5.00 16.80
N GLY A 292 -7.91 -4.47 16.03
CA GLY A 292 -8.08 -4.47 14.59
C GLY A 292 -8.20 -5.81 13.89
N GLN A 293 -7.69 -6.87 14.51
CA GLN A 293 -7.68 -8.17 13.86
C GLN A 293 -8.69 -9.24 14.25
N GLN A 294 -9.49 -8.97 15.28
CA GLN A 294 -10.52 -9.93 15.71
C GLN A 294 -10.00 -11.24 16.28
N VAL A 295 -8.68 -11.31 16.44
CA VAL A 295 -8.02 -12.49 16.97
C VAL A 295 -7.35 -12.15 18.30
N PRO A 296 -7.08 -13.16 19.14
CA PRO A 296 -6.44 -12.87 20.43
C PRO A 296 -5.04 -13.46 20.58
N TYR A 297 -4.25 -12.90 21.48
CA TYR A 297 -2.92 -13.43 21.72
C TYR A 297 -2.78 -13.54 23.22
N ALA A 298 -1.85 -14.36 23.67
CA ALA A 298 -1.65 -14.55 25.09
C ALA A 298 -0.16 -14.50 25.39
N THR A 299 0.19 -13.93 26.53
CA THR A 299 1.59 -13.85 26.92
C THR A 299 1.74 -14.25 28.39
N LYS A 300 2.93 -14.69 28.76
CA LYS A 300 3.18 -15.11 30.12
C LYS A 300 4.70 -15.21 30.16
N GLY A 301 5.34 -14.57 31.13
CA GLY A 301 6.78 -14.64 31.20
C GLY A 301 7.33 -14.20 29.85
N ASN A 302 8.38 -14.86 29.36
CA ASN A 302 8.94 -14.42 28.06
C ASN A 302 8.36 -15.13 26.80
N GLN A 303 7.12 -15.62 26.87
CA GLN A 303 6.52 -16.26 25.70
C GLN A 303 5.28 -15.49 25.23
N TRP A 304 5.14 -15.41 23.92
CA TRP A 304 4.04 -14.69 23.32
C TRP A 304 3.45 -15.66 22.34
N VAL A 305 2.13 -15.76 22.30
CA VAL A 305 1.51 -16.67 21.34
C VAL A 305 0.20 -16.13 20.78
N GLY A 306 0.13 -16.11 19.45
CA GLY A 306 -1.07 -15.66 18.79
C GLY A 306 -1.78 -16.90 18.29
N TYR A 307 -3.04 -17.04 18.69
CA TYR A 307 -3.78 -18.21 18.30
C TYR A 307 -5.23 -17.84 18.08
N ASP A 308 -6.06 -18.86 17.98
CA ASP A 308 -7.51 -18.70 17.78
C ASP A 308 -8.24 -19.42 18.90
N ASP A 309 -9.41 -18.90 19.27
CA ASP A 309 -10.24 -19.53 20.30
C ASP A 309 -11.70 -19.56 19.85
N GLN A 310 -12.60 -20.02 20.71
CA GLN A 310 -14.01 -20.10 20.33
C GLN A 310 -14.53 -18.80 19.79
N GLU A 311 -14.19 -17.70 20.47
CA GLU A 311 -14.64 -16.40 20.04
C GLU A 311 -14.18 -16.03 18.65
N SER A 312 -12.88 -16.10 18.40
CA SER A 312 -12.34 -15.73 17.09
C SER A 312 -12.79 -16.59 15.91
N VAL A 313 -12.90 -17.91 16.12
CA VAL A 313 -13.34 -18.79 15.02
C VAL A 313 -14.79 -18.49 14.64
N LYS A 314 -15.57 -18.12 15.66
CA LYS A 314 -16.99 -17.77 15.49
C LYS A 314 -17.08 -16.57 14.54
N SER A 315 -16.27 -15.54 14.82
CA SER A 315 -16.23 -14.34 13.99
C SER A 315 -15.76 -14.74 12.58
N LYS A 316 -14.71 -15.56 12.53
CA LYS A 316 -14.20 -16.00 11.24
C LYS A 316 -15.28 -16.78 10.48
N VAL A 317 -16.09 -17.53 11.22
CA VAL A 317 -17.15 -18.27 10.59
C VAL A 317 -18.19 -17.23 10.13
N GLN A 318 -18.54 -16.31 11.03
CA GLN A 318 -19.50 -15.22 10.71
C GLN A 318 -18.97 -14.56 9.45
N TYR A 319 -17.69 -14.25 9.47
CA TYR A 319 -17.04 -13.63 8.32
C TYR A 319 -17.22 -14.45 7.06
N LEU A 320 -16.85 -15.74 7.11
CA LEU A 320 -16.94 -16.57 5.90
C LEU A 320 -18.36 -16.75 5.38
N LYS A 321 -19.33 -16.87 6.30
CA LYS A 321 -20.71 -17.03 5.89
C LYS A 321 -21.16 -15.73 5.20
N ASP A 322 -20.75 -14.58 5.75
CA ASP A 322 -21.11 -13.31 5.15
C ASP A 322 -20.60 -13.28 3.73
N ARG A 323 -19.35 -13.67 3.53
CA ARG A 323 -18.75 -13.71 2.20
C ARG A 323 -19.38 -14.82 1.34
N GLN A 324 -20.18 -15.67 2.00
CA GLN A 324 -20.89 -16.77 1.37
C GLN A 324 -19.92 -17.81 0.81
N LEU A 325 -18.96 -18.20 1.63
CA LEU A 325 -17.97 -19.18 1.23
C LEU A 325 -18.52 -20.58 1.39
N ALA A 326 -17.82 -21.55 0.81
CA ALA A 326 -18.23 -22.93 0.85
C ALA A 326 -18.11 -23.58 2.21
N GLY A 327 -17.35 -22.94 3.10
CA GLY A 327 -17.20 -23.48 4.43
C GLY A 327 -15.87 -23.11 5.04
N ALA A 328 -15.51 -23.79 6.12
CA ALA A 328 -14.25 -23.52 6.78
C ALA A 328 -13.43 -24.81 6.76
N MET A 329 -12.12 -24.67 6.67
CA MET A 329 -11.22 -25.82 6.70
C MET A 329 -10.44 -25.67 7.96
N VAL A 330 -10.16 -26.77 8.63
CA VAL A 330 -9.44 -26.73 9.88
C VAL A 330 -8.11 -27.43 9.76
N TRP A 331 -7.07 -26.85 10.34
CA TRP A 331 -5.77 -27.49 10.37
C TRP A 331 -5.25 -27.33 11.78
N ALA A 332 -5.21 -28.41 12.57
CA ALA A 332 -5.67 -29.74 12.18
C ALA A 332 -6.38 -30.32 13.39
N LEU A 333 -7.19 -31.35 13.19
CA LEU A 333 -7.93 -31.97 14.28
C LEU A 333 -7.06 -32.48 15.42
N ASP A 334 -5.86 -32.92 15.09
CA ASP A 334 -4.96 -33.44 16.11
C ASP A 334 -4.22 -32.30 16.84
N LEU A 335 -4.62 -31.05 16.57
CA LEU A 335 -4.02 -29.89 17.21
C LEU A 335 -5.06 -29.16 18.06
N ASP A 336 -6.32 -29.57 17.90
CA ASP A 336 -7.44 -29.03 18.66
C ASP A 336 -7.30 -29.88 19.91
N ASP A 337 -8.00 -29.51 20.99
CA ASP A 337 -7.95 -30.31 22.22
C ASP A 337 -8.89 -31.49 21.98
N PHE A 338 -8.34 -32.61 21.55
CA PHE A 338 -9.17 -33.78 21.25
C PHE A 338 -9.41 -34.76 22.38
N GLN A 339 -8.63 -34.66 23.46
CA GLN A 339 -8.85 -35.54 24.59
C GLN A 339 -10.05 -34.93 25.27
N GLY A 340 -10.11 -33.60 25.22
CA GLY A 340 -11.18 -32.87 25.84
C GLY A 340 -10.63 -32.25 27.11
N SER A 341 -9.72 -32.98 27.73
CA SER A 341 -9.06 -32.61 28.98
C SER A 341 -8.52 -31.17 29.10
N PHE A 342 -7.28 -31.01 28.68
CA PHE A 342 -6.54 -29.75 28.71
C PHE A 342 -7.22 -28.40 28.96
N CYS A 343 -8.44 -28.20 28.43
CA CYS A 343 -9.11 -26.90 28.61
C CYS A 343 -10.37 -26.89 29.52
N GLY A 344 -10.49 -27.86 30.42
CA GLY A 344 -11.64 -27.91 31.31
C GLY A 344 -12.89 -28.42 30.61
N GLN A 345 -13.95 -28.70 31.38
CA GLN A 345 -15.21 -29.20 30.84
C GLN A 345 -15.02 -30.59 30.29
N ASP A 346 -13.80 -30.86 29.86
CA ASP A 346 -13.43 -32.16 29.33
C ASP A 346 -14.19 -32.56 28.04
N LEU A 347 -14.73 -31.56 27.34
CA LEU A 347 -15.44 -31.77 26.07
C LEU A 347 -14.40 -31.82 24.96
N ARG A 348 -14.62 -32.70 23.99
CA ARG A 348 -13.67 -32.85 22.89
C ARG A 348 -13.83 -31.81 21.79
N PHE A 349 -12.72 -31.57 21.07
CA PHE A 349 -12.65 -30.64 19.95
C PHE A 349 -13.39 -29.30 20.15
N PRO A 350 -12.94 -28.47 21.09
CA PRO A 350 -13.60 -27.18 21.33
C PRO A 350 -13.64 -26.26 20.13
N LEU A 351 -12.50 -26.15 19.48
CA LEU A 351 -12.39 -25.28 18.33
C LEU A 351 -13.29 -25.69 17.17
N THR A 352 -13.04 -26.89 16.61
CA THR A 352 -13.84 -27.40 15.50
C THR A 352 -15.32 -27.31 15.85
N ASN A 353 -15.71 -27.89 17.01
CA ASN A 353 -17.09 -27.81 17.47
C ASN A 353 -17.57 -26.35 17.44
N ALA A 354 -16.82 -25.45 18.08
CA ALA A 354 -17.21 -24.05 18.06
C ALA A 354 -17.44 -23.64 16.61
N ILE A 355 -16.56 -24.09 15.72
CA ILE A 355 -16.70 -23.76 14.31
C ILE A 355 -17.97 -24.44 13.78
N LYS A 356 -18.09 -25.75 13.97
CA LYS A 356 -19.26 -26.49 13.53
C LYS A 356 -20.54 -25.76 13.87
N ASP A 357 -20.68 -25.42 15.16
CA ASP A 357 -21.85 -24.73 15.68
C ASP A 357 -22.10 -23.43 14.93
N ALA A 358 -21.12 -22.55 14.94
CA ALA A 358 -21.23 -21.25 14.26
C ALA A 358 -21.58 -21.38 12.78
N LEU A 359 -21.24 -22.52 12.19
CA LEU A 359 -21.48 -22.77 10.77
C LEU A 359 -22.94 -23.08 10.47
N ALA A 360 -23.64 -23.59 11.47
CA ALA A 360 -25.05 -23.92 11.33
C ALA A 360 -25.73 -23.28 12.53
N ALA A 361 -25.80 -21.96 12.51
CA ALA A 361 -26.40 -21.22 13.60
C ALA A 361 -26.55 -19.76 13.20
N THR A 362 -27.69 -19.43 12.61
CA THR A 362 -27.99 -18.06 12.20
C THR A 362 -29.50 -17.86 12.06
N TYR B 1 2.10 -6.60 -33.81
CA TYR B 1 1.60 -5.69 -32.73
C TYR B 1 0.36 -4.92 -33.17
N LYS B 2 -0.66 -4.89 -32.31
CA LYS B 2 -1.90 -4.16 -32.61
C LYS B 2 -1.75 -2.69 -32.25
N LEU B 3 -2.21 -1.81 -33.13
CA LEU B 3 -2.15 -0.37 -32.87
C LEU B 3 -3.52 0.29 -33.04
N VAL B 4 -4.31 0.27 -31.97
CA VAL B 4 -5.66 0.83 -31.96
C VAL B 4 -5.74 2.33 -31.73
N CYS B 5 -6.29 3.04 -32.71
CA CYS B 5 -6.39 4.48 -32.64
C CYS B 5 -7.80 5.00 -32.67
N TYR B 6 -8.12 5.88 -31.74
CA TYR B 6 -9.45 6.46 -31.69
C TYR B 6 -9.55 7.72 -32.51
N TYR B 7 -10.70 7.88 -33.16
CA TYR B 7 -11.01 9.06 -33.96
C TYR B 7 -12.33 9.56 -33.39
N THR B 8 -12.35 10.77 -32.89
CA THR B 8 -13.55 11.33 -32.30
C THR B 8 -14.40 12.04 -33.38
N SER B 9 -15.71 11.91 -33.29
CA SER B 9 -16.55 12.55 -34.30
C SER B 9 -16.72 14.05 -34.10
N TRP B 10 -16.30 14.58 -32.94
CA TRP B 10 -16.48 16.01 -32.68
C TRP B 10 -15.30 16.88 -33.06
N SER B 11 -14.18 16.27 -33.41
CA SER B 11 -13.00 17.04 -33.80
C SER B 11 -13.23 17.67 -35.16
N GLN B 12 -14.34 17.32 -35.80
CA GLN B 12 -14.66 17.88 -37.10
C GLN B 12 -15.09 19.35 -36.93
N TYR B 13 -15.64 19.68 -35.77
CA TYR B 13 -16.12 21.03 -35.49
C TYR B 13 -15.13 22.02 -34.90
N ARG B 14 -13.85 21.67 -34.83
CA ARG B 14 -12.88 22.60 -34.24
C ARG B 14 -12.39 23.66 -35.24
N GLU B 15 -12.20 24.88 -34.75
CA GLU B 15 -11.73 25.99 -35.58
C GLU B 15 -10.43 25.73 -36.34
N GLY B 16 -10.28 26.41 -37.48
CA GLY B 16 -9.08 26.32 -38.30
C GLY B 16 -8.42 24.99 -38.57
N ASP B 17 -7.13 24.90 -38.25
CA ASP B 17 -6.36 23.66 -38.46
C ASP B 17 -6.81 22.59 -37.48
N GLY B 18 -7.72 22.96 -36.59
CA GLY B 18 -8.21 22.03 -35.60
C GLY B 18 -9.25 21.05 -36.12
N SER B 19 -10.00 21.49 -37.13
CA SER B 19 -11.03 20.65 -37.73
C SER B 19 -10.39 19.36 -38.25
N CYS B 20 -10.92 18.22 -37.85
CA CYS B 20 -10.38 16.96 -38.31
C CYS B 20 -11.44 16.01 -38.86
N PHE B 21 -11.23 15.57 -40.09
CA PHE B 21 -12.14 14.67 -40.79
C PHE B 21 -11.46 13.34 -41.07
N PRO B 22 -12.24 12.24 -41.15
CA PRO B 22 -11.73 10.91 -41.42
C PRO B 22 -10.67 10.83 -42.50
N ASP B 23 -10.90 11.54 -43.61
CA ASP B 23 -9.97 11.51 -44.73
C ASP B 23 -8.66 12.23 -44.45
N ALA B 24 -8.53 12.81 -43.27
CA ALA B 24 -7.30 13.49 -42.91
C ALA B 24 -6.35 12.50 -42.21
N LEU B 25 -6.85 11.29 -41.94
CA LEU B 25 -6.08 10.26 -41.25
C LEU B 25 -5.23 9.43 -42.16
N ASP B 26 -4.01 9.15 -41.72
CA ASP B 26 -3.03 8.34 -42.44
C ASP B 26 -3.54 6.90 -42.43
N ARG B 27 -3.93 6.37 -43.59
CA ARG B 27 -4.49 5.02 -43.63
C ARG B 27 -3.53 3.86 -43.38
N PHE B 28 -2.24 4.15 -43.24
CA PHE B 28 -1.29 3.07 -43.01
C PHE B 28 -0.75 3.07 -41.60
N LEU B 29 -0.98 4.17 -40.90
CA LEU B 29 -0.53 4.39 -39.53
C LEU B 29 -0.94 3.34 -38.49
N CYS B 30 -2.26 3.11 -38.36
CA CYS B 30 -2.79 2.17 -37.36
C CYS B 30 -3.26 0.83 -37.92
N THR B 31 -3.41 -0.15 -37.03
CA THR B 31 -3.87 -1.47 -37.43
C THR B 31 -5.38 -1.48 -37.27
N HIS B 32 -5.86 -0.76 -36.26
CA HIS B 32 -7.30 -0.64 -36.00
C HIS B 32 -7.63 0.83 -35.74
N ILE B 33 -8.73 1.32 -36.31
CA ILE B 33 -9.13 2.68 -36.06
C ILE B 33 -10.56 2.62 -35.56
N ILE B 34 -10.76 3.06 -34.33
CA ILE B 34 -12.08 3.03 -33.75
C ILE B 34 -12.72 4.39 -33.87
N TYR B 35 -13.94 4.39 -34.39
CA TYR B 35 -14.70 5.61 -34.57
C TYR B 35 -15.51 5.82 -33.31
N SER B 36 -15.47 7.02 -32.77
CA SER B 36 -16.22 7.25 -31.55
C SER B 36 -16.83 8.64 -31.52
N PHE B 37 -18.04 8.74 -30.97
CA PHE B 37 -18.77 7.59 -30.40
C PHE B 37 -20.11 7.44 -31.08
N ALA B 38 -20.76 6.30 -30.85
CA ALA B 38 -22.06 6.03 -31.43
C ALA B 38 -23.09 5.96 -30.30
N ASN B 39 -24.31 6.45 -30.53
CA ASN B 39 -25.35 6.45 -29.50
C ASN B 39 -26.11 5.11 -29.48
N ILE B 40 -27.06 5.04 -28.58
CA ILE B 40 -27.96 3.90 -28.41
C ILE B 40 -29.26 4.67 -28.19
N SER B 41 -30.14 4.60 -29.18
CA SER B 41 -31.43 5.28 -29.15
C SER B 41 -32.51 4.24 -29.27
N ASN B 42 -33.41 4.21 -28.29
CA ASN B 42 -34.48 3.24 -28.26
C ASN B 42 -33.88 1.83 -28.37
N ASP B 43 -33.02 1.50 -27.40
CA ASP B 43 -32.36 0.20 -27.34
C ASP B 43 -31.65 -0.23 -28.64
N HIS B 44 -31.51 0.70 -29.58
CA HIS B 44 -30.84 0.40 -30.85
C HIS B 44 -29.55 1.20 -31.02
N ILE B 45 -28.50 0.55 -31.51
CA ILE B 45 -27.26 1.25 -31.75
C ILE B 45 -27.54 2.18 -32.93
N ASP B 46 -27.24 3.46 -32.75
CA ASP B 46 -27.53 4.47 -33.76
C ASP B 46 -26.38 5.45 -33.94
N THR B 47 -26.51 6.34 -34.93
CA THR B 47 -25.47 7.33 -35.17
C THR B 47 -25.61 8.36 -34.07
N TRP B 48 -24.64 9.26 -33.99
CA TRP B 48 -24.66 10.30 -32.97
C TRP B 48 -24.70 11.65 -33.69
N GLU B 49 -23.66 11.99 -34.44
CA GLU B 49 -23.65 13.25 -35.17
C GLU B 49 -24.49 13.16 -36.46
N TRP B 50 -25.17 14.26 -36.77
CA TRP B 50 -26.02 14.32 -37.96
C TRP B 50 -25.37 13.71 -39.20
N ASN B 51 -24.07 13.93 -39.35
CA ASN B 51 -23.36 13.41 -40.52
C ASN B 51 -22.45 12.22 -40.26
N ASP B 52 -22.79 11.41 -39.26
CA ASP B 52 -21.98 10.22 -38.95
C ASP B 52 -21.88 9.31 -40.17
N VAL B 53 -23.01 9.10 -40.85
CA VAL B 53 -23.04 8.21 -42.00
C VAL B 53 -22.05 8.67 -43.04
N THR B 54 -21.99 9.97 -43.26
CA THR B 54 -21.05 10.48 -44.25
C THR B 54 -19.60 10.18 -43.84
N LEU B 55 -19.28 10.50 -42.59
CA LEU B 55 -17.95 10.29 -42.01
C LEU B 55 -17.56 8.80 -41.90
N TYR B 56 -18.51 7.92 -41.59
CA TYR B 56 -18.21 6.49 -41.51
C TYR B 56 -17.60 6.12 -42.86
N GLY B 57 -18.23 6.61 -43.93
CA GLY B 57 -17.74 6.33 -45.26
C GLY B 57 -16.35 6.90 -45.54
N MET B 58 -16.05 8.09 -45.01
CA MET B 58 -14.74 8.68 -45.21
C MET B 58 -13.71 7.87 -44.50
N LEU B 59 -14.08 7.31 -43.36
CA LEU B 59 -13.16 6.47 -42.61
C LEU B 59 -12.96 5.16 -43.35
N ASN B 60 -14.04 4.42 -43.57
CA ASN B 60 -13.91 3.14 -44.24
C ASN B 60 -13.24 3.20 -45.60
N THR B 61 -13.15 4.37 -46.20
CA THR B 61 -12.51 4.49 -47.50
C THR B 61 -11.06 4.11 -47.36
N LEU B 62 -10.46 4.58 -46.27
CA LEU B 62 -9.07 4.32 -45.97
C LEU B 62 -8.74 2.83 -46.12
N LYS B 63 -9.74 1.98 -46.00
CA LYS B 63 -9.52 0.54 -46.14
C LYS B 63 -9.17 0.14 -47.57
N ASN B 64 -9.47 1.03 -48.52
CA ASN B 64 -9.23 0.77 -49.95
C ASN B 64 -7.78 0.56 -50.38
N ARG B 65 -6.96 1.61 -50.34
CA ARG B 65 -5.57 1.44 -50.74
C ARG B 65 -4.78 0.62 -49.70
N ASN B 66 -5.51 -0.01 -48.78
CA ASN B 66 -4.96 -0.83 -47.70
C ASN B 66 -6.05 -1.70 -47.08
N PRO B 67 -6.15 -2.96 -47.53
CA PRO B 67 -7.15 -3.93 -47.04
C PRO B 67 -6.82 -4.67 -45.74
N ASN B 68 -5.97 -4.08 -44.89
CA ASN B 68 -5.65 -4.74 -43.62
C ASN B 68 -6.00 -3.87 -42.42
N LEU B 69 -6.45 -2.67 -42.72
CA LEU B 69 -6.88 -1.75 -41.70
C LEU B 69 -8.24 -2.29 -41.27
N LYS B 70 -8.49 -2.35 -39.97
CA LYS B 70 -9.77 -2.82 -39.46
C LYS B 70 -10.36 -1.57 -38.79
N THR B 71 -11.67 -1.43 -38.83
CA THR B 71 -12.28 -0.29 -38.18
C THR B 71 -13.33 -0.82 -37.21
N LEU B 72 -13.66 -0.01 -36.20
CA LEU B 72 -14.67 -0.40 -35.22
C LEU B 72 -15.51 0.79 -34.87
N LEU B 73 -16.72 0.55 -34.39
CA LEU B 73 -17.60 1.63 -33.97
C LEU B 73 -17.65 1.58 -32.45
N SER B 74 -17.14 2.62 -31.81
CA SER B 74 -17.13 2.69 -30.36
C SER B 74 -18.47 3.22 -29.86
N VAL B 75 -19.13 2.44 -29.01
CA VAL B 75 -20.42 2.86 -28.48
C VAL B 75 -20.30 3.11 -26.98
N GLY B 76 -20.70 4.29 -26.53
CA GLY B 76 -20.61 4.62 -25.12
C GLY B 76 -19.99 5.99 -25.02
N GLY B 77 -18.86 6.07 -24.34
CA GLY B 77 -18.21 7.36 -24.21
C GLY B 77 -18.59 8.03 -22.92
N TRP B 78 -17.67 8.88 -22.45
CA TRP B 78 -17.84 9.63 -21.22
C TRP B 78 -19.13 10.45 -21.16
N ASN B 79 -19.46 11.13 -22.26
CA ASN B 79 -20.67 11.95 -22.34
C ASN B 79 -21.92 11.13 -22.60
N PHE B 80 -21.83 9.81 -22.56
CA PHE B 80 -23.02 9.02 -22.85
C PHE B 80 -23.94 8.86 -21.65
N GLY B 81 -23.41 8.27 -20.58
CA GLY B 81 -24.25 8.09 -19.40
C GLY B 81 -24.13 6.74 -18.72
N SER B 82 -23.35 6.68 -17.64
CA SER B 82 -23.19 5.43 -16.92
C SER B 82 -24.57 4.83 -16.61
N GLN B 83 -25.58 5.70 -16.50
CA GLN B 83 -26.94 5.28 -16.17
C GLN B 83 -27.76 4.78 -17.38
N ARG B 84 -27.76 5.55 -18.46
CA ARG B 84 -28.48 5.19 -19.68
C ARG B 84 -28.02 3.84 -20.19
N PHE B 85 -26.71 3.65 -20.17
CA PHE B 85 -26.10 2.42 -20.63
C PHE B 85 -26.46 1.27 -19.70
N SER B 86 -26.63 1.57 -18.42
CA SER B 86 -26.95 0.56 -17.41
C SER B 86 -28.37 0.00 -17.58
N LYS B 87 -29.33 0.91 -17.75
CA LYS B 87 -30.73 0.52 -17.93
C LYS B 87 -30.94 -0.32 -19.20
N ILE B 88 -29.98 -0.28 -20.11
CA ILE B 88 -30.07 -1.06 -21.35
C ILE B 88 -29.39 -2.39 -21.17
N ALA B 89 -28.53 -2.47 -20.17
CA ALA B 89 -27.81 -3.71 -19.90
C ALA B 89 -28.53 -4.52 -18.85
N SER B 90 -29.27 -3.83 -18.00
CA SER B 90 -30.02 -4.44 -16.90
C SER B 90 -31.32 -5.09 -17.41
N ASN B 91 -32.01 -4.38 -18.30
CA ASN B 91 -33.26 -4.88 -18.85
C ASN B 91 -32.92 -6.02 -19.80
N THR B 92 -33.51 -7.18 -19.57
CA THR B 92 -33.23 -8.31 -20.43
C THR B 92 -33.70 -8.07 -21.84
N GLN B 93 -34.86 -7.44 -21.97
CA GLN B 93 -35.42 -7.14 -23.29
C GLN B 93 -34.59 -6.09 -24.04
N SER B 94 -34.19 -5.02 -23.35
CA SER B 94 -33.39 -3.95 -23.94
C SER B 94 -32.03 -4.45 -24.44
N ARG B 95 -31.44 -5.36 -23.66
CA ARG B 95 -30.16 -5.94 -24.00
C ARG B 95 -30.24 -6.70 -25.32
N ARG B 96 -31.27 -7.52 -25.48
CA ARG B 96 -31.44 -8.27 -26.72
C ARG B 96 -31.62 -7.32 -27.92
N THR B 97 -32.51 -6.34 -27.77
CA THR B 97 -32.78 -5.39 -28.83
C THR B 97 -31.46 -4.87 -29.33
N PHE B 98 -30.70 -4.28 -28.40
CA PHE B 98 -29.38 -3.71 -28.66
C PHE B 98 -28.44 -4.70 -29.33
N ILE B 99 -28.17 -5.80 -28.65
CA ILE B 99 -27.27 -6.81 -29.23
C ILE B 99 -27.72 -7.14 -30.65
N LYS B 100 -29.01 -7.41 -30.82
CA LYS B 100 -29.53 -7.77 -32.12
C LYS B 100 -29.31 -6.71 -33.19
N SER B 101 -29.41 -5.44 -32.80
CA SER B 101 -29.24 -4.35 -33.76
C SER B 101 -27.81 -4.08 -34.20
N VAL B 102 -26.83 -4.64 -33.50
CA VAL B 102 -25.45 -4.35 -33.87
C VAL B 102 -24.90 -4.98 -35.15
N PRO B 103 -25.02 -6.31 -35.33
CA PRO B 103 -24.46 -6.83 -36.58
C PRO B 103 -24.97 -6.08 -37.82
N PRO B 104 -26.30 -5.97 -37.98
CA PRO B 104 -26.76 -5.23 -39.18
C PRO B 104 -26.11 -3.84 -39.29
N PHE B 105 -26.30 -3.00 -38.27
CA PHE B 105 -25.74 -1.66 -38.27
C PHE B 105 -24.24 -1.70 -38.63
N LEU B 106 -23.54 -2.73 -38.16
CA LEU B 106 -22.10 -2.82 -38.44
C LEU B 106 -21.79 -3.17 -39.89
N ARG B 107 -22.45 -4.19 -40.44
CA ARG B 107 -22.23 -4.60 -41.82
C ARG B 107 -22.75 -3.52 -42.74
N THR B 108 -23.90 -2.97 -42.39
CA THR B 108 -24.50 -1.93 -43.18
C THR B 108 -23.53 -0.78 -43.38
N HIS B 109 -23.09 -0.17 -42.30
CA HIS B 109 -22.18 0.97 -42.42
C HIS B 109 -20.72 0.71 -42.74
N GLY B 110 -20.34 -0.55 -42.89
CA GLY B 110 -18.99 -0.87 -43.27
C GLY B 110 -17.97 -1.04 -42.19
N PHE B 111 -18.40 -1.49 -41.02
CA PHE B 111 -17.47 -1.66 -39.92
C PHE B 111 -17.00 -3.09 -39.66
N ASP B 112 -15.82 -3.22 -39.08
CA ASP B 112 -15.27 -4.53 -38.79
C ASP B 112 -15.69 -5.08 -37.42
N GLY B 113 -16.13 -4.21 -36.52
CA GLY B 113 -16.53 -4.70 -35.20
C GLY B 113 -16.97 -3.61 -34.26
N LEU B 114 -17.29 -3.97 -33.01
CA LEU B 114 -17.75 -2.99 -32.01
C LEU B 114 -16.77 -2.76 -30.85
N ASP B 115 -16.87 -1.60 -30.25
CA ASP B 115 -16.00 -1.27 -29.13
C ASP B 115 -16.93 -0.69 -28.06
N LEU B 116 -16.98 -1.35 -26.91
CA LEU B 116 -17.82 -0.90 -25.81
C LEU B 116 -17.12 0.10 -24.87
N ALA B 117 -17.61 1.34 -24.86
CA ALA B 117 -17.06 2.37 -24.00
C ALA B 117 -18.11 2.80 -22.97
N TRP B 118 -18.45 1.88 -22.08
CA TRP B 118 -19.43 2.14 -21.03
C TRP B 118 -18.65 2.76 -19.86
N LEU B 119 -18.72 4.07 -19.68
CA LEU B 119 -17.94 4.69 -18.61
C LEU B 119 -18.76 5.29 -17.47
N TYR B 120 -18.94 4.56 -16.37
CA TYR B 120 -18.44 3.21 -16.17
C TYR B 120 -19.53 2.34 -15.51
N PRO B 121 -19.39 1.01 -15.56
CA PRO B 121 -20.42 0.18 -14.93
C PRO B 121 -20.39 0.43 -13.41
N GLY B 122 -21.54 0.46 -12.76
CA GLY B 122 -21.54 0.69 -11.32
C GLY B 122 -21.04 -0.48 -10.48
N ARG B 123 -21.16 -0.38 -9.15
CA ARG B 123 -20.74 -1.47 -8.25
C ARG B 123 -21.70 -2.60 -8.56
N ARG B 124 -22.89 -2.20 -8.98
CA ARG B 124 -23.98 -3.12 -9.29
C ARG B 124 -24.08 -3.63 -10.70
N ASP B 125 -23.25 -3.11 -11.61
CA ASP B 125 -23.30 -3.56 -12.99
C ASP B 125 -22.18 -4.53 -13.34
N LYS B 126 -21.37 -4.91 -12.37
CA LYS B 126 -20.27 -5.83 -12.68
C LYS B 126 -20.70 -7.07 -13.46
N GLN B 127 -21.69 -7.80 -12.98
CA GLN B 127 -22.14 -9.01 -13.67
C GLN B 127 -22.91 -8.71 -14.97
N HIS B 128 -23.68 -7.63 -14.96
CA HIS B 128 -24.44 -7.23 -16.14
C HIS B 128 -23.50 -6.91 -17.29
N PHE B 129 -22.37 -6.32 -16.94
CA PHE B 129 -21.36 -5.94 -17.92
C PHE B 129 -20.80 -7.21 -18.53
N THR B 130 -20.56 -8.21 -17.71
CA THR B 130 -20.05 -9.49 -18.19
C THR B 130 -21.07 -10.17 -19.11
N THR B 131 -22.32 -10.21 -18.67
CA THR B 131 -23.40 -10.84 -19.44
C THR B 131 -23.51 -10.16 -20.80
N LEU B 132 -23.48 -8.83 -20.75
CA LEU B 132 -23.57 -7.97 -21.93
C LEU B 132 -22.46 -8.25 -22.92
N ILE B 133 -21.26 -8.49 -22.40
CA ILE B 133 -20.13 -8.78 -23.27
C ILE B 133 -20.22 -10.22 -23.78
N LYS B 134 -20.72 -11.10 -22.92
CA LYS B 134 -20.89 -12.52 -23.23
C LYS B 134 -21.85 -12.69 -24.42
N GLU B 135 -23.06 -12.17 -24.24
CA GLU B 135 -24.10 -12.26 -25.25
C GLU B 135 -23.82 -11.57 -26.58
N MET B 136 -23.06 -10.48 -26.55
CA MET B 136 -22.74 -9.75 -27.78
C MET B 136 -21.72 -10.52 -28.61
N LYS B 137 -20.87 -11.28 -27.93
CA LYS B 137 -19.86 -12.07 -28.63
C LYS B 137 -20.62 -13.25 -29.22
N ALA B 138 -21.64 -13.71 -28.48
CA ALA B 138 -22.47 -14.85 -28.90
C ALA B 138 -23.21 -14.50 -30.19
N GLU B 139 -23.52 -13.22 -30.36
CA GLU B 139 -24.21 -12.79 -31.56
C GLU B 139 -23.24 -12.68 -32.73
N PHE B 140 -22.12 -12.00 -32.53
CA PHE B 140 -21.14 -11.86 -33.61
C PHE B 140 -20.71 -13.22 -34.18
N ILE B 141 -20.92 -14.27 -33.37
CA ILE B 141 -20.59 -15.63 -33.74
C ILE B 141 -21.74 -16.17 -34.59
N LYS B 142 -22.95 -16.03 -34.08
CA LYS B 142 -24.13 -16.48 -34.80
C LYS B 142 -24.19 -15.81 -36.18
N GLU B 143 -24.03 -14.49 -36.20
CA GLU B 143 -24.08 -13.74 -37.46
C GLU B 143 -22.99 -14.17 -38.43
N ALA B 144 -21.85 -14.62 -37.93
CA ALA B 144 -20.76 -15.01 -38.81
C ALA B 144 -20.75 -16.48 -39.23
N GLN B 145 -21.46 -17.33 -38.47
CA GLN B 145 -21.51 -18.76 -38.73
C GLN B 145 -21.66 -19.21 -40.18
N PRO B 146 -22.62 -18.61 -40.91
CA PRO B 146 -22.80 -18.98 -42.31
C PRO B 146 -21.46 -19.07 -43.07
N GLY B 147 -20.50 -18.24 -42.67
CA GLY B 147 -19.19 -18.24 -43.30
C GLY B 147 -18.48 -16.89 -43.34
N LYS B 148 -19.18 -15.85 -42.87
CA LYS B 148 -18.65 -14.48 -42.82
C LYS B 148 -17.41 -14.34 -41.92
N LYS B 149 -16.70 -13.23 -42.11
CA LYS B 149 -15.51 -12.89 -41.31
C LYS B 149 -16.02 -12.21 -40.03
N GLN B 150 -15.96 -12.95 -38.92
CA GLN B 150 -16.41 -12.49 -37.60
C GLN B 150 -16.21 -11.01 -37.19
N LEU B 151 -17.30 -10.40 -36.72
CA LEU B 151 -17.24 -9.02 -36.28
C LEU B 151 -16.37 -9.01 -35.01
N LEU B 152 -15.57 -7.96 -34.86
CA LEU B 152 -14.69 -7.85 -33.70
C LEU B 152 -15.39 -7.20 -32.50
N LEU B 153 -15.03 -7.65 -31.30
CA LEU B 153 -15.61 -7.06 -30.11
C LEU B 153 -14.55 -6.59 -29.10
N SER B 154 -14.55 -5.31 -28.78
CA SER B 154 -13.57 -4.79 -27.84
C SER B 154 -14.22 -3.91 -26.77
N ALA B 155 -13.44 -3.53 -25.77
CA ALA B 155 -13.93 -2.71 -24.68
C ALA B 155 -12.82 -1.80 -24.16
N ALA B 156 -13.15 -0.56 -23.86
CA ALA B 156 -12.19 0.43 -23.33
C ALA B 156 -12.42 0.43 -21.83
N LEU B 157 -11.55 -0.22 -21.07
CA LEU B 157 -11.72 -0.29 -19.62
C LEU B 157 -10.96 0.81 -18.84
N SER B 158 -11.35 1.02 -17.58
CA SER B 158 -10.67 2.02 -16.75
C SER B 158 -9.31 1.52 -16.28
N ALA B 159 -8.38 2.45 -16.11
CA ALA B 159 -7.05 2.10 -15.64
C ALA B 159 -7.02 2.29 -14.12
N GLY B 160 -8.11 2.83 -13.60
CA GLY B 160 -8.22 3.10 -12.19
C GLY B 160 -8.64 1.91 -11.37
N LYS B 161 -7.79 1.51 -10.44
CA LYS B 161 -8.04 0.37 -9.56
C LYS B 161 -9.44 0.34 -8.90
N VAL B 162 -9.81 1.43 -8.23
CA VAL B 162 -11.12 1.49 -7.56
C VAL B 162 -12.24 1.09 -8.52
N THR B 163 -12.20 1.69 -9.72
CA THR B 163 -13.16 1.45 -10.77
C THR B 163 -13.04 0.01 -11.26
N ILE B 164 -11.84 -0.40 -11.60
CA ILE B 164 -11.62 -1.76 -12.06
C ILE B 164 -12.21 -2.75 -11.04
N ASP B 165 -11.99 -2.46 -9.76
CA ASP B 165 -12.48 -3.35 -8.71
C ASP B 165 -13.98 -3.42 -8.58
N SER B 166 -14.66 -2.33 -8.87
CA SER B 166 -16.11 -2.34 -8.70
C SER B 166 -16.95 -2.56 -9.96
N SER B 167 -16.30 -2.68 -11.12
CA SER B 167 -17.04 -2.85 -12.37
C SER B 167 -16.61 -3.96 -13.29
N TYR B 168 -15.36 -4.38 -13.19
CA TYR B 168 -14.83 -5.39 -14.08
C TYR B 168 -14.47 -6.72 -13.46
N ASP B 169 -14.92 -7.79 -14.11
CA ASP B 169 -14.59 -9.15 -13.70
C ASP B 169 -13.64 -9.54 -14.83
N ILE B 170 -12.48 -8.90 -14.85
CA ILE B 170 -11.48 -9.13 -15.89
C ILE B 170 -11.36 -10.59 -16.34
N ALA B 171 -11.13 -11.51 -15.39
CA ALA B 171 -11.00 -12.92 -15.72
C ALA B 171 -12.02 -13.39 -16.77
N LYS B 172 -13.29 -13.15 -16.48
CA LYS B 172 -14.37 -13.58 -17.35
C LYS B 172 -14.55 -12.79 -18.64
N ILE B 173 -14.74 -11.48 -18.53
CA ILE B 173 -14.94 -10.68 -19.75
C ILE B 173 -13.77 -10.82 -20.70
N SER B 174 -12.57 -10.89 -20.13
CA SER B 174 -11.33 -11.01 -20.87
C SER B 174 -11.26 -12.17 -21.85
N GLN B 175 -12.06 -13.21 -21.65
CA GLN B 175 -12.01 -14.34 -22.57
C GLN B 175 -12.96 -14.16 -23.76
N HIS B 176 -13.93 -13.26 -23.64
CA HIS B 176 -14.88 -13.02 -24.71
C HIS B 176 -14.49 -11.85 -25.62
N LEU B 177 -13.73 -10.90 -25.06
CA LEU B 177 -13.31 -9.74 -25.84
C LEU B 177 -12.10 -10.12 -26.70
N ASP B 178 -11.94 -9.47 -27.84
CA ASP B 178 -10.81 -9.78 -28.71
C ASP B 178 -9.55 -9.07 -28.24
N PHE B 179 -9.75 -7.90 -27.66
CA PHE B 179 -8.65 -7.15 -27.09
C PHE B 179 -9.24 -6.12 -26.17
N ILE B 180 -8.48 -5.75 -25.15
CA ILE B 180 -8.94 -4.78 -24.19
C ILE B 180 -8.10 -3.53 -24.29
N SER B 181 -8.73 -2.36 -24.26
CA SER B 181 -7.92 -1.16 -24.26
C SER B 181 -7.98 -0.59 -22.86
N ILE B 182 -6.82 -0.49 -22.20
CA ILE B 182 -6.78 0.05 -20.85
C ILE B 182 -6.42 1.52 -20.92
N MET B 183 -7.38 2.34 -20.55
CA MET B 183 -7.20 3.77 -20.61
C MET B 183 -6.20 4.33 -19.57
N THR B 184 -4.93 3.97 -19.73
CA THR B 184 -3.93 4.42 -18.77
C THR B 184 -3.48 5.87 -18.95
N TYR B 185 -4.35 6.75 -18.49
CA TYR B 185 -4.19 8.20 -18.52
C TYR B 185 -5.35 8.80 -17.70
N ASP B 186 -5.38 10.12 -17.54
CA ASP B 186 -6.41 10.80 -16.72
C ASP B 186 -6.25 10.19 -15.30
N PHE B 187 -5.11 10.42 -14.66
CA PHE B 187 -4.84 9.83 -13.34
C PHE B 187 -4.69 10.83 -12.19
N HIS B 188 -4.44 12.10 -12.51
CA HIS B 188 -4.25 13.11 -11.47
C HIS B 188 -5.26 14.24 -11.69
N GLY B 189 -6.43 14.13 -11.08
CA GLY B 189 -7.45 15.14 -11.21
C GLY B 189 -7.03 16.48 -10.62
N ALA B 190 -7.44 17.58 -11.24
CA ALA B 190 -7.09 18.91 -10.77
C ALA B 190 -7.66 19.21 -9.39
N TRP B 191 -8.60 18.38 -8.93
CA TRP B 191 -9.20 18.57 -7.61
C TRP B 191 -8.19 18.34 -6.49
N ARG B 192 -7.15 17.55 -6.78
CA ARG B 192 -6.12 17.25 -5.80
C ARG B 192 -5.47 18.53 -5.29
N GLY B 193 -5.53 19.58 -6.10
CA GLY B 193 -4.97 20.86 -5.73
C GLY B 193 -3.50 20.99 -6.07
N THR B 194 -2.93 19.93 -6.62
CA THR B 194 -1.52 19.88 -6.96
C THR B 194 -1.22 19.41 -8.36
N THR B 195 -0.13 19.93 -8.90
CA THR B 195 0.32 19.54 -10.24
C THR B 195 0.61 18.06 -10.17
N GLY B 196 0.39 17.40 -11.30
CA GLY B 196 0.64 15.98 -11.34
C GLY B 196 0.36 15.40 -12.70
N HIS B 197 1.36 14.75 -13.27
CA HIS B 197 1.20 14.13 -14.57
C HIS B 197 0.03 13.14 -14.49
N HIS B 198 -0.79 13.12 -15.54
CA HIS B 198 -1.96 12.26 -15.62
C HIS B 198 -1.66 10.92 -16.26
N SER B 199 -0.45 10.74 -16.76
CA SER B 199 -0.12 9.48 -17.40
C SER B 199 1.31 9.03 -17.17
N PRO B 200 1.71 8.90 -15.89
CA PRO B 200 3.08 8.48 -15.63
C PRO B 200 3.19 6.99 -15.96
N LEU B 201 4.41 6.51 -16.17
CA LEU B 201 4.61 5.10 -16.50
C LEU B 201 4.75 4.25 -15.23
N PHE B 202 5.36 4.82 -14.20
CA PHE B 202 5.54 4.14 -12.94
C PHE B 202 5.19 5.15 -11.86
N ARG B 203 5.26 4.74 -10.61
CA ARG B 203 4.95 5.62 -9.52
C ARG B 203 5.94 6.78 -9.42
N GLY B 204 7.19 6.56 -9.79
CA GLY B 204 8.22 7.58 -9.67
C GLY B 204 8.55 7.76 -8.20
N GLN B 205 9.06 8.95 -7.84
CA GLN B 205 9.42 9.25 -6.44
C GLN B 205 8.29 8.85 -5.48
N GLU B 206 8.63 7.98 -4.53
CA GLU B 206 7.62 7.45 -3.61
C GLU B 206 6.76 8.45 -2.86
N ASP B 207 7.38 9.30 -2.04
CA ASP B 207 6.62 10.27 -1.26
C ASP B 207 6.16 11.51 -2.00
N ALA B 208 6.29 11.53 -3.32
CA ALA B 208 5.81 12.67 -4.09
C ALA B 208 4.53 12.29 -4.86
N SER B 209 4.08 11.04 -4.69
CA SER B 209 2.89 10.53 -5.37
C SER B 209 1.80 10.28 -4.34
N PRO B 210 0.55 10.52 -4.73
CA PRO B 210 -0.64 10.35 -3.89
C PRO B 210 -0.91 8.91 -3.52
N ASP B 211 -0.83 8.01 -4.48
CA ASP B 211 -1.05 6.60 -4.19
C ASP B 211 -0.23 5.70 -5.09
N ARG B 212 -0.23 4.41 -4.78
CA ARG B 212 0.57 3.45 -5.55
C ARG B 212 -0.04 2.97 -6.84
N PHE B 213 -1.34 3.17 -7.03
CA PHE B 213 -1.99 2.68 -8.26
C PHE B 213 -2.31 3.64 -9.41
N SER B 214 -2.07 4.93 -9.22
CA SER B 214 -2.33 5.94 -10.26
C SER B 214 -1.19 6.11 -11.27
N ASN B 215 -0.90 5.05 -12.02
CA ASN B 215 0.16 5.09 -13.02
C ASN B 215 0.00 3.88 -13.95
N THR B 216 0.53 4.00 -15.16
CA THR B 216 0.39 2.93 -16.12
C THR B 216 0.81 1.56 -15.65
N ASP B 217 2.08 1.44 -15.26
CA ASP B 217 2.63 0.18 -14.79
C ASP B 217 1.73 -0.55 -13.80
N TYR B 218 1.26 0.14 -12.76
CA TYR B 218 0.41 -0.57 -11.81
C TYR B 218 -0.83 -1.14 -12.50
N ALA B 219 -1.51 -0.30 -13.27
CA ALA B 219 -2.72 -0.72 -13.99
C ALA B 219 -2.44 -1.89 -14.93
N VAL B 220 -1.41 -1.76 -15.76
CA VAL B 220 -1.05 -2.83 -16.69
C VAL B 220 -0.79 -4.11 -15.91
N GLY B 221 0.05 -3.99 -14.89
CA GLY B 221 0.36 -5.16 -14.10
C GLY B 221 -0.79 -5.64 -13.24
N TYR B 222 -1.70 -4.75 -12.84
CA TYR B 222 -2.80 -5.20 -12.00
C TYR B 222 -3.79 -6.03 -12.82
N MET B 223 -4.01 -5.62 -14.05
CA MET B 223 -4.93 -6.33 -14.92
C MET B 223 -4.29 -7.67 -15.31
N LEU B 224 -3.01 -7.64 -15.69
CA LEU B 224 -2.33 -8.88 -16.06
C LEU B 224 -2.49 -9.84 -14.91
N ARG B 225 -2.22 -9.32 -13.72
CA ARG B 225 -2.29 -10.07 -12.49
C ARG B 225 -3.68 -10.65 -12.28
N LEU B 226 -4.71 -9.88 -12.62
CA LEU B 226 -6.11 -10.29 -12.44
C LEU B 226 -6.63 -11.33 -13.46
N GLY B 227 -5.75 -11.73 -14.37
CA GLY B 227 -6.15 -12.74 -15.33
C GLY B 227 -6.39 -12.34 -16.77
N ALA B 228 -5.95 -11.15 -17.17
CA ALA B 228 -6.14 -10.76 -18.55
C ALA B 228 -4.95 -11.22 -19.42
N PRO B 229 -5.21 -12.02 -20.47
CA PRO B 229 -4.14 -12.50 -21.34
C PRO B 229 -3.35 -11.34 -21.97
N ALA B 230 -2.06 -11.23 -21.65
CA ALA B 230 -1.24 -10.16 -22.19
C ALA B 230 -1.48 -9.97 -23.67
N SER B 231 -1.69 -11.11 -24.35
CA SER B 231 -1.94 -11.16 -25.79
C SER B 231 -3.21 -10.41 -26.19
N LYS B 232 -4.07 -10.10 -25.22
CA LYS B 232 -5.31 -9.37 -25.48
C LYS B 232 -5.31 -7.96 -24.90
N LEU B 233 -4.22 -7.56 -24.25
CA LEU B 233 -4.14 -6.26 -23.60
C LEU B 233 -3.47 -5.17 -24.41
N VAL B 234 -4.22 -4.11 -24.69
CA VAL B 234 -3.70 -2.98 -25.44
C VAL B 234 -3.51 -1.83 -24.44
N MET B 235 -2.27 -1.36 -24.31
CA MET B 235 -1.98 -0.31 -23.36
C MET B 235 -2.28 1.08 -23.92
N GLY B 236 -3.25 1.78 -23.35
CA GLY B 236 -3.55 3.10 -23.84
C GLY B 236 -2.43 4.10 -23.62
N ILE B 237 -2.19 4.99 -24.59
CA ILE B 237 -1.18 6.03 -24.53
C ILE B 237 -1.91 7.26 -25.03
N PRO B 238 -1.79 8.39 -24.33
CA PRO B 238 -2.48 9.60 -24.73
C PRO B 238 -1.73 10.62 -25.57
N THR B 239 -2.42 11.18 -26.57
CA THR B 239 -1.83 12.21 -27.41
C THR B 239 -2.28 13.59 -26.95
N PHE B 240 -2.83 13.67 -25.73
CA PHE B 240 -3.28 14.95 -25.19
C PHE B 240 -2.66 15.10 -23.81
N GLY B 241 -2.74 16.30 -23.23
CA GLY B 241 -2.17 16.49 -21.92
C GLY B 241 -3.14 17.16 -20.97
N ARG B 242 -2.89 17.03 -19.67
CA ARG B 242 -3.74 17.63 -18.66
C ARG B 242 -3.02 18.81 -17.97
N SER B 243 -3.59 20.01 -18.16
CA SER B 243 -3.03 21.26 -17.63
C SER B 243 -3.64 21.69 -16.31
N PHE B 244 -2.96 22.64 -15.67
CA PHE B 244 -3.36 23.18 -14.38
C PHE B 244 -2.95 24.65 -14.32
N THR B 245 -3.45 25.36 -13.33
CA THR B 245 -3.04 26.74 -13.18
C THR B 245 -2.35 26.91 -11.82
N LEU B 246 -1.03 27.13 -11.88
CA LEU B 246 -0.18 27.31 -10.71
C LEU B 246 -0.66 28.45 -9.79
N ALA B 247 -0.60 28.23 -8.49
CA ALA B 247 -1.04 29.25 -7.59
C ALA B 247 0.15 29.97 -7.02
N SER B 248 1.33 29.41 -7.24
CA SER B 248 2.55 30.01 -6.73
C SER B 248 3.66 29.97 -7.77
N SER B 249 4.87 30.33 -7.34
CA SER B 249 6.00 30.33 -8.26
C SER B 249 6.61 28.94 -8.29
N GLU B 250 6.02 28.01 -7.54
CA GLU B 250 6.50 26.63 -7.49
C GLU B 250 5.98 25.94 -8.74
N THR B 251 6.90 25.28 -9.47
CA THR B 251 6.54 24.62 -10.73
C THR B 251 6.89 23.14 -10.89
N GLY B 252 7.28 22.48 -9.81
CA GLY B 252 7.59 21.06 -9.92
C GLY B 252 6.38 20.18 -9.62
N VAL B 253 6.56 18.87 -9.65
CA VAL B 253 5.45 17.95 -9.35
C VAL B 253 5.03 18.23 -7.91
N GLY B 254 3.72 18.35 -7.69
CA GLY B 254 3.22 18.58 -6.36
C GLY B 254 2.97 20.05 -6.02
N ALA B 255 3.35 20.95 -6.94
CA ALA B 255 3.12 22.39 -6.74
C ALA B 255 1.61 22.68 -6.60
N PRO B 256 1.24 23.69 -5.81
CA PRO B 256 -0.18 24.03 -5.64
C PRO B 256 -0.78 24.75 -6.86
N ILE B 257 -1.95 24.30 -7.30
CA ILE B 257 -2.64 24.89 -8.43
C ILE B 257 -3.94 25.55 -7.93
N SER B 258 -4.60 26.29 -8.82
CA SER B 258 -5.85 26.94 -8.46
C SER B 258 -6.96 26.40 -9.34
N GLY B 259 -6.69 25.33 -10.07
CA GLY B 259 -7.68 24.74 -10.94
C GLY B 259 -7.09 24.27 -12.27
N PRO B 260 -7.93 23.72 -13.17
CA PRO B 260 -7.42 23.26 -14.47
C PRO B 260 -6.73 24.36 -15.25
N GLY B 261 -5.84 23.96 -16.16
CA GLY B 261 -5.12 24.92 -16.98
C GLY B 261 -6.02 25.66 -17.97
N ILE B 262 -5.53 26.75 -18.52
CA ILE B 262 -6.31 27.54 -19.47
C ILE B 262 -6.62 26.72 -20.73
N PRO B 263 -7.83 26.83 -21.28
CA PRO B 263 -8.23 26.06 -22.47
C PRO B 263 -7.46 26.41 -23.72
N GLY B 264 -7.35 25.44 -24.63
CA GLY B 264 -6.62 25.67 -25.86
C GLY B 264 -7.48 26.31 -26.92
N ARG B 265 -6.85 27.10 -27.79
CA ARG B 265 -7.52 27.79 -28.87
C ARG B 265 -8.35 26.81 -29.73
N PHE B 266 -7.92 25.56 -29.83
CA PHE B 266 -8.65 24.61 -30.64
C PHE B 266 -9.54 23.61 -29.94
N THR B 267 -9.05 22.96 -28.88
CA THR B 267 -9.84 21.96 -28.15
C THR B 267 -10.81 22.64 -27.17
N LYS B 268 -10.50 23.90 -26.84
CA LYS B 268 -11.32 24.73 -25.96
C LYS B 268 -11.96 24.06 -24.78
N GLU B 269 -11.17 23.35 -23.97
CA GLU B 269 -11.67 22.66 -22.77
C GLU B 269 -10.64 22.78 -21.65
N ALA B 270 -10.97 23.49 -20.58
CA ALA B 270 -10.01 23.70 -19.50
C ALA B 270 -9.43 22.42 -18.89
N GLY B 271 -8.10 22.44 -18.71
CA GLY B 271 -7.40 21.30 -18.15
C GLY B 271 -6.93 20.31 -19.22
N THR B 272 -7.35 20.56 -20.46
CA THR B 272 -7.00 19.71 -21.58
C THR B 272 -6.24 20.50 -22.63
N LEU B 273 -5.36 19.82 -23.34
CA LEU B 273 -4.59 20.43 -24.43
C LEU B 273 -4.21 19.32 -25.37
N ALA B 274 -4.46 19.51 -26.66
CA ALA B 274 -4.09 18.51 -27.63
C ALA B 274 -2.57 18.68 -27.75
N TYR B 275 -1.91 17.68 -28.31
CA TYR B 275 -0.46 17.76 -28.45
C TYR B 275 -0.08 18.95 -29.35
N TYR B 276 -0.75 19.10 -30.50
CA TYR B 276 -0.41 20.21 -31.37
C TYR B 276 -0.57 21.58 -30.68
N GLU B 277 -1.39 21.66 -29.65
CA GLU B 277 -1.52 22.92 -28.94
C GLU B 277 -0.28 23.00 -28.02
N ILE B 278 0.14 21.85 -27.49
CA ILE B 278 1.28 21.82 -26.60
C ILE B 278 2.53 22.28 -27.32
N CYS B 279 2.65 21.88 -28.59
CA CYS B 279 3.81 22.29 -29.39
C CYS B 279 3.84 23.83 -29.43
N ASP B 280 2.67 24.43 -29.33
CA ASP B 280 2.58 25.89 -29.33
C ASP B 280 3.01 26.42 -27.99
N PHE B 281 2.53 25.75 -26.94
CA PHE B 281 2.83 26.12 -25.57
C PHE B 281 4.36 26.06 -25.36
N LEU B 282 4.99 25.03 -25.92
CA LEU B 282 6.41 24.80 -25.76
C LEU B 282 7.29 25.92 -26.28
N ARG B 283 6.69 26.78 -27.09
CA ARG B 283 7.43 27.90 -27.64
C ARG B 283 7.72 28.84 -26.45
N GLY B 284 8.90 28.67 -25.89
CA GLY B 284 9.28 29.49 -24.75
C GLY B 284 8.80 28.90 -23.46
N ALA B 285 8.67 27.59 -23.43
CA ALA B 285 8.22 26.92 -22.21
C ALA B 285 9.43 26.20 -21.65
N THR B 286 9.28 25.51 -20.52
CA THR B 286 10.38 24.78 -19.95
C THR B 286 9.98 23.34 -19.71
N VAL B 287 10.55 22.44 -20.51
CA VAL B 287 10.25 21.04 -20.37
C VAL B 287 11.19 20.37 -19.36
N HIS B 288 10.59 19.58 -18.46
CA HIS B 288 11.31 18.84 -17.43
C HIS B 288 10.89 17.39 -17.57
N ARG B 289 11.83 16.45 -17.50
CA ARG B 289 11.45 15.05 -17.59
C ARG B 289 11.38 14.50 -16.16
N ILE B 290 10.19 14.16 -15.68
CA ILE B 290 10.05 13.62 -14.34
C ILE B 290 10.76 12.26 -14.36
N LEU B 291 11.89 12.15 -13.65
CA LEU B 291 12.70 10.92 -13.61
C LEU B 291 12.03 9.58 -13.28
N GLY B 292 11.46 9.47 -12.10
CA GLY B 292 10.86 8.20 -11.73
C GLY B 292 9.73 7.72 -12.62
N GLN B 293 9.14 8.62 -13.41
CA GLN B 293 7.99 8.25 -14.23
C GLN B 293 8.15 8.16 -15.75
N GLN B 294 9.28 8.63 -16.26
CA GLN B 294 9.56 8.54 -17.70
C GLN B 294 8.73 9.44 -18.60
N VAL B 295 8.01 10.40 -18.01
CA VAL B 295 7.20 11.29 -18.82
C VAL B 295 7.54 12.74 -18.53
N PRO B 296 7.33 13.63 -19.51
CA PRO B 296 7.61 15.07 -19.40
C PRO B 296 6.42 15.91 -18.91
N TYR B 297 6.68 17.19 -18.70
CA TYR B 297 5.67 18.14 -18.31
C TYR B 297 6.30 19.48 -18.68
N ALA B 298 5.47 20.47 -18.99
CA ALA B 298 6.01 21.77 -19.37
C ALA B 298 5.30 22.83 -18.57
N THR B 299 5.97 23.94 -18.37
CA THR B 299 5.36 25.03 -17.63
C THR B 299 5.79 26.36 -18.23
N LYS B 300 4.92 27.34 -18.17
CA LYS B 300 5.24 28.63 -18.73
C LYS B 300 4.28 29.54 -18.04
N GLY B 301 4.83 30.58 -17.43
CA GLY B 301 3.98 31.52 -16.72
C GLY B 301 3.23 30.75 -15.65
N ASN B 302 1.91 30.90 -15.60
CA ASN B 302 1.16 30.18 -14.59
C ASN B 302 0.48 28.91 -15.09
N GLN B 303 0.96 28.38 -16.22
CA GLN B 303 0.39 27.15 -16.76
C GLN B 303 1.37 26.01 -16.55
N TRP B 304 0.83 24.82 -16.33
CA TRP B 304 1.60 23.62 -16.11
C TRP B 304 0.85 22.53 -16.86
N VAL B 305 1.55 21.78 -17.71
CA VAL B 305 0.88 20.71 -18.43
C VAL B 305 1.71 19.45 -18.46
N GLY B 306 1.08 18.34 -18.05
CA GLY B 306 1.74 17.03 -18.05
C GLY B 306 1.28 16.24 -19.28
N TYR B 307 2.19 16.05 -20.21
CA TYR B 307 1.87 15.36 -21.46
C TYR B 307 2.86 14.27 -21.79
N ASP B 308 2.68 13.72 -23.00
CA ASP B 308 3.54 12.67 -23.56
C ASP B 308 4.16 13.23 -24.84
N ASP B 309 5.38 12.80 -25.14
CA ASP B 309 6.09 13.23 -26.34
C ASP B 309 6.76 12.00 -26.93
N GLN B 310 7.44 12.18 -28.06
CA GLN B 310 8.07 11.06 -28.76
C GLN B 310 8.95 10.20 -27.91
N GLU B 311 9.82 10.85 -27.15
CA GLU B 311 10.76 10.13 -26.30
C GLU B 311 9.99 9.31 -25.27
N SER B 312 8.96 9.91 -24.67
CA SER B 312 8.17 9.22 -23.66
C SER B 312 7.28 8.11 -24.19
N VAL B 313 6.73 8.25 -25.38
CA VAL B 313 5.89 7.18 -25.92
C VAL B 313 6.77 5.98 -26.26
N LYS B 314 7.99 6.26 -26.75
CA LYS B 314 8.94 5.19 -27.08
C LYS B 314 9.21 4.33 -25.85
N SER B 315 9.43 5.01 -24.72
CA SER B 315 9.69 4.34 -23.46
C SER B 315 8.47 3.51 -23.14
N LYS B 316 7.30 4.04 -23.48
CA LYS B 316 6.06 3.32 -23.21
C LYS B 316 5.88 2.08 -24.08
N VAL B 317 6.29 2.17 -25.34
CA VAL B 317 6.18 1.03 -26.23
C VAL B 317 7.16 -0.03 -25.76
N GLN B 318 8.32 0.42 -25.30
CA GLN B 318 9.34 -0.51 -24.79
C GLN B 318 8.72 -1.26 -23.62
N TYR B 319 8.13 -0.52 -22.69
CA TYR B 319 7.53 -1.12 -21.53
C TYR B 319 6.48 -2.16 -21.89
N LEU B 320 5.66 -1.89 -22.89
CA LEU B 320 4.61 -2.85 -23.24
C LEU B 320 5.13 -4.09 -23.94
N LYS B 321 6.22 -3.94 -24.67
CA LYS B 321 6.80 -5.08 -25.35
C LYS B 321 7.43 -5.98 -24.31
N ASP B 322 8.23 -5.43 -23.41
CA ASP B 322 8.85 -6.27 -22.38
C ASP B 322 7.73 -7.00 -21.69
N ARG B 323 6.59 -6.35 -21.59
CA ARG B 323 5.44 -6.95 -20.95
C ARG B 323 4.70 -7.93 -21.85
N GLN B 324 5.02 -7.87 -23.14
CA GLN B 324 4.40 -8.73 -24.16
C GLN B 324 2.90 -8.52 -24.22
N LEU B 325 2.50 -7.29 -24.50
CA LEU B 325 1.08 -6.92 -24.59
C LEU B 325 0.63 -6.89 -26.06
N ALA B 326 -0.66 -7.07 -26.30
CA ALA B 326 -1.18 -7.06 -27.67
C ALA B 326 -0.73 -5.82 -28.40
N GLY B 327 -0.60 -4.72 -27.67
CA GLY B 327 -0.15 -3.49 -28.30
C GLY B 327 -0.48 -2.21 -27.57
N ALA B 328 -0.52 -1.14 -28.36
CA ALA B 328 -0.81 0.18 -27.83
C ALA B 328 -2.15 0.70 -28.34
N MET B 329 -2.76 1.60 -27.57
CA MET B 329 -4.01 2.23 -27.96
C MET B 329 -3.76 3.74 -27.86
N VAL B 330 -4.22 4.47 -28.85
CA VAL B 330 -4.00 5.89 -28.85
C VAL B 330 -5.32 6.64 -28.83
N TRP B 331 -5.44 7.54 -27.87
CA TRP B 331 -6.59 8.38 -27.77
C TRP B 331 -5.92 9.71 -27.90
N ALA B 332 -6.15 10.47 -28.97
CA ALA B 332 -7.04 10.12 -30.06
C ALA B 332 -6.23 10.61 -31.24
N LEU B 333 -6.61 10.24 -32.46
CA LEU B 333 -5.84 10.66 -33.62
C LEU B 333 -5.92 12.17 -33.83
N ASP B 334 -7.09 12.71 -33.54
CA ASP B 334 -7.34 14.13 -33.75
C ASP B 334 -6.76 15.06 -32.69
N LEU B 335 -6.06 14.51 -31.69
CA LEU B 335 -5.44 15.33 -30.64
C LEU B 335 -3.93 15.28 -30.83
N ASP B 336 -3.50 14.47 -31.78
CA ASP B 336 -2.11 14.32 -32.14
C ASP B 336 -1.96 15.50 -33.07
N ASP B 337 -0.77 15.72 -33.63
CA ASP B 337 -0.60 16.79 -34.60
C ASP B 337 -0.83 16.15 -36.00
N PHE B 338 -2.10 15.87 -36.30
CA PHE B 338 -2.50 15.23 -37.55
C PHE B 338 -2.21 16.08 -38.80
N GLN B 339 -2.35 17.40 -38.72
CA GLN B 339 -2.06 18.27 -39.86
C GLN B 339 -0.57 18.13 -40.08
N GLY B 340 0.18 18.29 -38.99
CA GLY B 340 1.62 18.16 -39.04
C GLY B 340 2.32 19.50 -39.02
N SER B 341 1.56 20.57 -38.87
CA SER B 341 2.14 21.91 -38.89
C SER B 341 2.68 22.40 -37.58
N PHE B 342 1.81 22.44 -36.57
CA PHE B 342 2.19 22.95 -35.26
C PHE B 342 3.54 22.46 -34.75
N CYS B 343 3.73 21.16 -34.78
CA CYS B 343 4.94 20.53 -34.27
C CYS B 343 6.17 20.42 -35.20
N GLY B 344 6.14 21.17 -36.30
CA GLY B 344 7.26 21.18 -37.24
C GLY B 344 7.39 20.05 -38.26
N GLN B 345 8.42 20.17 -39.10
CA GLN B 345 8.73 19.18 -40.14
C GLN B 345 7.57 18.89 -41.08
N ASP B 346 6.43 19.50 -40.80
CA ASP B 346 5.22 19.32 -41.61
C ASP B 346 4.88 17.85 -41.79
N LEU B 347 5.49 17.00 -40.97
CA LEU B 347 5.21 15.57 -41.00
C LEU B 347 3.99 15.38 -40.10
N ARG B 348 3.10 14.48 -40.48
CA ARG B 348 1.89 14.31 -39.70
C ARG B 348 1.88 13.15 -38.73
N PHE B 349 1.09 13.29 -37.68
CA PHE B 349 0.98 12.27 -36.64
C PHE B 349 2.37 11.96 -36.11
N PRO B 350 3.00 12.92 -35.41
CA PRO B 350 4.35 12.72 -34.86
C PRO B 350 4.34 11.76 -33.68
N LEU B 351 3.37 11.92 -32.81
CA LEU B 351 3.27 11.04 -31.66
C LEU B 351 2.89 9.64 -32.09
N THR B 352 1.76 9.50 -32.79
CA THR B 352 1.32 8.18 -33.22
C THR B 352 2.38 7.48 -34.08
N ASN B 353 3.04 8.21 -34.96
CA ASN B 353 4.08 7.58 -35.77
C ASN B 353 5.23 7.09 -34.91
N ALA B 354 5.61 7.89 -33.91
CA ALA B 354 6.68 7.46 -33.02
C ALA B 354 6.23 6.14 -32.42
N ILE B 355 4.94 6.05 -32.05
CA ILE B 355 4.43 4.82 -31.45
C ILE B 355 4.55 3.65 -32.43
N LYS B 356 4.13 3.87 -33.67
CA LYS B 356 4.19 2.84 -34.69
C LYS B 356 5.62 2.35 -34.89
N ASP B 357 6.52 3.29 -35.16
CA ASP B 357 7.92 2.98 -35.39
C ASP B 357 8.49 2.15 -34.25
N ALA B 358 8.25 2.57 -33.00
CA ALA B 358 8.79 1.85 -31.86
C ALA B 358 8.25 0.42 -31.80
N LEU B 359 6.99 0.22 -32.16
CA LEU B 359 6.42 -1.11 -32.12
C LEU B 359 7.08 -2.02 -33.15
N ALA B 360 7.42 -1.42 -34.29
CA ALA B 360 8.03 -2.13 -35.41
C ALA B 360 9.49 -2.56 -35.23
N ALA B 361 10.20 -1.88 -34.33
CA ALA B 361 11.61 -2.20 -34.11
C ALA B 361 11.91 -2.84 -32.75
N THR B 362 12.91 -3.72 -32.73
CA THR B 362 13.37 -4.39 -31.51
C THR B 362 14.88 -4.53 -31.56
N TYR C 1 27.86 21.25 -2.42
CA TYR C 1 27.55 19.83 -2.07
C TYR C 1 28.82 19.06 -1.65
N LYS C 2 28.69 18.26 -0.60
CA LYS C 2 29.79 17.43 -0.08
C LYS C 2 30.02 16.26 -1.03
N LEU C 3 31.17 15.60 -0.91
CA LEU C 3 31.43 14.44 -1.74
C LEU C 3 32.34 13.47 -1.01
N VAL C 4 31.73 12.66 -0.14
CA VAL C 4 32.40 11.66 0.68
C VAL C 4 32.77 10.39 -0.08
N CYS C 5 34.06 10.10 -0.19
CA CYS C 5 34.50 8.90 -0.88
C CYS C 5 35.40 8.06 0.01
N TYR C 6 35.04 6.78 0.17
CA TYR C 6 35.83 5.87 0.99
C TYR C 6 37.05 5.31 0.27
N TYR C 7 37.99 4.84 1.08
CA TYR C 7 39.22 4.19 0.61
C TYR C 7 39.38 2.95 1.48
N THR C 8 39.61 1.82 0.83
CA THR C 8 39.78 0.58 1.55
C THR C 8 41.27 0.34 1.80
N SER C 9 41.57 -0.20 2.98
CA SER C 9 42.95 -0.48 3.38
C SER C 9 43.46 -1.76 2.71
N TRP C 10 42.54 -2.61 2.27
CA TRP C 10 42.90 -3.87 1.63
C TRP C 10 43.00 -3.73 0.12
N SER C 11 42.77 -2.51 -0.37
CA SER C 11 42.83 -2.25 -1.80
C SER C 11 44.25 -2.30 -2.32
N GLN C 12 45.17 -2.72 -1.48
CA GLN C 12 46.56 -2.81 -1.91
C GLN C 12 46.92 -4.24 -2.28
N TYR C 13 46.54 -5.21 -1.44
CA TYR C 13 46.86 -6.62 -1.71
C TYR C 13 46.12 -7.20 -2.91
N ARG C 14 46.21 -6.53 -4.05
CA ARG C 14 45.53 -6.98 -5.27
C ARG C 14 46.47 -7.06 -6.46
N GLU C 15 46.27 -8.08 -7.29
CA GLU C 15 47.12 -8.32 -8.46
C GLU C 15 47.25 -7.16 -9.45
N GLY C 16 48.36 -7.19 -10.20
CA GLY C 16 48.63 -6.18 -11.21
C GLY C 16 48.09 -4.78 -11.03
N ASP C 17 47.37 -4.29 -12.04
CA ASP C 17 46.80 -2.94 -12.02
C ASP C 17 45.69 -2.79 -10.99
N GLY C 18 45.41 -3.86 -10.27
CA GLY C 18 44.36 -3.82 -9.27
C GLY C 18 44.81 -3.38 -7.89
N SER C 19 46.09 -3.04 -7.74
CA SER C 19 46.61 -2.58 -6.45
C SER C 19 46.35 -1.10 -6.29
N CYS C 20 45.72 -0.72 -5.19
CA CYS C 20 45.41 0.69 -4.96
C CYS C 20 46.03 1.28 -3.71
N PHE C 21 46.76 2.39 -3.90
CA PHE C 21 47.44 3.10 -2.81
C PHE C 21 47.00 4.55 -2.71
N PRO C 22 46.91 5.07 -1.48
CA PRO C 22 46.51 6.45 -1.17
C PRO C 22 47.11 7.50 -2.09
N ASP C 23 48.30 7.21 -2.61
CA ASP C 23 48.98 8.15 -3.50
C ASP C 23 48.46 8.10 -4.94
N ALA C 24 47.51 7.20 -5.18
CA ALA C 24 46.92 7.04 -6.52
C ALA C 24 45.65 7.90 -6.69
N LEU C 25 45.20 8.48 -5.58
CA LEU C 25 43.99 9.28 -5.59
C LEU C 25 44.08 10.73 -6.03
N ASP C 26 43.14 11.10 -6.90
CA ASP C 26 43.02 12.45 -7.43
C ASP C 26 42.68 13.39 -6.26
N ARG C 27 43.63 14.21 -5.83
CA ARG C 27 43.39 15.12 -4.70
C ARG C 27 42.29 16.16 -4.87
N PHE C 28 41.91 16.46 -6.11
CA PHE C 28 40.85 17.44 -6.39
C PHE C 28 39.54 16.76 -6.78
N LEU C 29 39.40 15.50 -6.37
CA LEU C 29 38.22 14.71 -6.72
C LEU C 29 37.09 14.76 -5.70
N CYS C 30 37.37 14.33 -4.48
CA CYS C 30 36.36 14.33 -3.45
C CYS C 30 36.56 15.49 -2.49
N THR C 31 35.55 15.83 -1.70
CA THR C 31 35.73 16.92 -0.75
C THR C 31 36.03 16.24 0.57
N HIS C 32 35.82 14.93 0.62
CA HIS C 32 36.10 14.15 1.81
C HIS C 32 36.60 12.78 1.40
N ILE C 33 37.49 12.21 2.21
CA ILE C 33 38.02 10.87 1.95
C ILE C 33 38.06 10.18 3.29
N ILE C 34 37.35 9.07 3.40
CA ILE C 34 37.35 8.35 4.65
C ILE C 34 38.15 7.07 4.51
N TYR C 35 39.22 7.01 5.30
CA TYR C 35 40.11 5.86 5.32
C TYR C 35 39.32 4.79 6.07
N SER C 36 39.28 3.59 5.51
CA SER C 36 38.54 2.51 6.15
C SER C 36 39.31 1.21 5.99
N PHE C 37 39.31 0.37 7.02
CA PHE C 37 38.66 0.67 8.29
C PHE C 37 39.70 0.68 9.39
N ALA C 38 39.28 0.95 10.62
CA ALA C 38 40.23 0.99 11.73
C ALA C 38 39.74 0.06 12.85
N ASN C 39 40.66 -0.69 13.44
CA ASN C 39 40.29 -1.61 14.50
C ASN C 39 40.31 -0.93 15.85
N ILE C 40 39.97 -1.71 16.87
CA ILE C 40 39.96 -1.28 18.25
C ILE C 40 40.44 -2.53 19.00
N SER C 41 41.67 -2.47 19.54
CA SER C 41 42.23 -3.61 20.27
C SER C 41 41.69 -3.69 21.70
N ASN C 42 40.40 -3.39 21.84
CA ASN C 42 39.68 -3.39 23.13
C ASN C 42 39.66 -2.01 23.78
N ASP C 43 38.67 -1.20 23.41
CA ASP C 43 38.49 0.14 23.97
C ASP C 43 39.48 1.21 23.52
N HIS C 44 40.36 0.87 22.60
CA HIS C 44 41.32 1.84 22.08
C HIS C 44 41.54 1.68 20.58
N ILE C 45 41.02 2.65 19.83
CA ILE C 45 41.10 2.69 18.38
C ILE C 45 42.51 2.47 17.82
N ASP C 46 42.85 1.21 17.57
CA ASP C 46 44.16 0.84 17.03
C ASP C 46 44.09 0.54 15.52
N THR C 47 45.14 0.86 14.79
CA THR C 47 45.21 0.63 13.35
C THR C 47 44.78 -0.78 12.94
N TRP C 48 44.85 -1.06 11.64
CA TRP C 48 44.46 -2.38 11.14
C TRP C 48 45.54 -3.04 10.29
N GLU C 49 46.05 -2.32 9.28
CA GLU C 49 47.09 -2.85 8.42
C GLU C 49 48.47 -2.51 8.98
N TRP C 50 49.43 -3.39 8.73
CA TRP C 50 50.78 -3.19 9.21
C TRP C 50 51.37 -1.87 8.74
N ASN C 51 51.07 -1.46 7.50
CA ASN C 51 51.61 -0.20 6.99
C ASN C 51 50.58 0.93 7.11
N ASP C 52 49.44 0.62 7.72
CA ASP C 52 48.36 1.57 7.94
C ASP C 52 48.86 2.98 8.26
N VAL C 53 49.79 3.06 9.21
CA VAL C 53 50.36 4.34 9.64
C VAL C 53 51.19 5.03 8.55
N THR C 54 51.59 4.27 7.54
CA THR C 54 52.37 4.81 6.42
C THR C 54 51.38 5.40 5.44
N LEU C 55 50.33 4.65 5.17
CA LEU C 55 49.29 5.07 4.24
C LEU C 55 48.54 6.30 4.74
N TYR C 56 48.27 6.37 6.04
CA TYR C 56 47.57 7.53 6.58
C TYR C 56 48.26 8.77 6.02
N GLY C 57 49.59 8.72 5.96
CA GLY C 57 50.38 9.82 5.45
C GLY C 57 50.18 10.05 3.95
N MET C 58 50.35 8.99 3.16
CA MET C 58 50.19 9.07 1.71
C MET C 58 48.89 9.80 1.40
N LEU C 59 47.82 9.42 2.09
CA LEU C 59 46.55 10.07 1.91
C LEU C 59 46.72 11.55 2.24
N ASN C 60 47.08 11.83 3.50
CA ASN C 60 47.24 13.20 3.99
C ASN C 60 48.12 14.12 3.14
N THR C 61 49.11 13.57 2.46
CA THR C 61 49.97 14.38 1.60
C THR C 61 49.10 15.04 0.54
N LEU C 62 47.96 14.41 0.24
CA LEU C 62 47.03 14.92 -0.77
C LEU C 62 46.48 16.28 -0.35
N LYS C 63 46.62 16.59 0.93
CA LYS C 63 46.15 17.87 1.48
C LYS C 63 47.10 19.03 1.10
N ASN C 64 48.36 18.69 0.87
CA ASN C 64 49.39 19.67 0.54
C ASN C 64 49.08 20.55 -0.66
N ARG C 65 48.53 19.98 -1.73
CA ARG C 65 48.21 20.77 -2.91
C ARG C 65 46.76 21.23 -2.93
N ASN C 66 45.90 20.46 -2.27
CA ASN C 66 44.48 20.78 -2.19
C ASN C 66 44.11 20.86 -0.70
N PRO C 67 44.56 21.93 -0.02
CA PRO C 67 44.32 22.17 1.41
C PRO C 67 42.84 22.17 1.79
N ASN C 68 41.97 22.18 0.78
CA ASN C 68 40.53 22.21 1.00
C ASN C 68 39.80 20.88 0.80
N LEU C 69 40.47 19.80 1.17
CA LEU C 69 39.90 18.48 1.11
C LEU C 69 40.12 18.03 2.55
N LYS C 70 39.23 17.18 3.05
CA LYS C 70 39.34 16.72 4.43
C LYS C 70 39.33 15.21 4.46
N THR C 71 39.82 14.65 5.55
CA THR C 71 39.85 13.19 5.68
C THR C 71 39.37 12.73 7.03
N LEU C 72 38.54 11.70 7.03
CA LEU C 72 38.05 11.14 8.28
C LEU C 72 38.50 9.69 8.29
N LEU C 73 38.65 9.14 9.47
CA LEU C 73 39.08 7.76 9.62
C LEU C 73 37.84 6.99 10.04
N SER C 74 37.50 5.96 9.27
CA SER C 74 36.33 5.15 9.55
C SER C 74 36.65 3.92 10.37
N VAL C 75 35.94 3.74 11.47
CA VAL C 75 36.17 2.61 12.35
C VAL C 75 34.99 1.66 12.33
N GLY C 76 35.22 0.48 11.76
CA GLY C 76 34.17 -0.51 11.69
C GLY C 76 34.35 -1.38 10.46
N GLY C 77 33.44 -1.23 9.51
CA GLY C 77 33.52 -2.01 8.31
C GLY C 77 32.63 -3.21 8.43
N TRP C 78 32.59 -4.02 7.38
CA TRP C 78 31.77 -5.22 7.33
C TRP C 78 32.36 -6.35 8.17
N ASN C 79 33.69 -6.47 8.14
CA ASN C 79 34.39 -7.53 8.87
C ASN C 79 34.62 -7.29 10.35
N PHE C 80 34.68 -6.03 10.76
CA PHE C 80 34.90 -5.71 12.17
C PHE C 80 34.01 -6.55 13.07
N GLY C 81 32.80 -6.86 12.60
CA GLY C 81 31.91 -7.69 13.39
C GLY C 81 30.89 -6.97 14.25
N SER C 82 29.67 -7.48 14.23
CA SER C 82 28.55 -6.92 14.99
C SER C 82 28.75 -6.89 16.51
N GLN C 83 29.19 -8.02 17.07
CA GLN C 83 29.40 -8.12 18.50
C GLN C 83 30.54 -7.26 19.06
N ARG C 84 31.70 -7.31 18.41
CA ARG C 84 32.85 -6.52 18.85
C ARG C 84 32.50 -5.07 19.17
N PHE C 85 31.66 -4.47 18.34
CA PHE C 85 31.24 -3.08 18.54
C PHE C 85 30.28 -2.94 19.71
N SER C 86 29.25 -3.79 19.74
CA SER C 86 28.26 -3.75 20.81
C SER C 86 28.89 -3.96 22.18
N LYS C 87 29.69 -5.01 22.29
CA LYS C 87 30.36 -5.34 23.55
C LYS C 87 31.30 -4.21 24.00
N ILE C 88 31.91 -3.50 23.05
CA ILE C 88 32.82 -2.41 23.35
C ILE C 88 32.14 -1.08 23.67
N ALA C 89 30.93 -0.89 23.15
CA ALA C 89 30.20 0.36 23.39
C ALA C 89 29.17 0.22 24.51
N SER C 90 28.82 -1.02 24.82
CA SER C 90 27.85 -1.29 25.87
C SER C 90 28.46 -1.07 27.25
N ASN C 91 29.74 -1.39 27.38
CA ASN C 91 30.44 -1.23 28.66
C ASN C 91 30.80 0.24 28.89
N THR C 92 30.05 0.88 29.79
CA THR C 92 30.28 2.29 30.13
C THR C 92 31.78 2.62 30.19
N GLN C 93 32.57 1.69 30.74
CA GLN C 93 34.00 1.90 30.87
C GLN C 93 34.75 1.72 29.55
N SER C 94 34.47 0.61 28.89
CA SER C 94 35.08 0.26 27.61
C SER C 94 34.88 1.40 26.61
N ARG C 95 33.71 2.03 26.68
CA ARG C 95 33.39 3.13 25.81
C ARG C 95 34.34 4.29 26.05
N ARG C 96 34.21 4.93 27.21
CA ARG C 96 35.04 6.06 27.57
C ARG C 96 36.44 5.99 26.98
N THR C 97 37.13 4.88 27.22
CA THR C 97 38.49 4.72 26.70
C THR C 97 38.50 5.01 25.20
N PHE C 98 37.58 4.37 24.49
CA PHE C 98 37.47 4.54 23.05
C PHE C 98 37.25 6.00 22.70
N ILE C 99 36.15 6.56 23.19
CA ILE C 99 35.85 7.96 22.93
C ILE C 99 37.11 8.79 23.20
N LYS C 100 37.70 8.61 24.39
CA LYS C 100 38.88 9.37 24.76
C LYS C 100 40.12 9.09 23.91
N SER C 101 40.22 7.88 23.36
CA SER C 101 41.38 7.48 22.55
C SER C 101 41.36 7.84 21.06
N VAL C 102 40.22 8.35 20.58
CA VAL C 102 40.08 8.71 19.16
C VAL C 102 40.80 9.98 18.71
N PRO C 103 40.49 11.12 19.33
CA PRO C 103 41.11 12.41 18.97
C PRO C 103 42.64 12.37 18.87
N PRO C 104 43.32 12.13 19.99
CA PRO C 104 44.79 12.11 19.90
C PRO C 104 45.32 11.27 18.72
N PHE C 105 44.66 10.16 18.45
CA PHE C 105 45.05 9.27 17.36
C PHE C 105 44.99 9.97 16.02
N LEU C 106 43.84 10.58 15.74
CA LEU C 106 43.62 11.28 14.48
C LEU C 106 44.56 12.50 14.37
N ARG C 107 44.57 13.33 15.41
CA ARG C 107 45.39 14.52 15.45
C ARG C 107 46.86 14.23 15.16
N THR C 108 47.33 13.11 15.69
CA THR C 108 48.73 12.71 15.51
C THR C 108 48.96 12.13 14.10
N HIS C 109 47.87 11.76 13.42
CA HIS C 109 47.96 11.17 12.08
C HIS C 109 47.34 11.97 10.93
N GLY C 110 47.19 13.26 11.12
CA GLY C 110 46.63 14.11 10.08
C GLY C 110 45.16 13.93 9.73
N PHE C 111 44.45 13.09 10.48
CA PHE C 111 43.04 12.88 10.22
C PHE C 111 42.17 13.94 10.87
N ASP C 112 41.24 14.48 10.08
CA ASP C 112 40.34 15.55 10.51
C ASP C 112 39.03 15.13 11.18
N GLY C 113 38.92 13.88 11.60
CA GLY C 113 37.69 13.47 12.25
C GLY C 113 37.42 11.98 12.18
N LEU C 114 36.30 11.56 12.77
CA LEU C 114 35.91 10.16 12.83
C LEU C 114 34.71 9.83 11.95
N ASP C 115 34.51 8.55 11.69
CA ASP C 115 33.39 8.04 10.88
C ASP C 115 32.97 6.72 11.53
N LEU C 116 31.68 6.57 11.81
CA LEU C 116 31.25 5.33 12.46
C LEU C 116 30.54 4.31 11.57
N ALA C 117 31.24 3.22 11.32
CA ALA C 117 30.72 2.13 10.50
C ALA C 117 30.45 0.91 11.38
N TRP C 118 29.32 0.95 12.08
CA TRP C 118 28.93 -0.13 12.96
C TRP C 118 27.88 -0.92 12.20
N LEU C 119 28.27 -2.02 11.58
CA LEU C 119 27.32 -2.80 10.80
C LEU C 119 26.94 -4.17 11.37
N TYR C 120 25.83 -4.25 12.11
CA TYR C 120 25.00 -3.09 12.44
C TYR C 120 24.61 -3.23 13.91
N PRO C 121 23.87 -2.24 14.44
CA PRO C 121 23.43 -2.26 15.83
C PRO C 121 22.09 -2.99 15.91
N GLY C 122 22.05 -4.13 16.60
CA GLY C 122 20.79 -4.86 16.71
C GLY C 122 19.76 -3.99 17.42
N ARG C 123 18.68 -4.58 17.90
CA ARG C 123 17.68 -3.78 18.63
C ARG C 123 18.30 -3.43 19.98
N ARG C 124 19.09 -4.37 20.50
CA ARG C 124 19.76 -4.22 21.79
C ARG C 124 20.95 -3.26 21.78
N ASP C 125 20.99 -2.37 20.80
CA ASP C 125 22.09 -1.42 20.69
C ASP C 125 21.62 -0.04 20.23
N LYS C 126 20.31 0.11 20.02
CA LYS C 126 19.80 1.39 19.56
C LYS C 126 20.30 2.53 20.44
N GLN C 127 19.86 2.57 21.69
CA GLN C 127 20.29 3.64 22.57
C GLN C 127 21.80 3.76 22.68
N HIS C 128 22.48 2.64 22.97
CA HIS C 128 23.92 2.67 23.08
C HIS C 128 24.50 3.52 21.94
N PHE C 129 24.13 3.16 20.72
CA PHE C 129 24.58 3.87 19.53
C PHE C 129 24.33 5.38 19.69
N THR C 130 23.08 5.76 19.97
CA THR C 130 22.69 7.15 20.15
C THR C 130 23.65 7.82 21.13
N THR C 131 23.87 7.15 22.25
CA THR C 131 24.78 7.64 23.28
C THR C 131 26.18 7.79 22.68
N LEU C 132 26.73 6.67 22.21
CA LEU C 132 28.07 6.65 21.62
C LEU C 132 28.33 7.87 20.74
N ILE C 133 27.39 8.18 19.85
CA ILE C 133 27.52 9.32 18.95
C ILE C 133 27.44 10.62 19.76
N LYS C 134 26.53 10.63 20.75
CA LYS C 134 26.33 11.78 21.62
C LYS C 134 27.64 12.07 22.36
N GLU C 135 27.97 11.23 23.32
CA GLU C 135 29.19 11.41 24.08
C GLU C 135 30.39 11.58 23.17
N MET C 136 30.41 10.87 22.05
CA MET C 136 31.53 10.97 21.13
C MET C 136 31.73 12.39 20.62
N LYS C 137 30.65 13.10 20.27
CA LYS C 137 30.83 14.45 19.78
C LYS C 137 31.22 15.36 20.94
N ALA C 138 30.72 15.05 22.13
CA ALA C 138 31.04 15.83 23.32
C ALA C 138 32.55 15.99 23.46
N GLU C 139 33.25 14.85 23.42
CA GLU C 139 34.69 14.85 23.53
C GLU C 139 35.36 15.70 22.45
N PHE C 140 34.86 15.60 21.22
CA PHE C 140 35.44 16.36 20.12
C PHE C 140 35.45 17.86 20.34
N ILE C 141 34.49 18.36 21.12
CA ILE C 141 34.43 19.78 21.39
C ILE C 141 35.46 20.14 22.47
N LYS C 142 35.51 19.29 23.51
CA LYS C 142 36.45 19.46 24.62
C LYS C 142 37.86 19.62 24.08
N GLU C 143 38.31 18.62 23.34
CA GLU C 143 39.65 18.65 22.77
C GLU C 143 39.87 19.88 21.90
N ALA C 144 38.80 20.39 21.28
CA ALA C 144 38.93 21.54 20.39
C ALA C 144 38.66 22.91 20.97
N GLN C 145 38.33 22.97 22.26
CA GLN C 145 38.06 24.26 22.91
C GLN C 145 39.25 25.23 23.05
N PRO C 146 40.49 24.74 22.85
CA PRO C 146 41.64 25.65 22.96
C PRO C 146 41.60 26.73 21.87
N GLY C 147 41.50 26.29 20.61
CA GLY C 147 41.43 27.20 19.48
C GLY C 147 41.64 26.41 18.19
N LYS C 148 41.78 25.10 18.36
CA LYS C 148 42.00 24.16 17.27
C LYS C 148 40.75 23.90 16.42
N LYS C 149 40.97 23.57 15.15
CA LYS C 149 39.89 23.28 14.20
C LYS C 149 39.27 21.95 14.63
N GLN C 150 37.99 22.00 15.02
CA GLN C 150 37.28 20.82 15.50
C GLN C 150 37.27 19.57 14.59
N LEU C 151 37.17 18.43 15.24
CA LEU C 151 37.14 17.13 14.59
C LEU C 151 35.71 16.79 14.17
N LEU C 152 35.55 16.35 12.92
CA LEU C 152 34.24 15.99 12.39
C LEU C 152 33.82 14.61 12.85
N LEU C 153 32.52 14.35 12.76
CA LEU C 153 31.99 13.07 13.18
C LEU C 153 30.80 12.63 12.33
N SER C 154 31.07 11.76 11.35
CA SER C 154 30.03 11.25 10.47
C SER C 154 29.73 9.80 10.78
N ALA C 155 28.74 9.26 10.09
CA ALA C 155 28.34 7.87 10.27
C ALA C 155 27.75 7.27 9.00
N ALA C 156 28.16 6.05 8.69
CA ALA C 156 27.66 5.31 7.54
C ALA C 156 26.51 4.54 8.12
N LEU C 157 25.32 4.64 7.50
CA LEU C 157 24.16 3.92 8.02
C LEU C 157 23.44 3.14 6.95
N SER C 158 22.80 2.05 7.37
CA SER C 158 22.04 1.19 6.47
C SER C 158 20.93 1.96 5.77
N ALA C 159 20.68 1.62 4.51
CA ALA C 159 19.62 2.26 3.72
C ALA C 159 18.37 1.38 3.75
N GLY C 160 18.50 0.22 4.39
CA GLY C 160 17.39 -0.72 4.48
C GLY C 160 16.47 -0.42 5.64
N LYS C 161 15.18 -0.29 5.36
CA LYS C 161 14.18 0.03 6.38
C LYS C 161 14.27 -0.81 7.67
N VAL C 162 13.94 -2.09 7.57
CA VAL C 162 14.01 -2.99 8.71
C VAL C 162 15.22 -2.70 9.61
N THR C 163 16.38 -2.51 9.01
CA THR C 163 17.59 -2.23 9.78
C THR C 163 17.52 -0.87 10.45
N ILE C 164 17.03 0.12 9.72
CA ILE C 164 16.90 1.46 10.26
C ILE C 164 15.98 1.46 11.48
N ASP C 165 14.76 0.90 11.36
CA ASP C 165 13.81 0.87 12.47
C ASP C 165 14.42 0.20 13.70
N SER C 166 14.89 -1.04 13.52
CA SER C 166 15.48 -1.81 14.60
C SER C 166 16.79 -1.24 15.15
N SER C 167 17.16 0.00 14.82
CA SER C 167 18.44 0.52 15.33
C SER C 167 18.91 1.96 15.09
N TYR C 168 18.01 2.88 14.73
CA TYR C 168 18.47 4.24 14.47
C TYR C 168 17.54 5.34 14.95
N ASP C 169 18.02 6.11 15.90
CA ASP C 169 17.22 7.21 16.40
C ASP C 169 17.67 8.42 15.57
N ILE C 170 17.30 8.41 14.29
CA ILE C 170 17.65 9.46 13.33
C ILE C 170 17.44 10.88 13.87
N ALA C 171 16.35 11.07 14.60
CA ALA C 171 16.03 12.37 15.17
C ALA C 171 17.17 12.91 16.03
N LYS C 172 17.68 12.07 16.93
CA LYS C 172 18.77 12.45 17.82
C LYS C 172 20.15 12.37 17.17
N ILE C 173 20.59 11.18 16.81
CA ILE C 173 21.90 11.00 16.21
C ILE C 173 22.26 12.06 15.15
N SER C 174 21.26 12.56 14.43
CA SER C 174 21.48 13.57 13.38
C SER C 174 21.90 14.95 13.89
N GLN C 175 21.62 15.26 15.16
CA GLN C 175 21.97 16.56 15.72
C GLN C 175 23.46 16.58 16.10
N HIS C 176 24.02 15.38 16.32
CA HIS C 176 25.43 15.22 16.69
C HIS C 176 26.32 14.90 15.49
N LEU C 177 25.79 14.19 14.50
CA LEU C 177 26.59 13.86 13.34
C LEU C 177 26.75 15.11 12.50
N ASP C 178 27.95 15.32 11.96
CA ASP C 178 28.15 16.48 11.11
C ASP C 178 27.46 16.15 9.79
N PHE C 179 27.33 14.85 9.53
CA PHE C 179 26.65 14.36 8.33
C PHE C 179 26.43 12.86 8.40
N ILE C 180 25.51 12.38 7.57
CA ILE C 180 25.15 10.97 7.51
C ILE C 180 25.20 10.45 6.09
N SER C 181 25.99 9.41 5.88
CA SER C 181 26.10 8.80 4.57
C SER C 181 25.17 7.63 4.63
N ILE C 182 24.16 7.66 3.78
CA ILE C 182 23.18 6.59 3.73
C ILE C 182 23.60 5.62 2.64
N MET C 183 24.02 4.45 3.09
CA MET C 183 24.48 3.35 2.25
C MET C 183 23.40 2.80 1.32
N THR C 184 22.97 3.59 0.35
CA THR C 184 21.93 3.16 -0.57
C THR C 184 22.31 2.24 -1.71
N TYR C 185 22.69 1.02 -1.34
CA TYR C 185 23.07 -0.02 -2.29
C TYR C 185 23.14 -1.30 -1.46
N ASP C 186 23.15 -2.45 -2.14
CA ASP C 186 23.20 -3.78 -1.51
C ASP C 186 21.81 -4.32 -1.17
N PHE C 187 20.83 -3.94 -1.97
CA PHE C 187 19.45 -4.36 -1.78
C PHE C 187 19.13 -5.82 -2.18
N HIS C 188 19.68 -6.26 -3.31
CA HIS C 188 19.38 -7.63 -3.76
C HIS C 188 20.46 -8.66 -3.44
N GLY C 189 20.14 -9.55 -2.50
CA GLY C 189 21.06 -10.60 -2.13
C GLY C 189 20.89 -11.77 -3.08
N ALA C 190 21.94 -12.58 -3.25
CA ALA C 190 21.88 -13.72 -4.13
C ALA C 190 21.01 -14.85 -3.55
N TRP C 191 20.60 -14.71 -2.29
CA TRP C 191 19.77 -15.70 -1.63
C TRP C 191 18.35 -15.75 -2.20
N ARG C 192 17.92 -14.65 -2.83
CA ARG C 192 16.59 -14.54 -3.44
C ARG C 192 16.34 -15.51 -4.60
N GLY C 193 17.41 -15.91 -5.28
CA GLY C 193 17.26 -16.84 -6.39
C GLY C 193 16.84 -16.21 -7.70
N THR C 194 16.98 -14.89 -7.80
CA THR C 194 16.64 -14.16 -9.03
C THR C 194 17.48 -12.91 -9.14
N THR C 195 17.75 -12.54 -10.38
CA THR C 195 18.53 -11.35 -10.70
C THR C 195 17.78 -10.10 -10.24
N GLY C 196 18.55 -9.09 -9.84
CA GLY C 196 17.97 -7.85 -9.39
C GLY C 196 19.04 -6.81 -9.06
N HIS C 197 18.87 -5.61 -9.59
CA HIS C 197 19.83 -4.56 -9.37
C HIS C 197 19.97 -4.16 -7.90
N HIS C 198 21.15 -4.31 -7.33
CA HIS C 198 21.36 -3.98 -5.91
C HIS C 198 21.33 -2.48 -5.61
N SER C 199 21.23 -1.62 -6.63
CA SER C 199 21.19 -0.20 -6.36
C SER C 199 20.33 0.59 -7.35
N PRO C 200 19.01 0.39 -7.32
CA PRO C 200 18.15 1.11 -8.24
C PRO C 200 17.81 2.48 -7.62
N LEU C 201 17.47 3.46 -8.46
CA LEU C 201 17.13 4.80 -7.96
C LEU C 201 15.73 4.71 -7.37
N PHE C 202 14.78 4.30 -8.20
CA PHE C 202 13.37 4.12 -7.81
C PHE C 202 13.09 2.63 -7.96
N ARG C 203 12.05 2.12 -7.31
CA ARG C 203 11.72 0.69 -7.40
C ARG C 203 11.41 0.17 -8.81
N GLY C 204 11.01 1.05 -9.72
CA GLY C 204 10.68 0.60 -11.06
C GLY C 204 9.35 -0.13 -11.16
N GLN C 205 9.25 -1.08 -12.08
CA GLN C 205 8.02 -1.86 -12.27
C GLN C 205 7.59 -2.57 -10.97
N GLU C 206 6.39 -2.22 -10.51
CA GLU C 206 5.82 -2.73 -9.25
C GLU C 206 5.82 -4.25 -8.95
N ASP C 207 5.62 -5.08 -9.98
CA ASP C 207 5.59 -6.53 -9.76
C ASP C 207 6.84 -7.22 -10.32
N ALA C 208 7.98 -6.54 -10.24
CA ALA C 208 9.23 -7.08 -10.74
C ALA C 208 10.24 -7.08 -9.61
N SER C 209 9.82 -6.55 -8.48
CA SER C 209 10.65 -6.51 -7.28
C SER C 209 9.77 -6.72 -6.05
N PRO C 210 10.30 -7.43 -5.04
CA PRO C 210 9.65 -7.78 -3.77
C PRO C 210 8.92 -6.65 -3.06
N ASP C 211 9.69 -5.72 -2.51
CA ASP C 211 9.11 -4.61 -1.77
C ASP C 211 9.28 -3.22 -2.35
N ARG C 212 8.57 -2.29 -1.72
CA ARG C 212 8.55 -0.88 -2.08
C ARG C 212 9.76 -0.11 -1.54
N PHE C 213 10.51 -0.75 -0.63
CA PHE C 213 11.66 -0.09 -0.04
C PHE C 213 13.04 -0.77 -0.12
N SER C 214 13.49 -0.95 -1.35
CA SER C 214 14.77 -1.55 -1.64
C SER C 214 15.28 -0.80 -2.86
N ASN C 215 15.32 0.52 -2.73
CA ASN C 215 15.79 1.40 -3.77
C ASN C 215 16.31 2.69 -3.11
N THR C 216 17.03 3.51 -3.87
CA THR C 216 17.60 4.72 -3.29
C THR C 216 16.51 5.68 -2.84
N ASP C 217 15.62 6.02 -3.78
CA ASP C 217 14.52 6.96 -3.51
C ASP C 217 13.78 6.74 -2.18
N TYR C 218 13.30 5.53 -1.96
CA TYR C 218 12.60 5.27 -0.73
C TYR C 218 13.49 5.51 0.48
N ALA C 219 14.62 4.81 0.52
CA ALA C 219 15.54 4.94 1.64
C ALA C 219 15.74 6.39 2.06
N VAL C 220 16.10 7.23 1.09
CA VAL C 220 16.32 8.64 1.35
C VAL C 220 15.07 9.25 2.01
N GLY C 221 14.00 9.37 1.23
CA GLY C 221 12.76 9.93 1.76
C GLY C 221 12.41 9.38 3.13
N TYR C 222 12.52 8.07 3.28
CA TYR C 222 12.21 7.48 4.58
C TYR C 222 13.08 8.12 5.64
N MET C 223 14.37 8.21 5.35
CA MET C 223 15.28 8.81 6.31
C MET C 223 14.89 10.26 6.60
N LEU C 224 14.68 11.07 5.55
CA LEU C 224 14.26 12.47 5.70
C LEU C 224 13.04 12.61 6.60
N ARG C 225 12.02 11.80 6.35
CA ARG C 225 10.79 11.83 7.14
C ARG C 225 11.10 11.39 8.58
N LEU C 226 12.13 10.56 8.76
CA LEU C 226 12.48 10.13 10.11
C LEU C 226 13.19 11.23 10.93
N GLY C 227 13.45 12.37 10.30
CA GLY C 227 14.12 13.45 10.99
C GLY C 227 15.42 13.85 10.32
N ALA C 228 16.04 12.92 9.62
CA ALA C 228 17.29 13.19 8.91
C ALA C 228 17.15 14.48 8.11
N PRO C 229 18.03 15.45 8.37
CA PRO C 229 17.95 16.72 7.65
C PRO C 229 18.66 16.61 6.30
N ALA C 230 18.01 17.06 5.23
CA ALA C 230 18.64 16.97 3.92
C ALA C 230 20.05 17.56 3.94
N SER C 231 20.27 18.57 4.77
CA SER C 231 21.58 19.24 4.87
C SER C 231 22.63 18.33 5.51
N LYS C 232 22.16 17.37 6.30
CA LYS C 232 23.04 16.40 6.97
C LYS C 232 22.88 14.99 6.38
N LEU C 233 22.50 14.87 5.11
CA LEU C 233 22.32 13.56 4.53
C LEU C 233 23.09 13.41 3.21
N VAL C 234 24.05 12.49 3.20
CA VAL C 234 24.84 12.22 2.00
C VAL C 234 24.37 10.89 1.45
N MET C 235 24.00 10.88 0.18
CA MET C 235 23.48 9.67 -0.42
C MET C 235 24.53 8.82 -1.08
N GLY C 236 24.64 7.58 -0.60
CA GLY C 236 25.62 6.67 -1.15
C GLY C 236 25.35 6.21 -2.58
N ILE C 237 26.44 6.09 -3.33
CA ILE C 237 26.40 5.61 -4.70
C ILE C 237 27.53 4.61 -4.78
N PRO C 238 27.25 3.42 -5.31
CA PRO C 238 28.26 2.37 -5.42
C PRO C 238 29.03 2.48 -6.71
N THR C 239 30.32 2.16 -6.69
CA THR C 239 31.12 2.17 -7.92
C THR C 239 31.42 0.73 -8.30
N PHE C 240 30.68 -0.19 -7.70
CA PHE C 240 30.85 -1.61 -8.00
C PHE C 240 29.49 -2.17 -8.33
N GLY C 241 29.48 -3.36 -8.92
CA GLY C 241 28.22 -4.01 -9.27
C GLY C 241 28.02 -5.28 -8.47
N ARG C 242 26.86 -5.89 -8.63
CA ARG C 242 26.58 -7.13 -7.93
C ARG C 242 26.19 -8.15 -8.99
N SER C 243 27.07 -9.11 -9.20
CA SER C 243 26.85 -10.13 -10.21
C SER C 243 26.14 -11.34 -9.66
N PHE C 244 25.51 -12.08 -10.55
CA PHE C 244 24.81 -13.32 -10.22
C PHE C 244 25.15 -14.26 -11.35
N THR C 245 25.06 -15.55 -11.11
CA THR C 245 25.34 -16.55 -12.13
C THR C 245 24.00 -17.14 -12.54
N LEU C 246 23.58 -16.86 -13.80
CA LEU C 246 22.28 -17.30 -14.34
C LEU C 246 22.10 -18.80 -14.36
N ALA C 247 20.86 -19.26 -14.43
CA ALA C 247 20.58 -20.67 -14.42
C ALA C 247 19.73 -21.14 -15.60
N SER C 248 19.41 -20.21 -16.50
CA SER C 248 18.62 -20.54 -17.68
C SER C 248 18.91 -19.49 -18.74
N SER C 249 18.26 -19.58 -19.88
CA SER C 249 18.47 -18.63 -20.95
C SER C 249 17.82 -17.28 -20.66
N GLU C 250 16.95 -17.24 -19.66
CA GLU C 250 16.32 -15.97 -19.33
C GLU C 250 17.40 -15.05 -18.77
N THR C 251 17.47 -13.83 -19.27
CA THR C 251 18.48 -12.89 -18.79
C THR C 251 17.92 -11.59 -18.28
N GLY C 252 16.59 -11.49 -18.16
CA GLY C 252 15.99 -10.24 -17.72
C GLY C 252 15.97 -10.07 -16.21
N VAL C 253 15.38 -8.98 -15.71
CA VAL C 253 15.31 -8.76 -14.25
C VAL C 253 14.48 -9.89 -13.67
N GLY C 254 14.90 -10.46 -12.55
CA GLY C 254 14.17 -11.56 -11.94
C GLY C 254 14.28 -12.91 -12.63
N ALA C 255 15.30 -13.11 -13.44
CA ALA C 255 15.52 -14.39 -14.09
C ALA C 255 16.20 -15.26 -13.03
N PRO C 256 15.92 -16.58 -13.03
CA PRO C 256 16.54 -17.46 -12.04
C PRO C 256 18.07 -17.45 -12.05
N ILE C 257 18.65 -17.62 -10.88
CA ILE C 257 20.09 -17.68 -10.72
C ILE C 257 20.45 -18.92 -9.90
N SER C 258 21.70 -19.32 -9.97
CA SER C 258 22.16 -20.48 -9.24
C SER C 258 23.39 -20.06 -8.47
N GLY C 259 23.23 -19.00 -7.68
CA GLY C 259 24.32 -18.48 -6.86
C GLY C 259 24.85 -17.16 -7.36
N PRO C 260 25.85 -16.56 -6.68
CA PRO C 260 26.44 -15.28 -7.06
C PRO C 260 27.32 -15.43 -8.30
N GLY C 261 27.68 -14.29 -8.91
CA GLY C 261 28.50 -14.31 -10.09
C GLY C 261 29.94 -14.71 -9.85
N ILE C 262 30.61 -15.17 -10.92
CA ILE C 262 32.00 -15.59 -10.87
C ILE C 262 32.86 -14.44 -10.34
N PRO C 263 33.81 -14.75 -9.45
CA PRO C 263 34.70 -13.73 -8.87
C PRO C 263 35.43 -12.90 -9.89
N GLY C 264 35.60 -11.63 -9.59
CA GLY C 264 36.30 -10.77 -10.53
C GLY C 264 37.75 -11.13 -10.52
N ARG C 265 38.44 -10.82 -11.62
CA ARG C 265 39.87 -11.10 -11.71
C ARG C 265 40.56 -10.49 -10.50
N PHE C 266 40.52 -9.18 -10.39
CA PHE C 266 41.15 -8.45 -9.32
C PHE C 266 40.48 -8.37 -7.93
N THR C 267 39.14 -8.30 -7.84
CA THR C 267 38.52 -8.22 -6.51
C THR C 267 38.43 -9.59 -5.84
N LYS C 268 38.48 -10.63 -6.67
CA LYS C 268 38.42 -12.00 -6.19
C LYS C 268 37.42 -12.20 -5.04
N GLU C 269 36.16 -11.88 -5.31
CA GLU C 269 35.06 -12.05 -4.35
C GLU C 269 33.80 -12.26 -5.16
N ALA C 270 33.18 -13.43 -5.01
CA ALA C 270 31.98 -13.77 -5.74
C ALA C 270 30.88 -12.75 -5.57
N GLY C 271 30.05 -12.57 -6.61
CA GLY C 271 28.94 -11.65 -6.52
C GLY C 271 29.32 -10.20 -6.52
N THR C 272 30.62 -9.90 -6.60
CA THR C 272 31.08 -8.52 -6.66
C THR C 272 31.95 -8.32 -7.88
N LEU C 273 31.90 -7.10 -8.43
CA LEU C 273 32.71 -6.72 -9.58
C LEU C 273 32.92 -5.24 -9.44
N ALA C 274 34.17 -4.81 -9.51
CA ALA C 274 34.46 -3.38 -9.40
C ALA C 274 34.17 -2.84 -10.79
N TYR C 275 34.09 -1.52 -10.90
CA TYR C 275 33.79 -0.94 -12.18
C TYR C 275 34.86 -1.32 -13.21
N TYR C 276 36.13 -1.31 -12.83
CA TYR C 276 37.16 -1.64 -13.82
C TYR C 276 37.02 -3.06 -14.36
N GLU C 277 36.55 -3.98 -13.52
CA GLU C 277 36.35 -5.34 -13.98
C GLU C 277 35.08 -5.36 -14.80
N ILE C 278 34.16 -4.44 -14.50
CA ILE C 278 32.91 -4.39 -15.24
C ILE C 278 33.17 -3.87 -16.64
N CYS C 279 33.90 -2.77 -16.73
CA CYS C 279 34.22 -2.17 -18.02
C CYS C 279 34.80 -3.24 -18.91
N ASP C 280 35.55 -4.15 -18.31
CA ASP C 280 36.15 -5.21 -19.08
C ASP C 280 35.05 -6.15 -19.50
N PHE C 281 34.37 -6.70 -18.50
CA PHE C 281 33.26 -7.63 -18.69
C PHE C 281 32.36 -7.17 -19.83
N LEU C 282 32.13 -5.86 -19.87
CA LEU C 282 31.25 -5.25 -20.88
C LEU C 282 31.57 -5.48 -22.35
N ARG C 283 32.79 -5.92 -22.66
CA ARG C 283 33.14 -6.17 -24.04
C ARG C 283 32.42 -7.43 -24.48
N GLY C 284 31.62 -7.33 -25.54
CA GLY C 284 30.90 -8.48 -26.02
C GLY C 284 29.66 -8.80 -25.19
N ALA C 285 29.41 -7.94 -24.21
CA ALA C 285 28.27 -8.09 -23.33
C ALA C 285 27.12 -7.25 -23.87
N THR C 286 25.95 -7.40 -23.27
CA THR C 286 24.77 -6.64 -23.68
C THR C 286 24.26 -5.79 -22.51
N VAL C 287 24.14 -4.48 -22.70
CA VAL C 287 23.67 -3.65 -21.61
C VAL C 287 22.16 -3.42 -21.69
N HIS C 288 21.54 -3.15 -20.55
CA HIS C 288 20.10 -2.95 -20.51
C HIS C 288 19.73 -1.91 -19.45
N ARG C 289 19.26 -0.75 -19.88
CA ARG C 289 18.87 0.25 -18.91
C ARG C 289 17.56 -0.23 -18.28
N ILE C 290 17.57 -0.61 -17.00
CA ILE C 290 16.32 -1.03 -16.37
C ILE C 290 15.41 0.20 -16.38
N LEU C 291 14.31 0.11 -17.13
CA LEU C 291 13.34 1.20 -17.30
C LEU C 291 12.86 1.99 -16.10
N GLY C 292 12.29 1.32 -15.11
CA GLY C 292 11.80 2.10 -14.00
C GLY C 292 12.83 2.56 -12.98
N GLN C 293 13.96 1.87 -12.90
CA GLN C 293 14.95 2.20 -11.89
C GLN C 293 16.12 3.09 -12.26
N GLN C 294 16.24 3.41 -13.56
CA GLN C 294 17.29 4.30 -14.04
C GLN C 294 18.69 3.74 -13.87
N VAL C 295 18.78 2.42 -13.93
CA VAL C 295 20.07 1.78 -13.75
C VAL C 295 20.31 0.68 -14.75
N PRO C 296 21.58 0.44 -15.09
CA PRO C 296 21.91 -0.61 -16.05
C PRO C 296 22.29 -1.95 -15.43
N TYR C 297 22.03 -3.01 -16.19
CA TYR C 297 22.41 -4.34 -15.80
C TYR C 297 22.95 -4.88 -17.11
N ALA C 298 24.11 -5.51 -17.06
CA ALA C 298 24.69 -6.06 -18.28
C ALA C 298 24.73 -7.55 -18.10
N THR C 299 24.71 -8.29 -19.20
CA THR C 299 24.75 -9.75 -19.15
C THR C 299 25.48 -10.38 -20.35
N LYS C 300 26.39 -11.30 -20.06
CA LYS C 300 27.10 -11.99 -21.13
C LYS C 300 27.21 -13.42 -20.70
N GLY C 301 26.98 -14.35 -21.62
CA GLY C 301 27.10 -15.75 -21.26
C GLY C 301 26.26 -16.00 -20.01
N ASN C 302 26.73 -16.82 -19.09
CA ASN C 302 25.91 -17.11 -17.93
C ASN C 302 26.02 -16.12 -16.76
N GLN C 303 26.68 -14.98 -16.99
CA GLN C 303 26.86 -13.94 -15.97
C GLN C 303 25.92 -12.71 -16.10
N TRP C 304 25.48 -12.19 -14.95
CA TRP C 304 24.56 -11.04 -14.89
C TRP C 304 25.04 -10.07 -13.85
N VAL C 305 25.23 -8.81 -14.22
CA VAL C 305 25.65 -7.84 -13.21
C VAL C 305 24.91 -6.50 -13.30
N GLY C 306 24.38 -6.05 -12.15
CA GLY C 306 23.67 -4.78 -12.10
C GLY C 306 24.63 -3.78 -11.50
N TYR C 307 24.77 -2.61 -12.09
CA TYR C 307 25.72 -1.64 -11.57
C TYR C 307 25.37 -0.20 -11.95
N ASP C 308 26.35 0.71 -11.87
CA ASP C 308 26.15 2.12 -12.21
C ASP C 308 27.17 2.62 -13.22
N ASP C 309 26.71 3.39 -14.20
CA ASP C 309 27.63 3.99 -15.17
C ASP C 309 27.55 5.51 -15.05
N GLN C 310 28.28 6.20 -15.93
CA GLN C 310 28.30 7.66 -15.90
C GLN C 310 26.86 8.11 -16.04
N GLU C 311 26.18 7.61 -17.06
CA GLU C 311 24.79 7.98 -17.27
C GLU C 311 23.91 7.85 -16.04
N SER C 312 24.07 6.76 -15.29
CA SER C 312 23.24 6.53 -14.11
C SER C 312 23.63 7.23 -12.82
N VAL C 313 24.93 7.39 -12.56
CA VAL C 313 25.30 8.07 -11.33
C VAL C 313 24.90 9.53 -11.45
N LYS C 314 24.90 10.01 -12.69
CA LYS C 314 24.52 11.39 -12.97
C LYS C 314 23.03 11.60 -12.67
N SER C 315 22.23 10.58 -12.95
CA SER C 315 20.79 10.62 -12.70
C SER C 315 20.56 10.66 -11.21
N LYS C 316 21.29 9.81 -10.49
CA LYS C 316 21.15 9.77 -9.04
C LYS C 316 21.58 11.10 -8.47
N VAL C 317 22.55 11.75 -9.12
CA VAL C 317 23.02 13.05 -8.64
C VAL C 317 21.90 14.07 -8.85
N GLN C 318 21.27 14.07 -10.02
CA GLN C 318 20.17 15.01 -10.26
C GLN C 318 19.09 14.76 -9.22
N TYR C 319 18.91 13.49 -8.87
CA TYR C 319 17.93 13.10 -7.88
C TYR C 319 18.15 13.74 -6.52
N LEU C 320 19.36 13.60 -5.97
CA LEU C 320 19.66 14.13 -4.65
C LEU C 320 19.60 15.65 -4.57
N LYS C 321 20.03 16.32 -5.64
CA LYS C 321 19.98 17.78 -5.66
C LYS C 321 18.52 18.23 -5.67
N ASP C 322 17.62 17.43 -6.24
CA ASP C 322 16.19 17.75 -6.28
C ASP C 322 15.66 17.63 -4.87
N ARG C 323 16.24 16.71 -4.10
CA ARG C 323 15.85 16.49 -2.73
C ARG C 323 16.68 17.39 -1.83
N GLN C 324 17.51 18.22 -2.46
CA GLN C 324 18.37 19.16 -1.76
C GLN C 324 19.13 18.48 -0.61
N LEU C 325 19.91 17.47 -0.96
CA LEU C 325 20.70 16.72 0.00
C LEU C 325 22.10 17.31 0.19
N ALA C 326 22.78 16.85 1.24
CA ALA C 326 24.12 17.32 1.56
C ALA C 326 25.15 16.95 0.48
N GLY C 327 24.82 15.98 -0.35
CA GLY C 327 25.73 15.56 -1.41
C GLY C 327 25.67 14.08 -1.68
N ALA C 328 26.68 13.57 -2.39
CA ALA C 328 26.75 12.14 -2.72
C ALA C 328 27.94 11.48 -2.03
N MET C 329 27.79 10.20 -1.68
CA MET C 329 28.86 9.42 -1.05
C MET C 329 29.24 8.32 -2.03
N VAL C 330 30.50 7.91 -2.02
CA VAL C 330 30.96 6.88 -2.94
C VAL C 330 31.59 5.69 -2.23
N TRP C 331 31.59 4.55 -2.91
CA TRP C 331 32.20 3.36 -2.35
C TRP C 331 32.49 2.40 -3.49
N ALA C 332 33.77 2.24 -3.81
CA ALA C 332 34.85 2.95 -3.13
C ALA C 332 35.80 3.50 -4.17
N LEU C 333 36.62 4.47 -3.77
CA LEU C 333 37.56 5.10 -4.68
C LEU C 333 38.47 4.07 -5.35
N ASP C 334 38.60 2.91 -4.72
CA ASP C 334 39.43 1.85 -5.25
C ASP C 334 38.65 0.79 -6.01
N LEU C 335 37.40 1.11 -6.37
CA LEU C 335 36.54 0.19 -7.10
C LEU C 335 36.18 0.84 -8.41
N ASP C 336 36.33 2.15 -8.45
CA ASP C 336 36.07 2.91 -9.66
C ASP C 336 37.35 2.66 -10.43
N ASP C 337 37.33 2.86 -11.73
CA ASP C 337 38.54 2.64 -12.50
C ASP C 337 39.55 3.75 -12.17
N PHE C 338 40.20 3.60 -11.02
CA PHE C 338 41.20 4.57 -10.55
C PHE C 338 42.41 4.58 -11.48
N GLN C 339 42.56 3.48 -12.22
CA GLN C 339 43.63 3.35 -13.18
C GLN C 339 43.31 4.29 -14.32
N GLY C 340 42.30 3.93 -15.09
CA GLY C 340 41.89 4.74 -16.23
C GLY C 340 42.19 3.95 -17.48
N SER C 341 42.65 2.72 -17.28
CA SER C 341 43.03 1.86 -18.38
C SER C 341 41.98 0.84 -18.80
N PHE C 342 41.17 0.40 -17.84
CA PHE C 342 40.13 -0.61 -18.11
C PHE C 342 38.95 -0.09 -18.92
N CYS C 343 38.52 1.13 -18.62
CA CYS C 343 37.40 1.75 -19.30
C CYS C 343 37.89 2.65 -20.41
N GLY C 344 39.18 2.54 -20.71
CA GLY C 344 39.79 3.34 -21.76
C GLY C 344 39.77 4.82 -21.48
N GLN C 345 39.76 5.62 -22.55
CA GLN C 345 39.75 7.08 -22.44
C GLN C 345 41.06 7.60 -21.89
N ASP C 346 41.77 6.72 -21.18
CA ASP C 346 43.04 7.08 -20.58
C ASP C 346 42.78 8.11 -19.48
N LEU C 347 41.53 8.20 -19.04
CA LEU C 347 41.16 9.14 -17.98
C LEU C 347 40.86 8.33 -16.70
N ARG C 348 41.10 8.94 -15.54
CA ARG C 348 40.89 8.26 -14.26
C ARG C 348 39.54 8.52 -13.62
N PHE C 349 39.22 7.66 -12.65
CA PHE C 349 37.99 7.74 -11.86
C PHE C 349 36.75 8.18 -12.63
N PRO C 350 36.43 7.47 -13.72
CA PRO C 350 35.29 7.76 -14.59
C PRO C 350 33.93 8.01 -13.91
N LEU C 351 33.58 7.19 -12.94
CA LEU C 351 32.30 7.37 -12.27
C LEU C 351 32.30 8.52 -11.30
N THR C 352 33.27 8.55 -10.39
CA THR C 352 33.38 9.62 -9.38
C THR C 352 33.51 11.01 -10.01
N ASN C 353 34.24 11.12 -11.12
CA ASN C 353 34.39 12.43 -11.78
C ASN C 353 33.08 12.77 -12.47
N ALA C 354 32.35 11.74 -12.91
CA ALA C 354 31.05 11.99 -13.53
C ALA C 354 30.14 12.48 -12.41
N ILE C 355 30.22 11.82 -11.26
CA ILE C 355 29.43 12.22 -10.12
C ILE C 355 29.75 13.66 -9.77
N LYS C 356 31.04 14.02 -9.84
CA LYS C 356 31.49 15.38 -9.51
C LYS C 356 30.97 16.45 -10.48
N ASP C 357 31.26 16.27 -11.76
CA ASP C 357 30.82 17.20 -12.78
C ASP C 357 29.33 17.45 -12.59
N ALA C 358 28.56 16.37 -12.52
CA ALA C 358 27.13 16.45 -12.33
C ALA C 358 26.72 17.19 -11.06
N LEU C 359 27.51 17.07 -9.99
CA LEU C 359 27.14 17.76 -8.75
C LEU C 359 27.13 19.28 -8.86
N ALA C 360 28.09 19.81 -9.60
CA ALA C 360 28.20 21.25 -9.81
C ALA C 360 27.94 21.55 -11.27
N ALA C 361 26.66 21.51 -11.65
CA ALA C 361 26.24 21.76 -13.01
C ALA C 361 24.72 21.71 -13.08
N THR C 362 24.12 22.75 -13.63
CA THR C 362 22.66 22.84 -13.78
C THR C 362 22.29 24.22 -14.32
N TYR D 1 -6.58 11.50 31.75
CA TYR D 1 -7.00 11.70 30.32
C TYR D 1 -8.00 12.87 30.18
N LYS D 2 -7.81 13.69 29.14
CA LYS D 2 -8.69 14.84 28.86
C LYS D 2 -9.97 14.42 28.17
N LEU D 3 -11.12 14.79 28.72
CA LEU D 3 -12.38 14.44 28.08
C LEU D 3 -13.15 15.67 27.56
N VAL D 4 -12.83 16.09 26.33
CA VAL D 4 -13.44 17.28 25.70
C VAL D 4 -14.88 17.06 25.20
N CYS D 5 -15.77 17.95 25.59
CA CYS D 5 -17.15 17.81 25.18
C CYS D 5 -17.78 19.05 24.59
N TYR D 6 -18.53 18.87 23.53
CA TYR D 6 -19.19 20.01 22.92
C TYR D 6 -20.64 20.16 23.36
N TYR D 7 -21.10 21.40 23.24
CA TYR D 7 -22.47 21.79 23.51
C TYR D 7 -22.75 22.77 22.40
N THR D 8 -23.88 22.57 21.75
CA THR D 8 -24.24 23.46 20.69
C THR D 8 -25.25 24.51 21.20
N SER D 9 -25.07 25.75 20.75
CA SER D 9 -25.96 26.83 21.15
C SER D 9 -27.36 26.66 20.55
N TRP D 10 -27.53 25.73 19.62
CA TRP D 10 -28.83 25.54 18.98
C TRP D 10 -29.65 24.36 19.47
N SER D 11 -29.17 23.66 20.49
CA SER D 11 -29.88 22.50 21.02
C SER D 11 -31.02 22.92 21.94
N GLN D 12 -31.22 24.22 22.06
CA GLN D 12 -32.30 24.73 22.88
C GLN D 12 -33.63 24.75 22.07
N TYR D 13 -33.54 25.15 20.81
CA TYR D 13 -34.71 25.23 19.95
C TYR D 13 -35.27 23.90 19.45
N ARG D 14 -35.19 22.86 20.26
CA ARG D 14 -35.72 21.56 19.82
C ARG D 14 -36.95 21.18 20.63
N GLU D 15 -37.95 20.57 19.98
CA GLU D 15 -39.19 20.20 20.65
C GLU D 15 -39.03 19.59 22.05
N GLY D 16 -40.17 19.39 22.71
CA GLY D 16 -40.21 18.81 24.04
C GLY D 16 -38.92 18.34 24.70
N ASP D 17 -38.87 17.06 25.03
CA ASP D 17 -37.72 16.48 25.69
C ASP D 17 -36.39 16.71 24.99
N GLY D 18 -36.43 17.15 23.74
CA GLY D 18 -35.21 17.38 22.98
C GLY D 18 -34.38 18.63 23.30
N SER D 19 -35.04 19.70 23.72
CA SER D 19 -34.36 20.95 24.05
C SER D 19 -33.30 20.74 25.13
N CYS D 20 -32.14 21.37 24.95
CA CYS D 20 -31.05 21.23 25.92
C CYS D 20 -30.36 22.58 26.18
N PHE D 21 -30.19 22.89 27.46
CA PHE D 21 -29.53 24.12 27.94
C PHE D 21 -28.35 23.72 28.83
N PRO D 22 -27.31 24.56 28.88
CA PRO D 22 -26.11 24.32 29.67
C PRO D 22 -26.34 23.80 31.08
N ASP D 23 -27.53 24.00 31.62
CA ASP D 23 -27.78 23.56 32.99
C ASP D 23 -28.17 22.10 33.07
N ALA D 24 -28.35 21.47 31.92
CA ALA D 24 -28.74 20.06 31.88
C ALA D 24 -27.49 19.20 31.90
N LEU D 25 -26.34 19.85 31.90
CA LEU D 25 -25.07 19.16 31.86
C LEU D 25 -24.44 18.76 33.18
N ASP D 26 -23.82 17.60 33.18
CA ASP D 26 -23.16 17.08 34.36
C ASP D 26 -21.89 17.89 34.58
N ARG D 27 -21.82 18.58 35.71
CA ARG D 27 -20.66 19.40 36.04
C ARG D 27 -19.39 18.56 36.04
N PHE D 28 -19.51 17.33 36.53
CA PHE D 28 -18.38 16.39 36.67
C PHE D 28 -18.09 15.49 35.48
N LEU D 29 -19.00 15.47 34.52
CA LEU D 29 -18.87 14.62 33.35
C LEU D 29 -17.61 14.81 32.50
N CYS D 30 -17.31 16.05 32.10
CA CYS D 30 -16.14 16.30 31.24
C CYS D 30 -14.99 17.08 31.89
N THR D 31 -13.84 17.11 31.23
CA THR D 31 -12.73 17.88 31.78
C THR D 31 -12.75 19.22 31.08
N HIS D 32 -13.44 19.27 29.95
CA HIS D 32 -13.54 20.48 29.18
C HIS D 32 -14.89 20.51 28.48
N ILE D 33 -15.70 21.54 28.71
CA ILE D 33 -17.00 21.65 28.03
C ILE D 33 -16.88 22.84 27.09
N ILE D 34 -17.05 22.59 25.80
CA ILE D 34 -16.89 23.65 24.81
C ILE D 34 -18.19 24.14 24.22
N TYR D 35 -18.35 25.46 24.27
CA TYR D 35 -19.53 26.13 23.74
C TYR D 35 -19.30 26.38 22.27
N SER D 36 -20.29 26.07 21.47
CA SER D 36 -20.16 26.30 20.05
C SER D 36 -21.51 26.68 19.45
N PHE D 37 -21.52 27.65 18.54
CA PHE D 37 -20.28 28.33 18.14
C PHE D 37 -20.29 29.82 18.40
N ALA D 38 -19.17 30.47 18.12
CA ALA D 38 -18.98 31.90 18.31
C ALA D 38 -18.75 32.54 16.97
N ASN D 39 -19.48 33.62 16.69
CA ASN D 39 -19.35 34.33 15.41
C ASN D 39 -18.24 35.38 15.46
N ILE D 40 -17.99 35.97 14.29
CA ILE D 40 -17.00 37.02 14.17
C ILE D 40 -17.66 38.14 13.36
N SER D 41 -18.20 39.11 14.09
CA SER D 41 -18.86 40.24 13.47
C SER D 41 -17.98 41.49 13.60
N ASN D 42 -17.38 41.87 12.48
CA ASN D 42 -16.47 43.01 12.38
C ASN D 42 -15.09 42.62 12.91
N ASP D 43 -14.53 41.56 12.34
CA ASP D 43 -13.22 41.06 12.76
C ASP D 43 -13.11 40.89 14.28
N HIS D 44 -14.26 40.81 14.94
CA HIS D 44 -14.34 40.65 16.40
C HIS D 44 -15.13 39.40 16.76
N ILE D 45 -14.83 38.81 17.90
CA ILE D 45 -15.52 37.61 18.32
C ILE D 45 -16.84 37.95 19.00
N ASP D 46 -17.94 37.87 18.25
CA ASP D 46 -19.27 38.18 18.78
C ASP D 46 -20.11 36.97 19.13
N THR D 47 -21.19 37.19 19.87
CA THR D 47 -22.05 36.07 20.22
C THR D 47 -22.83 35.65 18.97
N TRP D 48 -23.59 34.56 19.08
CA TRP D 48 -24.35 34.01 17.96
C TRP D 48 -25.86 34.08 18.21
N GLU D 49 -26.35 33.33 19.18
CA GLU D 49 -27.77 33.35 19.50
C GLU D 49 -28.04 34.55 20.41
N TRP D 50 -29.23 35.12 20.27
CA TRP D 50 -29.64 36.28 21.06
C TRP D 50 -29.28 36.13 22.53
N ASN D 51 -29.50 34.96 23.11
CA ASN D 51 -29.23 34.74 24.53
C ASN D 51 -27.89 34.10 24.86
N ASP D 52 -26.96 34.11 23.92
CA ASP D 52 -25.66 33.50 24.17
C ASP D 52 -24.99 33.95 25.45
N VAL D 53 -25.21 35.21 25.85
CA VAL D 53 -24.59 35.72 27.07
C VAL D 53 -25.22 35.13 28.34
N THR D 54 -26.48 34.72 28.22
CA THR D 54 -27.15 34.12 29.36
C THR D 54 -26.60 32.71 29.47
N LEU D 55 -26.71 31.97 28.36
CA LEU D 55 -26.21 30.60 28.27
C LEU D 55 -24.74 30.48 28.70
N TYR D 56 -23.89 31.41 28.22
CA TYR D 56 -22.48 31.39 28.60
C TYR D 56 -22.43 31.31 30.12
N GLY D 57 -23.39 31.96 30.77
CA GLY D 57 -23.45 31.93 32.21
C GLY D 57 -23.90 30.57 32.72
N MET D 58 -25.06 30.11 32.26
CA MET D 58 -25.61 28.82 32.68
C MET D 58 -24.55 27.72 32.62
N LEU D 59 -23.61 27.88 31.70
CA LEU D 59 -22.54 26.92 31.53
C LEU D 59 -21.46 27.07 32.59
N ASN D 60 -20.94 28.29 32.74
CA ASN D 60 -19.88 28.57 33.72
C ASN D 60 -20.27 28.33 35.17
N THR D 61 -21.57 28.36 35.42
CA THR D 61 -22.10 28.12 36.77
C THR D 61 -21.78 26.70 37.21
N LEU D 62 -21.45 25.85 36.24
CA LEU D 62 -21.12 24.45 36.47
C LEU D 62 -19.72 24.31 37.06
N LYS D 63 -18.94 25.39 36.96
CA LYS D 63 -17.59 25.39 37.50
C LYS D 63 -17.67 25.55 39.02
N ASN D 64 -18.74 26.19 39.47
CA ASN D 64 -18.98 26.45 40.88
C ASN D 64 -18.81 25.24 41.80
N ARG D 65 -19.53 24.15 41.55
CA ARG D 65 -19.38 22.97 42.39
C ARG D 65 -18.27 22.02 41.89
N ASN D 66 -17.46 22.50 40.96
CA ASN D 66 -16.38 21.69 40.41
C ASN D 66 -15.35 22.55 39.70
N PRO D 67 -14.46 23.21 40.45
CA PRO D 67 -13.42 24.08 39.87
C PRO D 67 -12.44 23.39 38.91
N ASN D 68 -12.56 22.08 38.74
CA ASN D 68 -11.68 21.32 37.83
C ASN D 68 -12.14 21.46 36.37
N LEU D 69 -13.44 21.64 36.21
CA LEU D 69 -14.03 21.79 34.89
C LEU D 69 -13.48 23.03 34.20
N LYS D 70 -13.07 22.88 32.95
CA LYS D 70 -12.55 23.99 32.17
C LYS D 70 -13.52 24.19 31.00
N THR D 71 -13.52 25.37 30.39
CA THR D 71 -14.43 25.62 29.27
C THR D 71 -13.78 26.48 28.21
N LEU D 72 -14.20 26.28 26.96
CA LEU D 72 -13.67 27.03 25.84
C LEU D 72 -14.82 27.43 24.93
N LEU D 73 -14.72 28.61 24.34
CA LEU D 73 -15.75 29.06 23.41
C LEU D 73 -15.20 28.72 22.04
N SER D 74 -15.93 27.91 21.29
CA SER D 74 -15.49 27.51 19.96
C SER D 74 -16.01 28.51 18.94
N VAL D 75 -15.11 28.96 18.06
CA VAL D 75 -15.45 29.92 17.02
C VAL D 75 -15.28 29.27 15.66
N GLY D 76 -16.35 29.30 14.87
CA GLY D 76 -16.29 28.69 13.55
C GLY D 76 -17.46 27.75 13.45
N GLY D 77 -17.17 26.50 13.11
CA GLY D 77 -18.24 25.53 12.96
C GLY D 77 -18.60 25.38 11.49
N TRP D 78 -19.33 24.31 11.19
CA TRP D 78 -19.70 24.04 9.82
C TRP D 78 -20.37 25.20 9.10
N ASN D 79 -21.33 25.84 9.77
CA ASN D 79 -22.07 26.96 9.17
C ASN D 79 -21.26 28.22 8.87
N PHE D 80 -20.67 28.83 9.89
CA PHE D 80 -19.87 30.05 9.75
C PHE D 80 -19.47 30.34 8.30
N GLY D 81 -18.69 29.44 7.70
CA GLY D 81 -18.27 29.64 6.33
C GLY D 81 -16.76 29.72 6.16
N SER D 82 -16.23 28.91 5.25
CA SER D 82 -14.79 28.87 4.98
C SER D 82 -14.19 30.20 4.53
N GLN D 83 -14.90 30.90 3.66
CA GLN D 83 -14.41 32.18 3.14
C GLN D 83 -14.31 33.29 4.22
N ARG D 84 -15.40 33.52 4.95
CA ARG D 84 -15.42 34.53 6.00
C ARG D 84 -14.11 34.45 6.79
N PHE D 85 -13.90 33.30 7.41
CA PHE D 85 -12.70 33.02 8.20
C PHE D 85 -11.44 33.30 7.38
N SER D 86 -11.41 32.80 6.15
CA SER D 86 -10.27 32.98 5.25
C SER D 86 -9.76 34.41 5.21
N LYS D 87 -10.67 35.34 4.95
CA LYS D 87 -10.35 36.76 4.87
C LYS D 87 -9.80 37.28 6.19
N ILE D 88 -10.63 37.16 7.22
CA ILE D 88 -10.27 37.62 8.56
C ILE D 88 -8.89 37.14 9.00
N ALA D 89 -8.32 36.17 8.29
CA ALA D 89 -7.02 35.63 8.64
C ALA D 89 -5.93 35.95 7.63
N SER D 90 -6.32 36.24 6.39
CA SER D 90 -5.34 36.55 5.36
C SER D 90 -4.55 37.85 5.63
N ASN D 91 -5.24 39.00 5.64
CA ASN D 91 -4.57 40.28 5.91
C ASN D 91 -4.14 40.34 7.36
N THR D 92 -3.20 41.23 7.69
CA THR D 92 -2.75 41.35 9.08
C THR D 92 -3.70 42.28 9.83
N GLN D 93 -4.46 43.06 9.05
CA GLN D 93 -5.43 44.00 9.60
C GLN D 93 -6.40 43.25 10.49
N SER D 94 -7.42 42.69 9.87
CA SER D 94 -8.48 41.93 10.54
C SER D 94 -7.94 40.84 11.48
N ARG D 95 -6.80 40.27 11.10
CA ARG D 95 -6.19 39.22 11.90
C ARG D 95 -5.78 39.68 13.29
N ARG D 96 -5.24 40.90 13.38
CA ARG D 96 -4.82 41.46 14.67
C ARG D 96 -6.02 41.94 15.46
N THR D 97 -7.01 42.49 14.76
CA THR D 97 -8.22 42.99 15.38
C THR D 97 -8.86 41.82 16.13
N PHE D 98 -9.08 40.74 15.39
CA PHE D 98 -9.68 39.50 15.90
C PHE D 98 -8.89 38.94 17.08
N ILE D 99 -7.61 38.63 16.84
CA ILE D 99 -6.77 38.10 17.90
C ILE D 99 -6.94 38.98 19.13
N LYS D 100 -6.99 40.29 18.91
CA LYS D 100 -7.13 41.24 19.99
C LYS D 100 -8.43 41.08 20.77
N SER D 101 -9.55 41.03 20.07
CA SER D 101 -10.86 40.89 20.72
C SER D 101 -11.03 39.65 21.60
N VAL D 102 -10.47 38.53 21.15
CA VAL D 102 -10.59 37.27 21.85
C VAL D 102 -10.38 37.24 23.36
N PRO D 103 -9.17 37.54 23.85
CA PRO D 103 -8.85 37.54 25.29
C PRO D 103 -9.85 38.23 26.21
N PRO D 104 -10.15 39.51 25.95
CA PRO D 104 -11.11 40.17 26.84
C PRO D 104 -12.47 39.49 26.83
N PHE D 105 -13.06 39.36 25.64
CA PHE D 105 -14.37 38.73 25.49
C PHE D 105 -14.47 37.43 26.28
N LEU D 106 -13.44 36.58 26.15
CA LEU D 106 -13.44 35.32 26.89
C LEU D 106 -13.45 35.61 28.40
N ARG D 107 -12.57 36.53 28.81
CA ARG D 107 -12.42 36.92 30.21
C ARG D 107 -13.71 37.48 30.79
N THR D 108 -14.27 38.47 30.10
CA THR D 108 -15.50 39.12 30.53
C THR D 108 -16.69 38.16 30.48
N HIS D 109 -16.42 36.90 30.15
CA HIS D 109 -17.49 35.88 30.05
C HIS D 109 -17.30 34.51 30.74
N GLY D 110 -16.27 34.38 31.57
CA GLY D 110 -16.07 33.13 32.27
C GLY D 110 -15.55 31.96 31.47
N PHE D 111 -14.92 32.24 30.32
CA PHE D 111 -14.36 31.18 29.49
C PHE D 111 -12.88 30.96 29.74
N ASP D 112 -12.51 29.68 29.83
CA ASP D 112 -11.13 29.30 30.08
C ASP D 112 -10.23 29.19 28.86
N GLY D 113 -10.76 29.49 27.67
CA GLY D 113 -9.92 29.38 26.50
C GLY D 113 -10.67 29.44 25.19
N LEU D 114 -9.92 29.37 24.09
CA LEU D 114 -10.52 29.42 22.76
C LEU D 114 -10.35 28.13 21.96
N ASP D 115 -11.39 27.81 21.19
CA ASP D 115 -11.39 26.62 20.35
C ASP D 115 -11.57 27.08 18.90
N LEU D 116 -10.53 26.90 18.09
CA LEU D 116 -10.59 27.28 16.68
C LEU D 116 -11.20 26.14 15.86
N ALA D 117 -12.39 26.37 15.33
CA ALA D 117 -13.07 25.36 14.54
C ALA D 117 -13.28 25.88 13.13
N TRP D 118 -12.17 26.17 12.45
CA TRP D 118 -12.24 26.66 11.08
C TRP D 118 -12.44 25.44 10.20
N LEU D 119 -13.49 25.44 9.38
CA LEU D 119 -13.79 24.29 8.52
C LEU D 119 -14.06 24.62 7.05
N TYR D 120 -13.04 24.53 6.21
CA TYR D 120 -11.68 24.23 6.62
C TYR D 120 -10.79 25.17 5.82
N PRO D 121 -9.51 25.25 6.16
CA PRO D 121 -8.59 26.13 5.42
C PRO D 121 -8.32 25.58 4.01
N GLY D 122 -8.60 26.34 2.97
CA GLY D 122 -8.29 25.84 1.63
C GLY D 122 -6.79 25.56 1.63
N ARG D 123 -6.24 24.95 0.58
CA ARG D 123 -4.80 24.69 0.54
C ARG D 123 -4.05 26.02 0.59
N ARG D 124 -4.80 27.06 0.22
CA ARG D 124 -4.36 28.45 0.15
C ARG D 124 -4.33 29.18 1.49
N ASP D 125 -4.84 28.55 2.54
CA ASP D 125 -4.85 29.18 3.85
C ASP D 125 -4.02 28.40 4.85
N LYS D 126 -3.32 27.37 4.37
CA LYS D 126 -2.47 26.55 5.24
C LYS D 126 -1.40 27.36 5.96
N GLN D 127 -0.67 28.19 5.22
CA GLN D 127 0.36 29.00 5.83
C GLN D 127 -0.31 30.02 6.75
N HIS D 128 -1.39 30.59 6.26
CA HIS D 128 -2.12 31.57 7.06
C HIS D 128 -2.55 30.93 8.38
N PHE D 129 -3.31 29.85 8.28
CA PHE D 129 -3.80 29.11 9.44
C PHE D 129 -2.68 28.94 10.48
N THR D 130 -1.49 28.56 10.01
CA THR D 130 -0.35 28.38 10.91
C THR D 130 -0.11 29.67 11.69
N THR D 131 0.01 30.77 10.95
CA THR D 131 0.25 32.07 11.58
C THR D 131 -0.88 32.37 12.56
N LEU D 132 -2.10 32.39 12.05
CA LEU D 132 -3.27 32.68 12.88
C LEU D 132 -3.19 31.98 14.25
N ILE D 133 -2.62 30.78 14.29
CA ILE D 133 -2.52 30.06 15.56
C ILE D 133 -1.27 30.43 16.33
N LYS D 134 -0.20 30.68 15.58
CA LYS D 134 1.08 31.08 16.16
C LYS D 134 0.81 32.37 16.94
N GLU D 135 0.41 33.40 16.21
CA GLU D 135 0.12 34.71 16.76
C GLU D 135 -0.93 34.71 17.87
N MET D 136 -2.08 34.08 17.60
CA MET D 136 -3.17 34.01 18.58
C MET D 136 -2.65 33.47 19.92
N LYS D 137 -1.69 32.54 19.86
CA LYS D 137 -1.09 31.97 21.07
C LYS D 137 -0.12 32.98 21.67
N ALA D 138 0.60 33.69 20.81
CA ALA D 138 1.55 34.72 21.26
C ALA D 138 0.78 35.72 22.13
N GLU D 139 -0.38 36.12 21.61
CA GLU D 139 -1.27 37.06 22.30
C GLU D 139 -1.71 36.50 23.66
N PHE D 140 -2.26 35.28 23.66
CA PHE D 140 -2.72 34.63 24.89
C PHE D 140 -1.70 34.68 26.00
N ILE D 141 -0.44 34.89 25.63
CA ILE D 141 0.65 34.99 26.61
C ILE D 141 0.75 36.43 27.08
N LYS D 142 0.73 37.34 26.11
CA LYS D 142 0.82 38.76 26.38
C LYS D 142 -0.22 39.21 27.40
N GLU D 143 -1.29 38.44 27.55
CA GLU D 143 -2.34 38.78 28.50
C GLU D 143 -2.17 38.16 29.88
N ALA D 144 -1.71 36.93 29.92
CA ALA D 144 -1.53 36.21 31.18
C ALA D 144 -0.28 36.58 31.97
N GLN D 145 0.62 37.32 31.35
CA GLN D 145 1.84 37.71 32.05
C GLN D 145 1.58 38.45 33.36
N PRO D 146 0.45 39.19 33.45
CA PRO D 146 0.17 39.90 34.70
C PRO D 146 -0.07 38.99 35.92
N GLY D 147 0.01 37.68 35.73
CA GLY D 147 -0.19 36.74 36.83
C GLY D 147 -1.47 35.92 36.77
N LYS D 148 -2.21 36.05 35.67
CA LYS D 148 -3.46 35.31 35.47
C LYS D 148 -3.19 33.85 35.09
N LYS D 149 -4.27 33.11 34.88
CA LYS D 149 -4.22 31.70 34.45
C LYS D 149 -4.39 31.78 32.93
N GLN D 150 -3.33 31.47 32.17
CA GLN D 150 -3.36 31.55 30.72
C GLN D 150 -4.55 30.86 30.03
N LEU D 151 -5.07 31.53 28.99
CA LEU D 151 -6.20 31.01 28.22
C LEU D 151 -5.80 29.87 27.30
N LEU D 152 -6.59 28.79 27.31
CA LEU D 152 -6.36 27.60 26.47
C LEU D 152 -6.72 27.82 25.00
N LEU D 153 -5.85 27.33 24.10
CA LEU D 153 -6.09 27.45 22.67
C LEU D 153 -6.11 26.06 21.99
N SER D 154 -7.24 25.70 21.39
CA SER D 154 -7.35 24.40 20.72
C SER D 154 -7.97 24.50 19.32
N ALA D 155 -7.95 23.39 18.59
CA ALA D 155 -8.52 23.38 17.26
C ALA D 155 -9.19 22.05 16.92
N ALA D 156 -10.29 22.13 16.20
CA ALA D 156 -11.03 20.95 15.78
C ALA D 156 -10.60 20.74 14.35
N LEU D 157 -9.67 19.82 14.11
CA LEU D 157 -9.21 19.59 12.74
C LEU D 157 -9.94 18.44 12.06
N SER D 158 -9.93 18.46 10.73
CA SER D 158 -10.57 17.41 9.96
C SER D 158 -9.81 16.10 10.13
N ALA D 159 -10.49 14.98 9.94
CA ALA D 159 -9.87 13.68 10.12
C ALA D 159 -9.65 12.98 8.78
N GLY D 160 -10.13 13.60 7.71
CA GLY D 160 -9.98 13.01 6.39
C GLY D 160 -8.63 13.35 5.78
N LYS D 161 -7.91 12.33 5.28
CA LYS D 161 -6.58 12.52 4.69
C LYS D 161 -6.44 13.72 3.76
N VAL D 162 -7.17 13.73 2.65
CA VAL D 162 -7.10 14.84 1.71
C VAL D 162 -6.96 16.18 2.44
N THR D 163 -8.04 16.59 3.12
CA THR D 163 -8.07 17.85 3.88
C THR D 163 -6.89 18.05 4.82
N ILE D 164 -6.68 17.10 5.73
CA ILE D 164 -5.58 17.20 6.66
C ILE D 164 -4.35 17.66 5.91
N ASP D 165 -4.18 17.16 4.70
CA ASP D 165 -3.02 17.51 3.89
C ASP D 165 -3.08 18.87 3.25
N SER D 166 -4.18 19.15 2.58
CA SER D 166 -4.32 20.42 1.90
C SER D 166 -4.75 21.56 2.82
N SER D 167 -4.53 21.43 4.11
CA SER D 167 -4.96 22.51 5.01
C SER D 167 -4.17 22.70 6.25
N TYR D 168 -3.46 21.66 6.70
CA TYR D 168 -2.72 21.78 7.95
C TYR D 168 -1.23 21.47 7.88
N ASP D 169 -0.49 22.24 8.66
CA ASP D 169 0.93 22.05 8.81
C ASP D 169 0.97 21.61 10.26
N ILE D 170 0.53 20.37 10.50
CA ILE D 170 0.45 19.77 11.82
C ILE D 170 1.71 19.94 12.66
N ALA D 171 2.86 19.60 12.07
CA ALA D 171 4.14 19.69 12.77
C ALA D 171 4.32 21.05 13.44
N LYS D 172 3.97 22.12 12.72
CA LYS D 172 4.10 23.46 13.27
C LYS D 172 3.01 23.85 14.28
N ILE D 173 1.75 23.91 13.85
CA ILE D 173 0.67 24.29 14.75
C ILE D 173 0.58 23.38 15.99
N SER D 174 0.99 22.12 15.86
CA SER D 174 0.95 21.21 17.00
C SER D 174 1.65 21.81 18.21
N GLN D 175 2.57 22.74 17.96
CA GLN D 175 3.33 23.38 19.04
C GLN D 175 2.54 24.39 19.87
N HIS D 176 1.81 25.25 19.17
CA HIS D 176 1.03 26.29 19.81
C HIS D 176 -0.33 25.85 20.33
N LEU D 177 -0.86 24.74 19.83
CA LEU D 177 -2.16 24.27 20.30
C LEU D 177 -2.00 23.51 21.61
N ASP D 178 -2.86 23.79 22.57
CA ASP D 178 -2.77 23.08 23.84
C ASP D 178 -3.29 21.65 23.68
N PHE D 179 -4.07 21.44 22.63
CA PHE D 179 -4.60 20.12 22.34
C PHE D 179 -5.41 20.18 21.06
N ILE D 180 -5.44 19.06 20.35
CA ILE D 180 -6.15 18.95 19.08
C ILE D 180 -7.25 17.91 19.15
N SER D 181 -8.33 18.20 18.46
CA SER D 181 -9.44 17.29 18.42
C SER D 181 -9.62 16.84 16.99
N ILE D 182 -9.25 15.59 16.72
CA ILE D 182 -9.43 15.09 15.37
C ILE D 182 -10.85 14.51 15.26
N MET D 183 -11.63 15.25 14.48
CA MET D 183 -13.02 14.95 14.23
C MET D 183 -13.15 13.67 13.44
N THR D 184 -12.97 12.54 14.12
CA THR D 184 -13.05 11.27 13.43
C THR D 184 -14.49 10.74 13.28
N TYR D 185 -15.21 11.37 12.36
CA TYR D 185 -16.58 11.02 12.02
C TYR D 185 -17.02 11.78 10.74
N ASP D 186 -18.18 11.44 10.17
CA ASP D 186 -18.66 12.05 8.92
C ASP D 186 -17.76 11.60 7.75
N PHE D 187 -17.55 10.29 7.68
CA PHE D 187 -16.70 9.63 6.70
C PHE D 187 -17.38 9.01 5.45
N HIS D 188 -18.69 8.80 5.47
CA HIS D 188 -19.38 8.18 4.32
C HIS D 188 -20.65 8.98 4.03
N GLY D 189 -20.59 9.79 2.97
CA GLY D 189 -21.72 10.64 2.60
C GLY D 189 -22.80 9.92 1.80
N ALA D 190 -24.01 10.50 1.82
CA ALA D 190 -25.15 9.93 1.10
C ALA D 190 -24.94 9.92 -0.43
N TRP D 191 -23.98 10.73 -0.90
CA TRP D 191 -23.71 10.78 -2.33
C TRP D 191 -23.04 9.50 -2.84
N ARG D 192 -22.26 8.84 -2.00
CA ARG D 192 -21.57 7.61 -2.40
C ARG D 192 -22.51 6.55 -2.99
N GLY D 193 -23.78 6.65 -2.59
CA GLY D 193 -24.78 5.73 -3.10
C GLY D 193 -24.90 4.44 -2.33
N THR D 194 -24.13 4.30 -1.27
CA THR D 194 -24.20 3.08 -0.49
C THR D 194 -24.12 3.35 1.00
N THR D 195 -24.54 2.34 1.77
CA THR D 195 -24.51 2.42 3.22
C THR D 195 -23.08 2.29 3.70
N GLY D 196 -22.75 3.07 4.72
CA GLY D 196 -21.42 3.04 5.26
C GLY D 196 -21.39 3.70 6.61
N HIS D 197 -20.67 3.10 7.54
CA HIS D 197 -20.61 3.67 8.86
C HIS D 197 -19.75 4.92 8.78
N HIS D 198 -20.29 6.03 9.30
CA HIS D 198 -19.61 7.33 9.26
C HIS D 198 -18.45 7.45 10.26
N SER D 199 -18.34 6.53 11.21
CA SER D 199 -17.28 6.59 12.21
C SER D 199 -16.76 5.18 12.58
N PRO D 200 -16.13 4.51 11.62
CA PRO D 200 -15.66 3.18 11.98
C PRO D 200 -14.27 3.32 12.60
N LEU D 201 -13.95 2.44 13.55
CA LEU D 201 -12.66 2.45 14.22
C LEU D 201 -11.51 1.96 13.30
N PHE D 202 -11.77 0.92 12.50
CA PHE D 202 -10.80 0.37 11.57
C PHE D 202 -11.39 0.26 10.17
N ARG D 203 -10.58 -0.07 9.19
CA ARG D 203 -11.11 -0.16 7.86
C ARG D 203 -12.14 -1.26 7.67
N GLY D 204 -11.91 -2.41 8.28
CA GLY D 204 -12.82 -3.54 8.12
C GLY D 204 -12.50 -4.31 6.83
N GLN D 205 -13.47 -5.09 6.35
CA GLN D 205 -13.30 -5.90 5.13
C GLN D 205 -12.60 -5.12 4.02
N GLU D 206 -11.35 -5.46 3.76
CA GLU D 206 -10.52 -4.80 2.74
C GLU D 206 -11.23 -4.30 1.48
N ASP D 207 -12.20 -5.06 0.96
CA ASP D 207 -12.89 -4.64 -0.26
C ASP D 207 -14.37 -4.25 -0.10
N ALA D 208 -14.73 -3.80 1.10
CA ALA D 208 -16.11 -3.41 1.38
C ALA D 208 -16.17 -1.91 1.47
N SER D 209 -15.01 -1.26 1.41
CA SER D 209 -14.98 0.19 1.47
C SER D 209 -14.04 0.68 0.39
N PRO D 210 -14.39 1.79 -0.27
CA PRO D 210 -13.63 2.43 -1.35
C PRO D 210 -12.15 2.67 -1.05
N ASP D 211 -11.85 3.41 0.01
CA ASP D 211 -10.45 3.66 0.32
C ASP D 211 -10.08 3.28 1.74
N ARG D 212 -8.79 3.08 1.96
CA ARG D 212 -8.30 2.67 3.25
C ARG D 212 -8.24 3.77 4.29
N PHE D 213 -8.41 5.02 3.89
CA PHE D 213 -8.31 6.06 4.91
C PHE D 213 -9.53 6.86 5.39
N SER D 214 -10.70 6.23 5.38
CA SER D 214 -11.91 6.86 5.87
C SER D 214 -12.31 6.15 7.15
N ASN D 215 -11.44 6.19 8.15
CA ASN D 215 -11.71 5.56 9.44
C ASN D 215 -10.84 6.19 10.53
N THR D 216 -11.23 5.99 11.78
CA THR D 216 -10.55 6.56 12.94
C THR D 216 -9.09 6.20 13.07
N ASP D 217 -8.80 4.91 12.97
CA ASP D 217 -7.43 4.42 13.08
C ASP D 217 -6.48 5.08 12.07
N TYR D 218 -6.84 5.09 10.80
CA TYR D 218 -5.97 5.72 9.81
C TYR D 218 -5.71 7.18 10.15
N ALA D 219 -6.79 7.95 10.31
CA ALA D 219 -6.73 9.37 10.66
C ALA D 219 -5.81 9.60 11.85
N VAL D 220 -6.14 8.98 12.97
CA VAL D 220 -5.33 9.08 14.18
C VAL D 220 -3.89 8.79 13.85
N GLY D 221 -3.69 7.66 13.17
CA GLY D 221 -2.36 7.26 12.77
C GLY D 221 -1.71 8.29 11.87
N TYR D 222 -2.33 8.55 10.73
CA TYR D 222 -1.79 9.51 9.78
C TYR D 222 -1.25 10.77 10.46
N MET D 223 -2.10 11.39 11.28
CA MET D 223 -1.79 12.62 11.99
C MET D 223 -0.59 12.48 12.95
N LEU D 224 -0.44 11.33 13.60
CA LEU D 224 0.70 11.13 14.50
C LEU D 224 1.98 11.19 13.67
N ARG D 225 1.90 10.60 12.50
CA ARG D 225 2.99 10.52 11.55
C ARG D 225 3.39 11.93 11.11
N LEU D 226 2.40 12.76 10.82
CA LEU D 226 2.66 14.14 10.39
C LEU D 226 3.30 14.98 11.51
N GLY D 227 3.60 14.35 12.64
CA GLY D 227 4.24 15.08 13.71
C GLY D 227 3.43 15.41 14.96
N ALA D 228 2.11 15.47 14.84
CA ALA D 228 1.28 15.78 16.01
C ALA D 228 1.61 14.84 17.18
N PRO D 229 1.93 15.43 18.33
CA PRO D 229 2.26 14.65 19.53
C PRO D 229 1.04 13.90 20.01
N ALA D 230 1.22 12.87 20.81
CA ALA D 230 0.11 12.08 21.32
C ALA D 230 -0.61 12.84 22.43
N SER D 231 0.18 13.54 23.24
CA SER D 231 -0.29 14.31 24.36
C SER D 231 -1.16 15.50 23.96
N LYS D 232 -1.11 15.87 22.69
CA LYS D 232 -1.92 16.97 22.22
C LYS D 232 -2.99 16.47 21.26
N LEU D 233 -3.32 15.19 21.36
CA LEU D 233 -4.30 14.62 20.44
C LEU D 233 -5.52 14.03 21.12
N VAL D 234 -6.68 14.58 20.82
CA VAL D 234 -7.91 14.10 21.40
C VAL D 234 -8.67 13.44 20.25
N MET D 235 -9.16 12.23 20.49
CA MET D 235 -9.85 11.51 19.45
C MET D 235 -11.35 11.75 19.48
N GLY D 236 -11.87 12.34 18.40
CA GLY D 236 -13.28 12.61 18.36
C GLY D 236 -14.10 11.32 18.36
N ILE D 237 -15.30 11.39 18.95
CA ILE D 237 -16.22 10.27 19.03
C ILE D 237 -17.63 10.82 18.95
N PRO D 238 -18.34 10.57 17.84
CA PRO D 238 -19.69 11.06 17.67
C PRO D 238 -20.68 10.35 18.60
N THR D 239 -21.71 11.09 19.02
CA THR D 239 -22.76 10.50 19.83
C THR D 239 -23.99 10.56 18.96
N PHE D 240 -23.78 10.79 17.68
CA PHE D 240 -24.89 10.85 16.72
C PHE D 240 -24.62 9.84 15.64
N GLY D 241 -25.66 9.45 14.91
CA GLY D 241 -25.47 8.49 13.85
C GLY D 241 -25.86 9.08 12.50
N ARG D 242 -25.32 8.55 11.41
CA ARG D 242 -25.66 9.04 10.10
C ARG D 242 -26.57 8.00 9.47
N SER D 243 -27.72 8.44 8.97
CA SER D 243 -28.70 7.54 8.37
C SER D 243 -28.87 7.65 6.86
N PHE D 244 -29.54 6.66 6.29
CA PHE D 244 -29.79 6.66 4.86
C PHE D 244 -31.16 5.99 4.64
N THR D 245 -31.67 6.11 3.43
CA THR D 245 -32.93 5.47 3.10
C THR D 245 -32.50 4.42 2.06
N LEU D 246 -32.72 3.15 2.36
CA LEU D 246 -32.35 2.07 1.46
C LEU D 246 -33.18 2.11 0.17
N ALA D 247 -32.65 1.52 -0.89
CA ALA D 247 -33.36 1.52 -2.17
C ALA D 247 -33.78 0.13 -2.55
N SER D 248 -33.35 -0.85 -1.75
CA SER D 248 -33.70 -2.23 -2.04
C SER D 248 -33.86 -3.00 -0.75
N SER D 249 -34.10 -4.30 -0.92
CA SER D 249 -34.28 -5.19 0.21
C SER D 249 -32.91 -5.46 0.80
N GLU D 250 -31.86 -5.04 0.09
CA GLU D 250 -30.52 -5.28 0.59
C GLU D 250 -30.28 -4.33 1.76
N THR D 251 -29.63 -4.82 2.82
CA THR D 251 -29.39 -4.00 4.01
C THR D 251 -28.03 -4.08 4.70
N GLY D 252 -27.03 -4.67 4.04
CA GLY D 252 -25.72 -4.76 4.67
C GLY D 252 -24.87 -3.53 4.42
N VAL D 253 -23.57 -3.59 4.66
CA VAL D 253 -22.74 -2.42 4.38
C VAL D 253 -22.68 -2.35 2.84
N GLY D 254 -22.56 -1.15 2.30
CA GLY D 254 -22.49 -1.01 0.85
C GLY D 254 -23.78 -1.32 0.12
N ALA D 255 -24.91 -1.30 0.83
CA ALA D 255 -26.18 -1.57 0.18
C ALA D 255 -26.59 -0.28 -0.51
N PRO D 256 -27.37 -0.38 -1.59
CA PRO D 256 -27.82 0.81 -2.32
C PRO D 256 -28.83 1.63 -1.55
N ILE D 257 -28.63 2.94 -1.61
CA ILE D 257 -29.49 3.90 -0.93
C ILE D 257 -30.05 4.94 -1.91
N SER D 258 -31.08 5.64 -1.47
CA SER D 258 -31.71 6.67 -2.31
C SER D 258 -31.81 7.99 -1.57
N GLY D 259 -30.72 8.41 -0.93
CA GLY D 259 -30.76 9.67 -0.20
C GLY D 259 -30.42 9.53 1.27
N PRO D 260 -30.38 10.64 2.03
CA PRO D 260 -30.04 10.45 3.44
C PRO D 260 -31.18 9.74 4.12
N GLY D 261 -31.20 9.71 5.44
CA GLY D 261 -32.27 9.02 6.10
C GLY D 261 -33.28 9.99 6.64
N ILE D 262 -34.50 9.50 6.82
CA ILE D 262 -35.57 10.33 7.34
C ILE D 262 -35.11 11.03 8.63
N PRO D 263 -35.51 12.29 8.81
CA PRO D 263 -35.18 13.16 9.96
C PRO D 263 -35.72 12.73 11.31
N GLY D 264 -34.85 12.79 12.32
CA GLY D 264 -35.26 12.41 13.67
C GLY D 264 -36.35 13.35 14.10
N ARG D 265 -37.25 12.89 14.96
CA ARG D 265 -38.35 13.76 15.41
C ARG D 265 -37.88 14.99 16.19
N PHE D 266 -36.67 14.95 16.74
CA PHE D 266 -36.15 16.09 17.50
C PHE D 266 -35.04 16.89 16.83
N THR D 267 -34.03 16.22 16.29
CA THR D 267 -32.93 16.96 15.66
C THR D 267 -33.34 17.42 14.26
N LYS D 268 -34.36 16.78 13.72
CA LYS D 268 -34.90 17.10 12.40
C LYS D 268 -33.84 17.54 11.41
N GLU D 269 -33.16 16.58 10.79
CA GLU D 269 -32.15 16.91 9.79
C GLU D 269 -31.69 15.71 8.97
N ALA D 270 -32.47 15.31 7.98
CA ALA D 270 -32.12 14.17 7.13
C ALA D 270 -30.64 13.81 7.18
N GLY D 271 -30.37 12.52 7.39
CA GLY D 271 -29.00 12.01 7.44
C GLY D 271 -28.44 11.93 8.87
N THR D 272 -29.11 12.60 9.80
CA THR D 272 -28.67 12.62 11.18
C THR D 272 -29.68 12.02 12.13
N LEU D 273 -29.19 11.57 13.28
CA LEU D 273 -30.01 11.00 14.33
C LEU D 273 -29.21 11.12 15.61
N ALA D 274 -29.82 11.68 16.65
CA ALA D 274 -29.18 11.82 17.94
C ALA D 274 -29.23 10.44 18.64
N TYR D 275 -28.27 10.17 19.53
CA TYR D 275 -28.30 8.89 20.17
C TYR D 275 -29.65 8.57 20.79
N TYR D 276 -30.28 9.55 21.43
CA TYR D 276 -31.58 9.27 22.03
C TYR D 276 -32.64 8.97 20.97
N GLU D 277 -32.46 9.45 19.75
CA GLU D 277 -33.43 9.14 18.72
C GLU D 277 -33.09 7.76 18.20
N ILE D 278 -31.80 7.42 18.19
CA ILE D 278 -31.42 6.10 17.72
C ILE D 278 -32.02 5.07 18.66
N CYS D 279 -31.96 5.36 19.97
CA CYS D 279 -32.53 4.46 20.97
C CYS D 279 -33.98 4.12 20.68
N ASP D 280 -34.76 5.08 20.21
CA ASP D 280 -36.16 4.79 19.89
C ASP D 280 -36.11 3.87 18.71
N PHE D 281 -35.44 4.35 17.66
CA PHE D 281 -35.30 3.60 16.42
C PHE D 281 -35.07 2.11 16.67
N LEU D 282 -34.12 1.82 17.57
CA LEU D 282 -33.74 0.46 17.91
C LEU D 282 -34.89 -0.48 18.23
N ARG D 283 -35.91 0.02 18.92
CA ARG D 283 -37.03 -0.83 19.27
C ARG D 283 -37.64 -1.42 18.00
N GLY D 284 -37.44 -2.72 17.81
CA GLY D 284 -37.98 -3.37 16.64
C GLY D 284 -37.00 -3.35 15.47
N ALA D 285 -35.84 -2.75 15.71
CA ALA D 285 -34.82 -2.65 14.69
C ALA D 285 -33.96 -3.88 14.83
N THR D 286 -32.96 -4.01 13.96
CA THR D 286 -32.03 -5.14 13.97
C THR D 286 -30.61 -4.59 13.99
N VAL D 287 -29.85 -4.88 15.04
CA VAL D 287 -28.49 -4.36 15.13
C VAL D 287 -27.40 -5.30 14.62
N HIS D 288 -26.41 -4.74 13.94
CA HIS D 288 -25.32 -5.51 13.39
C HIS D 288 -23.99 -4.88 13.75
N ARG D 289 -23.15 -5.62 14.46
CA ARG D 289 -21.84 -5.09 14.82
C ARG D 289 -20.96 -5.35 13.60
N ILE D 290 -20.47 -4.32 12.94
CA ILE D 290 -19.61 -4.56 11.77
C ILE D 290 -18.29 -5.14 12.27
N LEU D 291 -17.93 -6.30 11.72
CA LEU D 291 -16.73 -7.02 12.15
C LEU D 291 -15.45 -6.22 12.27
N GLY D 292 -14.75 -6.03 11.17
CA GLY D 292 -13.49 -5.31 11.24
C GLY D 292 -13.54 -3.86 11.71
N GLN D 293 -14.72 -3.25 11.78
CA GLN D 293 -14.80 -1.85 12.18
C GLN D 293 -15.13 -1.52 13.64
N GLN D 294 -15.54 -2.55 14.40
CA GLN D 294 -15.86 -2.40 15.81
C GLN D 294 -16.97 -1.42 16.15
N VAL D 295 -17.89 -1.21 15.20
CA VAL D 295 -18.98 -0.29 15.44
C VAL D 295 -20.25 -0.94 14.97
N PRO D 296 -21.40 -0.45 15.45
CA PRO D 296 -22.70 -1.00 15.07
C PRO D 296 -23.52 -0.11 14.15
N TYR D 297 -24.42 -0.75 13.42
CA TYR D 297 -25.34 -0.06 12.54
C TYR D 297 -26.69 -0.75 12.78
N ALA D 298 -27.79 -0.01 12.64
CA ALA D 298 -29.12 -0.60 12.86
C ALA D 298 -29.96 -0.38 11.62
N THR D 299 -30.89 -1.29 11.36
CA THR D 299 -31.75 -1.13 10.21
C THR D 299 -33.13 -1.60 10.58
N LYS D 300 -34.13 -1.02 9.92
CA LYS D 300 -35.52 -1.36 10.18
C LYS D 300 -36.27 -0.66 9.07
N GLY D 301 -37.17 -1.38 8.42
CA GLY D 301 -37.92 -0.79 7.33
C GLY D 301 -36.99 -0.35 6.21
N ASN D 302 -37.11 0.90 5.78
CA ASN D 302 -36.26 1.41 4.71
C ASN D 302 -35.22 2.37 5.28
N GLN D 303 -34.93 2.22 6.57
CA GLN D 303 -33.95 3.07 7.23
C GLN D 303 -32.73 2.28 7.69
N TRP D 304 -31.59 2.95 7.61
CA TRP D 304 -30.30 2.36 7.96
C TRP D 304 -29.48 3.43 8.67
N VAL D 305 -29.16 3.23 9.94
CA VAL D 305 -28.35 4.22 10.65
C VAL D 305 -27.07 3.62 11.19
N GLY D 306 -25.94 4.22 10.84
CA GLY D 306 -24.68 3.73 11.36
C GLY D 306 -24.34 4.64 12.54
N TYR D 307 -24.02 4.09 13.70
CA TYR D 307 -23.73 4.93 14.87
C TYR D 307 -22.76 4.26 15.81
N ASP D 308 -22.75 4.74 17.05
CA ASP D 308 -21.93 4.22 18.14
C ASP D 308 -22.80 3.96 19.36
N ASP D 309 -22.39 2.98 20.18
CA ASP D 309 -23.09 2.63 21.41
C ASP D 309 -22.02 2.51 22.48
N GLN D 310 -22.41 2.07 23.68
CA GLN D 310 -21.45 1.96 24.77
C GLN D 310 -20.31 1.02 24.42
N GLU D 311 -20.65 -0.12 23.83
CA GLU D 311 -19.65 -1.10 23.48
C GLU D 311 -18.64 -0.55 22.48
N SER D 312 -19.11 0.17 21.47
CA SER D 312 -18.21 0.73 20.48
C SER D 312 -17.41 1.93 20.98
N VAL D 313 -17.99 2.80 21.82
CA VAL D 313 -17.21 3.95 22.30
C VAL D 313 -16.13 3.45 23.23
N LYS D 314 -16.45 2.38 23.96
CA LYS D 314 -15.52 1.75 24.88
C LYS D 314 -14.35 1.19 24.08
N SER D 315 -14.67 0.46 23.01
CA SER D 315 -13.63 -0.11 22.16
C SER D 315 -12.79 1.07 21.72
N LYS D 316 -13.45 2.11 21.21
CA LYS D 316 -12.76 3.29 20.74
C LYS D 316 -11.82 3.94 21.77
N VAL D 317 -12.22 3.95 23.04
CA VAL D 317 -11.39 4.55 24.07
C VAL D 317 -10.17 3.68 24.33
N GLN D 318 -10.38 2.37 24.38
CA GLN D 318 -9.25 1.47 24.59
C GLN D 318 -8.25 1.69 23.47
N TYR D 319 -8.76 1.96 22.27
CA TYR D 319 -7.88 2.20 21.16
C TYR D 319 -6.98 3.39 21.42
N LEU D 320 -7.56 4.54 21.78
CA LEU D 320 -6.77 5.75 22.01
C LEU D 320 -5.80 5.61 23.18
N LYS D 321 -6.26 5.05 24.30
CA LYS D 321 -5.38 4.86 25.45
C LYS D 321 -4.13 4.15 24.96
N ASP D 322 -4.32 3.08 24.18
CA ASP D 322 -3.19 2.34 23.62
C ASP D 322 -2.24 3.32 23.00
N ARG D 323 -2.66 3.98 21.92
CA ARG D 323 -1.80 4.98 21.27
C ARG D 323 -1.40 6.07 22.27
N GLN D 324 -1.89 5.94 23.50
CA GLN D 324 -1.58 6.89 24.55
C GLN D 324 -1.83 8.30 24.06
N LEU D 325 -3.05 8.56 23.62
CA LEU D 325 -3.43 9.87 23.12
C LEU D 325 -3.86 10.76 24.28
N ALA D 326 -4.05 12.06 24.01
CA ALA D 326 -4.47 13.00 25.04
C ALA D 326 -5.84 12.68 25.66
N GLY D 327 -6.70 11.99 24.91
CA GLY D 327 -8.03 11.65 25.40
C GLY D 327 -9.09 11.68 24.31
N ALA D 328 -10.36 11.61 24.71
CA ALA D 328 -11.46 11.61 23.73
C ALA D 328 -12.15 12.97 23.65
N MET D 329 -12.77 13.23 22.50
CA MET D 329 -13.54 14.45 22.27
C MET D 329 -14.90 13.97 21.82
N VAL D 330 -15.96 14.58 22.34
CA VAL D 330 -17.30 14.16 22.01
C VAL D 330 -18.06 15.22 21.30
N TRP D 331 -19.02 14.81 20.49
CA TRP D 331 -19.87 15.73 19.78
C TRP D 331 -21.26 15.08 19.69
N ALA D 332 -22.23 15.58 20.46
CA ALA D 332 -22.02 16.67 21.42
C ALA D 332 -22.95 16.33 22.58
N LEU D 333 -22.57 16.77 23.78
CA LEU D 333 -23.36 16.50 24.97
C LEU D 333 -24.83 16.43 24.66
N ASP D 334 -25.30 17.41 23.90
CA ASP D 334 -26.72 17.48 23.53
C ASP D 334 -27.23 16.46 22.51
N LEU D 335 -26.38 15.52 22.09
CA LEU D 335 -26.79 14.50 21.11
C LEU D 335 -26.84 13.12 21.76
N ASP D 336 -26.16 13.02 22.90
CA ASP D 336 -26.12 11.82 23.70
C ASP D 336 -27.48 11.79 24.39
N ASP D 337 -27.77 10.78 25.19
CA ASP D 337 -29.06 10.77 25.87
C ASP D 337 -28.90 11.57 27.15
N PHE D 338 -28.74 12.90 27.00
CA PHE D 338 -28.54 13.82 28.13
C PHE D 338 -29.69 13.83 29.15
N GLN D 339 -30.92 13.64 28.66
CA GLN D 339 -32.10 13.56 29.53
C GLN D 339 -31.86 12.38 30.47
N GLY D 340 -31.69 11.21 29.85
CA GLY D 340 -31.47 10.00 30.59
C GLY D 340 -32.70 9.15 30.38
N SER D 341 -33.71 9.77 29.79
CA SER D 341 -34.97 9.10 29.54
C SER D 341 -34.96 8.10 28.40
N PHE D 342 -34.97 8.62 27.17
CA PHE D 342 -35.03 7.81 25.94
C PHE D 342 -34.40 6.41 25.91
N CYS D 343 -33.13 6.30 26.29
CA CYS D 343 -32.46 5.00 26.27
C CYS D 343 -32.74 4.18 27.52
N GLY D 344 -33.68 4.68 28.32
CA GLY D 344 -34.08 4.01 29.54
C GLY D 344 -33.06 4.06 30.66
N GLN D 345 -33.25 3.19 31.65
CA GLN D 345 -32.37 3.09 32.81
C GLN D 345 -32.41 4.30 33.74
N ASP D 346 -32.89 5.43 33.24
CA ASP D 346 -33.00 6.67 34.01
C ASP D 346 -31.67 7.41 34.22
N LEU D 347 -30.56 6.75 33.93
CA LEU D 347 -29.25 7.39 34.08
C LEU D 347 -29.00 8.14 32.78
N ARG D 348 -28.34 9.28 32.86
CA ARG D 348 -28.09 10.10 31.67
C ARG D 348 -26.66 10.14 31.12
N PHE D 349 -26.56 10.60 29.88
CA PHE D 349 -25.29 10.73 29.17
C PHE D 349 -24.58 9.40 29.05
N PRO D 350 -25.31 8.35 28.62
CA PRO D 350 -24.77 6.99 28.46
C PRO D 350 -23.49 6.87 27.65
N LEU D 351 -23.51 7.30 26.41
CA LEU D 351 -22.33 7.18 25.60
C LEU D 351 -21.17 7.96 26.18
N THR D 352 -21.42 9.12 26.78
CA THR D 352 -20.33 9.92 27.33
C THR D 352 -19.85 9.37 28.66
N ASN D 353 -20.73 8.66 29.35
CA ASN D 353 -20.36 8.08 30.63
C ASN D 353 -19.57 6.80 30.38
N ALA D 354 -19.82 6.16 29.25
CA ALA D 354 -19.09 4.95 28.89
C ALA D 354 -17.66 5.42 28.58
N ILE D 355 -17.58 6.50 27.81
CA ILE D 355 -16.32 7.11 27.41
C ILE D 355 -15.58 7.54 28.67
N LYS D 356 -16.30 8.16 29.60
CA LYS D 356 -15.71 8.63 30.85
C LYS D 356 -15.08 7.51 31.70
N ASP D 357 -15.80 6.41 31.87
CA ASP D 357 -15.33 5.30 32.66
C ASP D 357 -14.14 4.59 32.01
N ALA D 358 -14.31 4.22 30.74
CA ALA D 358 -13.26 3.54 29.98
C ALA D 358 -11.94 4.31 30.02
N LEU D 359 -12.00 5.63 30.13
CA LEU D 359 -10.80 6.44 30.17
C LEU D 359 -10.07 6.27 31.48
N ALA D 360 -10.82 6.02 32.55
CA ALA D 360 -10.22 5.86 33.85
C ALA D 360 -10.39 4.43 34.34
N ALA D 361 -9.49 3.54 33.91
CA ALA D 361 -9.54 2.13 34.31
C ALA D 361 -8.69 1.24 33.42
N THR D 362 -7.84 0.43 34.04
CA THR D 362 -6.99 -0.54 33.33
C THR D 362 -6.65 -1.69 34.27
C1 NAG E . 8.65 -41.69 13.46
C2 NAG E . 8.87 -42.63 12.29
C3 NAG E . 8.14 -43.93 12.58
C4 NAG E . 8.63 -44.54 13.91
C5 NAG E . 8.69 -43.50 15.05
C6 NAG E . 9.55 -44.00 16.20
C7 NAG E . 9.03 -42.30 9.91
C8 NAG E . 10.48 -41.89 9.77
N2 NAG E . 8.41 -42.03 11.05
O1 NAG E . 9.23 -40.45 13.20
O3 NAG E . 8.34 -44.86 11.53
O4 NAG E . 7.70 -45.59 14.29
O5 NAG E . 9.29 -42.25 14.62
O6 NAG E . 8.90 -43.80 17.45
O7 NAG E . 8.47 -42.88 8.97
C1 NAG E . 8.19 -46.89 14.42
C2 NAG E . 7.07 -47.78 14.98
C3 NAG E . 7.44 -49.25 14.97
C4 NAG E . 7.93 -49.68 13.58
C5 NAG E . 9.06 -48.73 13.15
C6 NAG E . 9.60 -49.05 11.76
C7 NAG E . 5.69 -46.60 16.56
C8 NAG E . 5.92 -45.34 17.38
N2 NAG E . 6.75 -47.37 16.33
O3 NAG E . 6.29 -50.01 15.31
O4 NAG E . 8.42 -51.03 13.64
O5 NAG E . 8.60 -47.37 13.13
O6 NAG E . 8.60 -48.85 10.77
O7 NAG E . 4.57 -46.85 16.12
C1 NAG E . 7.53 -52.06 13.35
C2 NAG E . 8.33 -53.29 12.88
C3 NAG E . 7.45 -54.55 12.80
C4 NAG E . 6.60 -54.73 14.06
C5 NAG E . 5.86 -53.45 14.39
C6 NAG E . 5.07 -53.56 15.67
C7 NAG E . 10.11 -52.49 11.47
C8 NAG E . 10.39 -51.67 10.22
N2 NAG E . 8.91 -53.03 11.57
O3 NAG E . 8.27 -55.69 12.60
O4 NAG E . 5.66 -55.79 13.87
O5 NAG E . 6.80 -52.36 14.55
O6 NAG E . 4.07 -54.58 15.59
O7 NAG E . 11.00 -52.62 12.32
C1 NAG F . 5.52 -17.52 4.54
C2 NAG F . 4.21 -18.07 4.03
C3 NAG F . 3.87 -19.37 4.75
C4 NAG F . 5.08 -20.35 4.85
C5 NAG F . 6.45 -19.66 5.06
C6 NAG F . 7.60 -20.55 4.66
C7 NAG F . 2.81 -16.23 3.30
C8 NAG F . 1.77 -15.18 3.67
N2 NAG F . 3.16 -17.10 4.26
O1 NAG F . 5.81 -16.35 3.89
O3 NAG F . 2.80 -20.01 4.06
O4 NAG F . 4.86 -21.25 5.95
O5 NAG F . 6.56 -18.46 4.26
O6 NAG F . 8.21 -21.14 5.80
O7 NAG F . 3.28 -16.27 2.16
C1 NAG F . 4.35 -22.49 5.66
C2 NAG F . 4.65 -23.43 6.82
C3 NAG F . 4.04 -24.81 6.55
C4 NAG F . 2.54 -24.69 6.21
C5 NAG F . 2.30 -23.62 5.12
C6 NAG F . 0.84 -23.31 4.89
C7 NAG F . 6.59 -23.73 8.17
C8 NAG F . 7.25 -25.08 8.44
N2 NAG F . 6.08 -23.54 6.96
O3 NAG F . 4.21 -25.64 7.69
O4 NAG F . 2.08 -25.98 5.75
O5 NAG F . 2.93 -22.37 5.49
O6 NAG F . 0.65 -22.50 3.73
O7 NAG F . 6.54 -22.87 9.04
C1 NAG F . 0.71 -26.27 5.76
C2 NAG F . 0.50 -27.79 5.56
C3 NAG F . 1.22 -28.57 6.64
C4 NAG F . 1.54 -27.67 7.86
C5 NAG F . 0.39 -26.67 8.14
C6 NAG F . 0.71 -25.74 9.30
C7 NAG F . -1.54 -28.37 4.37
C8 NAG F . -3.06 -28.43 4.43
N2 NAG F . -0.91 -28.14 5.54
O3 NAG F . 2.43 -29.08 6.09
O4 NAG F . 1.76 -28.48 9.04
O5 NAG F . 0.13 -25.81 6.99
O6 NAG F . 2.11 -25.50 9.42
O7 NAG F . -0.96 -28.51 3.29
C1 NAG F . 3.04 -28.93 9.27
C2 NAG F . 3.20 -29.28 10.75
C3 NAG F . 4.61 -29.87 11.00
C4 NAG F . 4.98 -30.97 9.99
C5 NAG F . 4.63 -30.58 8.54
C6 NAG F . 4.72 -31.78 7.59
C7 NAG F . 1.82 -27.89 12.19
C8 NAG F . 1.68 -26.55 12.92
N2 NAG F . 2.99 -28.09 11.57
O3 NAG F . 4.68 -30.39 12.32
O4 NAG F . 6.37 -31.26 10.05
O5 NAG F . 3.27 -30.09 8.47
O6 NAG F . 4.19 -31.49 6.30
O7 NAG F . 0.89 -28.70 12.20
C1 NAG G . -22.17 20.28 -32.71
C2 NAG G . -23.50 19.59 -32.98
C3 NAG G . -23.70 19.42 -34.48
C4 NAG G . -23.55 20.77 -35.20
C5 NAG G . -22.28 21.53 -34.76
C6 NAG G . -22.29 22.98 -35.23
C7 NAG G . -24.70 17.71 -32.03
C8 NAG G . -25.57 18.31 -30.93
N2 NAG G . -23.54 18.30 -32.30
O1 NAG G . -21.94 20.43 -31.35
O3 NAG G . -24.99 18.89 -34.76
O4 NAG G . -23.51 20.55 -36.63
O5 NAG G . -22.19 21.59 -33.31
O6 NAG G . -21.32 23.76 -34.56
O7 NAG G . -25.09 16.71 -32.63
C1 NAG G . -24.52 21.14 -37.38
C2 NAG G . -24.07 21.23 -38.85
C3 NAG G . -25.25 21.64 -39.77
C4 NAG G . -26.44 20.72 -39.52
C5 NAG G . -26.81 20.82 -38.04
C6 NAG G . -28.05 20.02 -37.64
C7 NAG G . -21.88 21.89 -39.62
C8 NAG G . -21.77 22.42 -41.05
N2 NAG G . -22.99 22.20 -38.96
O3 NAG G . -24.86 21.57 -41.13
O4 NAG G . -27.56 21.11 -40.35
O5 NAG G . -25.71 20.33 -37.24
O6 NAG G . -27.91 18.66 -38.01
O7 NAG G . -20.99 21.21 -39.14
C1 NAG G . -27.77 20.34 -41.50
C2 NAG G . -29.27 20.24 -41.80
C3 NAG G . -29.50 19.48 -43.11
C4 NAG G . -28.65 20.07 -44.25
C5 NAG G . -27.18 20.22 -43.80
C6 NAG G . -26.31 20.94 -44.83
C7 NAG G . -31.12 19.98 -40.25
C8 NAG G . -32.37 19.19 -40.61
N2 NAG G . -29.96 19.54 -40.72
O3 NAG G . -30.87 19.54 -43.48
O4 NAG G . -28.72 19.20 -45.41
O5 NAG G . -27.09 20.98 -42.58
O6 NAG G . -26.33 20.27 -46.09
O7 NAG G . -31.22 20.98 -39.54
C1 NAG H . -11.24 9.81 -11.96
C2 NAG H . -10.70 8.71 -12.87
C3 NAG H . -10.72 9.18 -14.32
C4 NAG H . -12.08 9.76 -14.71
C5 NAG H . -12.60 10.75 -13.66
C6 NAG H . -14.04 11.18 -13.93
C7 NAG H . -9.06 7.10 -12.14
C8 NAG H . -7.57 6.77 -12.01
N2 NAG H . -9.35 8.35 -12.48
O1 NAG H . -11.29 9.35 -10.65
O3 NAG H . -10.39 8.09 -15.17
O4 NAG H . -11.95 10.46 -15.96
O5 NAG H . -12.57 10.16 -12.35
O6 NAG H . -14.63 11.78 -12.78
O7 NAG H . -9.91 6.23 -11.91
C1 NAG H . -12.61 9.95 -17.06
C2 NAG H . -12.71 11.05 -18.10
C3 NAG H . -13.30 10.51 -19.37
C4 NAG H . -12.47 9.34 -19.89
C5 NAG H . -12.31 8.27 -18.77
C6 NAG H . -11.32 7.17 -19.14
C7 NAG H . -13.06 13.36 -17.56
C8 NAG H . -14.07 14.49 -17.44
N2 NAG H . -13.53 12.13 -17.60
O3 NAG H . -13.34 11.54 -20.35
O4 NAG H . -13.16 8.78 -21.02
O5 NAG H . -11.81 8.87 -17.55
O6 NAG H . -10.55 6.76 -18.01
O7 NAG H . -11.86 13.61 -17.64
C1 NAG H . -12.43 8.26 -22.09
C2 NAG H . -13.30 8.21 -23.35
C3 NAG H . -13.68 9.63 -23.84
C4 NAG H . -12.66 10.68 -23.36
C5 NAG H . -11.25 10.05 -23.27
C6 NAG H . -10.14 11.07 -22.93
C7 NAG H . -12.77 6.16 -24.47
C8 NAG H . -11.64 5.35 -25.08
N2 NAG H . -12.64 7.47 -24.42
O3 NAG H . -14.97 9.97 -23.35
O4 NAG H . -12.64 11.80 -24.26
O5 NAG H . -11.19 9.01 -22.26
O6 NAG H . -10.41 11.76 -21.71
O7 NAG H . -13.78 5.57 -24.05
C1 NAG H . -13.53 12.84 -23.97
C2 NAG H . -13.04 14.12 -24.62
C3 NAG H . -14.06 15.25 -24.42
C4 NAG H . -15.47 14.79 -24.85
C5 NAG H . -15.84 13.45 -24.21
C6 NAG H . -17.15 12.91 -24.76
C7 NAG H . -10.63 14.29 -24.72
C8 NAG H . -9.37 14.83 -24.07
N2 NAG H . -11.76 14.48 -24.05
O3 NAG H . -13.67 16.41 -25.16
O4 NAG H . -16.43 15.78 -24.49
O5 NAG H . -14.82 12.47 -24.48
O6 NAG H . -17.21 11.49 -24.67
O7 NAG H . -10.57 13.70 -25.81
C1 NAG I . 46.41 -9.71 4.49
C2 NAG I . 47.25 -9.25 5.69
C3 NAG I . 48.34 -8.29 5.22
C4 NAG I . 49.21 -8.98 4.16
C5 NAG I . 48.30 -9.46 3.00
C6 NAG I . 49.01 -10.22 1.89
C7 NAG I . 46.82 -8.45 7.93
C8 NAG I . 46.80 -9.68 8.81
N2 NAG I . 46.40 -8.60 6.67
O1 NAG I . 45.48 -10.63 4.91
O3 NAG I . 49.15 -7.89 6.33
O4 NAG I . 50.24 -8.07 3.68
O5 NAG I . 47.25 -10.33 3.51
O6 NAG I . 50.27 -10.71 2.31
O7 NAG I . 47.21 -7.37 8.38
C1 NAG I . 51.57 -8.39 3.92
C2 NAG I . 52.51 -7.50 3.09
C3 NAG I . 53.96 -7.84 3.41
C4 NAG I . 54.21 -7.68 4.91
C5 NAG I . 53.19 -8.52 5.71
C6 NAG I . 53.29 -8.29 7.19
C7 NAG I . 52.03 -6.60 0.91
C8 NAG I . 51.16 -6.80 -0.33
N2 NAG I . 52.26 -7.66 1.67
O3 NAG I . 54.82 -6.98 2.67
O4 NAG I . 55.55 -8.09 5.23
O5 NAG I . 51.83 -8.18 5.33
O6 NAG I . 52.50 -9.24 7.90
O7 NAG I . 52.48 -5.47 1.16
C1 NAG I . 56.41 -7.07 5.63
C2 NAG I . 57.18 -7.47 6.90
C3 NAG I . 58.14 -6.33 7.28
C4 NAG I . 59.05 -5.99 6.11
C5 NAG I . 58.19 -5.66 4.89
C6 NAG I . 59.02 -5.37 3.65
C7 NAG I . 56.61 -8.52 9.01
C8 NAG I . 56.88 -7.83 10.35
N2 NAG I . 56.25 -7.74 7.99
O3 NAG I . 58.92 -6.72 8.41
O4 NAG I . 59.87 -4.85 6.45
O5 NAG I . 57.32 -6.78 4.57
O6 NAG I . 59.61 -4.09 3.73
O7 NAG I . 56.75 -9.74 8.90
C1 NAG J . 20.62 -7.47 3.35
C2 NAG J . 20.90 -6.00 3.62
C3 NAG J . 22.37 -5.68 3.28
C4 NAG J . 23.37 -6.72 3.85
C5 NAG J . 22.85 -8.17 3.79
C6 NAG J . 23.64 -9.10 4.70
C7 NAG J . 19.21 -4.27 3.40
C8 NAG J . 17.85 -4.05 2.74
N2 NAG J . 20.02 -5.16 2.82
O1 NAG J . 19.30 -7.78 3.64
O3 NAG J . 22.71 -4.40 3.79
O4 NAG J . 24.57 -6.66 3.06
O5 NAG J . 21.46 -8.26 4.19
O6 NAG J . 23.67 -10.43 4.19
O7 NAG J . 19.51 -3.64 4.42
C1 NAG J . 25.67 -5.97 3.56
C2 NAG J . 26.88 -6.39 2.75
C3 NAG J . 28.11 -5.63 3.23
C4 NAG J . 27.85 -4.13 3.11
C5 NAG J . 26.54 -3.72 3.83
C6 NAG J . 26.14 -2.27 3.50
C7 NAG J . 27.39 -8.55 1.83
C8 NAG J . 28.87 -8.80 1.52
N2 NAG J . 27.11 -7.83 2.90
O3 NAG J . 29.25 -5.99 2.45
O4 NAG J . 28.99 -3.45 3.67
O5 NAG J . 25.43 -4.56 3.40
O6 NAG J . 25.05 -1.80 4.29
O7 NAG J . 26.52 -9.02 1.09
C1 NAG J . 29.24 -2.15 3.26
C2 NAG J . 30.54 -1.64 3.89
C3 NAG J . 31.75 -2.47 3.42
C4 NAG J . 31.45 -3.33 2.18
C5 NAG J . 30.52 -2.57 1.21
C6 NAG J . 30.11 -3.43 0.03
C7 NAG J . 30.65 0.68 4.59
C8 NAG J . 31.15 2.09 4.31
N2 NAG J . 30.71 -0.22 3.61
O3 NAG J . 32.17 -3.33 4.47
O4 NAG J . 32.69 -3.66 1.50
O5 NAG J . 29.28 -2.11 1.82
O6 NAG J . 28.96 -4.20 0.32
O7 NAG J . 30.22 0.41 5.73
C1 NAG J . 33.26 -4.90 1.72
C2 NAG J . 34.27 -5.23 0.62
C3 NAG J . 34.97 -6.57 0.90
C4 NAG J . 35.53 -6.63 2.33
C5 NAG J . 34.50 -6.13 3.37
C6 NAG J . 35.12 -5.92 4.74
C7 NAG J . 33.49 -4.19 -1.39
C8 NAG J . 32.25 -4.08 -2.25
N2 NAG J . 33.63 -5.30 -0.67
O3 NAG J . 36.04 -6.73 -0.03
O4 NAG J . 35.88 -7.98 2.63
O5 NAG J . 33.95 -4.84 2.98
O6 NAG J . 34.68 -4.71 5.34
O7 NAG J . 34.31 -3.28 -1.36
C1 NAG K . -33.22 30.20 15.20
C2 NAG K . -32.63 31.61 15.33
C3 NAG K . -32.86 32.03 16.77
C4 NAG K . -34.37 32.10 17.04
C5 NAG K . -35.08 30.76 16.64
C6 NAG K . -36.59 30.91 16.52
C7 NAG K . -30.70 32.81 14.58
C8 NAG K . -31.24 33.43 13.29
N2 NAG K . -31.23 31.65 14.97
O1 NAG K . -32.94 29.70 13.93
O3 NAG K . -32.26 33.30 17.01
O4 NAG K . -34.58 32.38 18.44
O5 NAG K . -34.65 30.28 15.34
O6 NAG K . -37.19 31.18 17.79
O7 NAG K . -29.77 33.36 15.18
C1 NAG K . -35.44 33.42 18.78
C2 NAG K . -35.96 33.18 20.21
C3 NAG K . -36.85 34.36 20.64
C4 NAG K . -36.10 35.69 20.48
C5 NAG K . -35.50 35.81 19.07
C6 NAG K . -34.60 37.02 18.94
C7 NAG K . -37.21 31.50 21.39
C8 NAG K . -38.73 31.67 21.56
N2 NAG K . -36.70 31.93 20.25
O3 NAG K . -37.24 34.19 22.01
O4 NAG K . -37.02 36.78 20.70
O5 NAG K . -34.70 34.65 18.74
O6 NAG K . -33.94 37.03 17.68
O7 NAG K . -36.53 31.02 22.31
C1 NAG K . -36.82 37.56 21.83
C2 NAG K . -37.02 39.05 21.50
C3 NAG K . -36.96 39.93 22.77
C4 NAG K . -37.82 39.35 23.91
C5 NAG K . -37.54 37.85 24.08
C6 NAG K . -38.44 37.19 25.11
C7 NAG K . -36.20 40.39 19.66
C8 NAG K . -35.60 41.78 19.89
N2 NAG K . -35.97 39.47 20.59
O3 NAG K . -37.43 41.23 22.45
O4 NAG K . -37.50 40.05 25.13
O5 NAG K . -37.76 37.16 22.84
O6 NAG K . -38.07 37.60 26.43
O7 NAG K . -36.85 40.17 18.65
C1 NAG L . -16.74 15.24 3.06
C2 NAG L . -15.81 15.17 4.27
C3 NAG L . -16.60 15.45 5.56
C4 NAG L . -17.51 16.70 5.44
C5 NAG L . -18.29 16.70 4.12
C6 NAG L . -19.01 18.02 3.90
C7 NAG L . -13.98 13.67 4.86
C8 NAG L . -13.69 12.31 5.48
N2 NAG L . -15.20 13.85 4.34
O1 NAG L . -16.01 15.08 1.89
O3 NAG L . -15.69 15.61 6.64
O4 NAG L . -18.49 16.70 6.51
O5 NAG L . -17.39 16.52 3.01
O6 NAG L . -20.34 17.80 3.45
O7 NAG L . -13.10 14.54 4.84
C1 NAG L . -18.45 17.73 7.44
C2 NAG L . -19.85 17.86 8.05
C3 NAG L . -19.86 18.85 9.20
C4 NAG L . -18.78 18.48 10.23
C5 NAG L . -17.41 18.32 9.54
C6 NAG L . -16.32 17.82 10.47
C7 NAG L . -22.07 17.88 7.12
C8 NAG L . -23.09 18.93 7.55
N2 NAG L . -20.80 18.27 7.04
O3 NAG L . -21.15 18.87 9.80
O4 NAG L . -18.73 19.53 11.23
O5 NAG L . -17.50 17.36 8.46
O6 NAG L . -15.28 17.16 9.74
O7 NAG L . -22.43 16.72 6.89
C1 NAG L . -18.25 19.27 12.50
C2 NAG L . -18.42 20.52 13.36
C3 NAG L . -19.89 20.92 13.51
C4 NAG L . -20.83 19.77 13.11
C5 NAG L . -20.26 18.41 13.60
C6 NAG L . -21.15 17.22 13.25
C7 NAG L . -16.65 21.06 14.93
C8 NAG L . -16.04 20.95 16.32
N2 NAG L . -17.78 20.39 14.67
O3 NAG L . -20.14 22.05 12.69
O4 NAG L . -22.16 19.98 13.68
O5 NAG L . -18.95 18.13 13.06
O6 NAG L . -21.34 17.09 11.84
O7 NAG L . -16.09 21.77 14.08
C1 NAG L . -23.11 20.61 12.89
C2 NAG L . -24.52 20.11 13.24
C3 NAG L . -25.58 20.87 12.42
C4 NAG L . -25.39 22.39 12.57
C5 NAG L . -23.93 22.78 12.29
C6 NAG L . -23.64 24.26 12.54
C7 NAG L . -24.46 17.78 13.94
C8 NAG L . -24.48 16.32 13.52
N2 NAG L . -24.64 18.68 12.97
O3 NAG L . -26.88 20.50 12.86
O4 NAG L . -26.25 23.09 11.68
O5 NAG L . -23.03 22.02 13.13
O6 NAG L . -22.37 24.65 12.02
O7 NAG L . -24.28 18.09 15.12
C1 NAG M . 8.90 -41.05 -1.01
C2 NAG M . 9.87 -41.68 0.00
C3 NAG M . 11.32 -41.36 -0.41
C4 NAG M . 11.58 -41.89 -1.81
C5 NAG M . 10.51 -41.43 -2.82
C6 NAG M . 10.60 -42.23 -4.11
C7 NAG M . 8.91 -41.97 2.17
C8 NAG M . 9.11 -41.74 3.67
N2 NAG M . 9.60 -41.20 1.34
O3 NAG M . 12.24 -41.97 0.49
O4 NAG M . 12.87 -41.44 -2.24
O5 NAG M . 9.15 -41.65 -2.31
O6 NAG M . 10.06 -41.54 -5.23
O7 NAG M . 8.14 -42.86 1.78
S SO4 N . -2.45 -4.46 -4.17
O1 SO4 N . -2.07 -3.21 -4.83
O2 SO4 N . -2.91 -5.43 -5.20
O3 SO4 N . -1.26 -5.00 -3.48
O4 SO4 N . -3.54 -4.24 -3.19
S SO4 O . -1.41 -45.50 -20.23
O1 SO4 O . -1.15 -44.52 -21.32
O2 SO4 O . -0.94 -46.84 -20.64
O3 SO4 O . -0.66 -45.09 -19.03
O4 SO4 O . -2.86 -45.55 -19.96
S SO4 P . 5.74 -14.06 6.74
O1 SO4 P . 4.57 -13.53 6.02
O2 SO4 P . 5.44 -15.42 7.25
O3 SO4 P . 6.90 -14.13 5.83
O4 SO4 P . 6.06 -13.17 7.88
C1 NAG Q . -29.36 9.14 -27.92
C2 NAG Q . -29.79 10.57 -28.31
C3 NAG Q . -30.68 11.18 -27.20
C4 NAG Q . -31.85 10.27 -26.86
C5 NAG Q . -31.33 8.85 -26.55
C6 NAG Q . -32.48 7.88 -26.33
C7 NAG Q . -28.33 11.77 -29.80
C8 NAG Q . -27.66 13.13 -29.97
N2 NAG Q . -28.62 11.38 -28.56
O3 NAG Q . -31.19 12.44 -27.64
O4 NAG Q . -32.56 10.79 -25.71
O5 NAG Q . -30.54 8.35 -27.66
O6 NAG Q . -32.98 7.39 -27.57
O7 NAG Q . -28.57 11.07 -30.80
S SO4 R . -0.56 3.71 -0.91
O1 SO4 R . -1.47 4.13 0.18
O2 SO4 R . -1.18 4.05 -2.21
O3 SO4 R . 0.74 4.41 -0.77
O4 SO4 R . -0.33 2.25 -0.83
S SO4 S . -35.45 -12.07 -30.93
O1 SO4 S . -36.79 -12.17 -30.32
O2 SO4 S . -35.52 -12.39 -32.37
O3 SO4 S . -34.95 -10.70 -30.76
O4 SO4 S . -34.54 -13.04 -30.28
S SO4 T . -7.59 10.87 -9.49
O1 SO4 T . -8.72 10.94 -8.55
O2 SO4 T . -8.12 10.96 -10.87
O3 SO4 T . -6.66 11.99 -9.25
O4 SO4 T . -6.86 9.59 -9.29
C1 NAG U . 42.46 -5.46 16.26
C2 NAG U . 41.73 -6.76 16.68
C3 NAG U . 42.56 -8.00 16.29
C4 NAG U . 42.94 -7.94 14.80
C5 NAG U . 43.72 -6.64 14.58
C6 NAG U . 44.21 -6.47 13.15
C7 NAG U . 42.12 -7.53 18.95
C8 NAG U . 43.12 -6.83 19.86
N2 NAG U . 41.44 -6.76 18.10
O3 NAG U . 41.83 -9.19 16.57
O4 NAG U . 43.73 -9.09 14.44
O5 NAG U . 42.88 -5.51 14.88
O6 NAG U . 45.58 -6.09 13.13
O7 NAG U . 41.98 -8.76 19.02
S SO4 V . 3.61 -3.57 -3.10
O1 SO4 V . 2.33 -2.99 -3.57
O2 SO4 V . 4.10 -4.53 -4.10
O3 SO4 V . 4.60 -2.50 -2.90
O4 SO4 V . 3.40 -4.27 -1.81
S SO4 W . 5.33 3.97 3.23
O1 SO4 W . 3.92 4.28 3.55
O2 SO4 W . 5.39 3.29 1.93
O3 SO4 W . 6.10 5.23 3.15
O4 SO4 W . 5.90 3.10 4.28
S SO4 X . 39.00 9.56 32.38
O1 SO4 X . 37.62 9.83 32.80
O2 SO4 X . 39.00 8.66 31.20
O3 SO4 X . 39.67 10.84 32.02
O4 SO4 X . 39.75 8.90 33.47
C1 NAG Y . -21.87 37.10 12.17
C2 NAG Y . -23.37 37.39 12.31
C3 NAG Y . -23.98 37.86 10.97
C4 NAG Y . -23.11 38.95 10.29
C5 NAG Y . -21.64 38.53 10.27
C6 NAG Y . -20.71 39.60 9.70
C7 NAG Y . -25.19 36.25 13.42
C8 NAG Y . -26.42 35.66 12.74
N2 NAG Y . -24.04 36.18 12.74
O3 NAG Y . -25.28 38.37 11.19
O4 NAG Y . -23.58 39.17 8.94
O5 NAG Y . -21.19 38.24 11.61
O6 NAG Y . -20.87 40.85 10.37
O7 NAG Y . -25.29 36.73 14.54
S SO4 Z . -5.64 -0.43 -0.62
O1 SO4 Z . -4.92 0.62 -1.35
O2 SO4 Z . -5.64 -1.67 -1.43
O3 SO4 Z . -4.94 -0.68 0.66
O4 SO4 Z . -7.03 -0.01 -0.38
S SO4 AA . -17.28 10.97 2.22
O1 SO4 AA . -17.20 11.70 0.94
O2 SO4 AA . -18.06 9.75 2.02
O3 SO4 AA . -15.92 10.60 2.66
O4 SO4 AA . -17.93 11.83 3.24
S SO4 BA . -2.96 47.07 18.55
O1 SO4 BA . -2.48 47.54 17.23
O2 SO4 BA . -2.98 45.60 18.57
O3 SO4 BA . -2.06 47.54 19.63
O4 SO4 BA . -4.34 47.56 18.78
#